data_1FXL
# 
_entry.id   1FXL 
# 
_audit_conform.dict_name       mmcif_pdbx.dic 
_audit_conform.dict_version    5.385 
_audit_conform.dict_location   http://mmcif.pdb.org/dictionaries/ascii/mmcif_pdbx.dic 
# 
loop_
_database_2.database_id 
_database_2.database_code 
_database_2.pdbx_database_accession 
_database_2.pdbx_DOI 
PDB   1FXL         pdb_00001fxl 10.2210/pdb1fxl/pdb 
NDB   PR0033       ?            ?                   
RCSB  RCSB011988   ?            ?                   
WWPDB D_1000011988 ?            ?                   
# 
loop_
_pdbx_audit_revision_history.ordinal 
_pdbx_audit_revision_history.data_content_type 
_pdbx_audit_revision_history.major_revision 
_pdbx_audit_revision_history.minor_revision 
_pdbx_audit_revision_history.revision_date 
1 'Structure model' 1 0 2001-02-05 
2 'Structure model' 1 1 2008-04-27 
3 'Structure model' 1 2 2011-07-13 
4 'Structure model' 1 3 2024-02-07 
# 
_pdbx_audit_revision_details.ordinal             1 
_pdbx_audit_revision_details.revision_ordinal    1 
_pdbx_audit_revision_details.data_content_type   'Structure model' 
_pdbx_audit_revision_details.provider            repository 
_pdbx_audit_revision_details.type                'Initial release' 
_pdbx_audit_revision_details.description         ? 
_pdbx_audit_revision_details.details             ? 
# 
loop_
_pdbx_audit_revision_group.ordinal 
_pdbx_audit_revision_group.revision_ordinal 
_pdbx_audit_revision_group.data_content_type 
_pdbx_audit_revision_group.group 
1 2 'Structure model' 'Version format compliance' 
2 3 'Structure model' 'Version format compliance' 
3 4 'Structure model' 'Data collection'           
4 4 'Structure model' 'Database references'       
# 
loop_
_pdbx_audit_revision_category.ordinal 
_pdbx_audit_revision_category.revision_ordinal 
_pdbx_audit_revision_category.data_content_type 
_pdbx_audit_revision_category.category 
1 4 'Structure model' chem_comp_atom 
2 4 'Structure model' chem_comp_bond 
3 4 'Structure model' database_2     
# 
loop_
_pdbx_audit_revision_item.ordinal 
_pdbx_audit_revision_item.revision_ordinal 
_pdbx_audit_revision_item.data_content_type 
_pdbx_audit_revision_item.item 
1 4 'Structure model' '_database_2.pdbx_DOI'                
2 4 'Structure model' '_database_2.pdbx_database_accession' 
# 
_pdbx_database_status.status_code                     REL 
_pdbx_database_status.entry_id                        1FXL 
_pdbx_database_status.recvd_initial_deposition_date   2000-09-26 
_pdbx_database_status.deposit_site                    NDB 
_pdbx_database_status.process_site                    NDB 
_pdbx_database_status.status_code_sf                  REL 
_pdbx_database_status.SG_entry                        . 
_pdbx_database_status.pdb_format_compatible           Y 
_pdbx_database_status.status_code_mr                  ? 
_pdbx_database_status.status_code_cs                  ? 
_pdbx_database_status.status_code_nmr_data            ? 
_pdbx_database_status.methods_development_category    ? 
# 
loop_
_audit_author.name 
_audit_author.pdbx_ordinal 
'Wang, X.'     1 
'Hall, T.M.T.' 2 
# 
_citation.id                        primary 
_citation.title                     'Structural basis for recognition of AU-rich element RNA by the HuD protein.' 
_citation.journal_abbrev            Nat.Struct.Biol. 
_citation.journal_volume            8 
_citation.page_first                141 
_citation.page_last                 145 
_citation.year                      2001 
_citation.journal_id_ASTM           NSBIEW 
_citation.country                   US 
_citation.journal_id_ISSN           1072-8368 
_citation.journal_id_CSD            2024 
_citation.book_publisher            ? 
_citation.pdbx_database_id_PubMed   11175903 
_citation.pdbx_database_id_DOI      10.1038/84131 
# 
loop_
_citation_author.citation_id 
_citation_author.name 
_citation_author.ordinal 
_citation_author.identifier_ORCID 
primary 'Wang, X.'          1 ? 
primary 'Tanaka Hall, T.M.' 2 ? 
# 
loop_
_entity.id 
_entity.type 
_entity.src_method 
_entity.pdbx_description 
_entity.formula_weight 
_entity.pdbx_number_of_molecules 
_entity.pdbx_ec 
_entity.pdbx_mutation 
_entity.pdbx_fragment 
_entity.details 
1 polymer syn "5'-R(P*UP*UP*UP*UP*AP*UP*UP*UP*U)-3'"         2733.574  1   ? ? 'FRAGMENT OF THE C-FOS AU-RICH ELEMENT' ? 
2 polymer man 'PARANEOPLASTIC ENCEPHALOMYELITIS ANTIGEN HUD' 18547.186 1   ? ? 'N-TERMINAL TWO RRM-DOMAINS'            ? 
3 water   nat water                                          18.015    219 ? ? ?                                       ? 
# 
_entity_name_com.entity_id   2 
_entity_name_com.name        'HUD, HU-ANTIGEN D' 
# 
loop_
_entity_poly.entity_id 
_entity_poly.type 
_entity_poly.nstd_linkage 
_entity_poly.nstd_monomer 
_entity_poly.pdbx_seq_one_letter_code 
_entity_poly.pdbx_seq_one_letter_code_can 
_entity_poly.pdbx_strand_id 
_entity_poly.pdbx_target_identifier 
1 polyribonucleotide no no UUUUAUUUU UUUUAUUUU B ? 
2 'polypeptide(L)'   no no 
;SKTNLIVNYLPQNMTQEEFRSLFGSIGEIESCKLVRDKITGQSLGYGFVNYIDPKDAEKAINTLNGLRLQTKTIKVSYAR
PSSASIRDANLYVSGLPKTMTQKELEQLFSQYGRIITSRILVDQVTGVSRGVGFIRFDKRIEAEEAIKGLNGQKPSGATE
PITVKFA
;
;SKTNLIVNYLPQNMTQEEFRSLFGSIGEIESCKLVRDKITGQSLGYGFVNYIDPKDAEKAINTLNGLRLQTKTIKVSYAR
PSSASIRDANLYVSGLPKTMTQKELEQLFSQYGRIITSRILVDQVTGVSRGVGFIRFDKRIEAEEAIKGLNGQKPSGATE
PITVKFA
;
A ? 
# 
_pdbx_entity_nonpoly.entity_id   3 
_pdbx_entity_nonpoly.name        water 
_pdbx_entity_nonpoly.comp_id     HOH 
# 
loop_
_entity_poly_seq.entity_id 
_entity_poly_seq.num 
_entity_poly_seq.mon_id 
_entity_poly_seq.hetero 
1 1   U   n 
1 2   U   n 
1 3   U   n 
1 4   U   n 
1 5   A   n 
1 6   U   n 
1 7   U   n 
1 8   U   n 
1 9   U   n 
2 1   SER n 
2 2   LYS n 
2 3   THR n 
2 4   ASN n 
2 5   LEU n 
2 6   ILE n 
2 7   VAL n 
2 8   ASN n 
2 9   TYR n 
2 10  LEU n 
2 11  PRO n 
2 12  GLN n 
2 13  ASN n 
2 14  MET n 
2 15  THR n 
2 16  GLN n 
2 17  GLU n 
2 18  GLU n 
2 19  PHE n 
2 20  ARG n 
2 21  SER n 
2 22  LEU n 
2 23  PHE n 
2 24  GLY n 
2 25  SER n 
2 26  ILE n 
2 27  GLY n 
2 28  GLU n 
2 29  ILE n 
2 30  GLU n 
2 31  SER n 
2 32  CYS n 
2 33  LYS n 
2 34  LEU n 
2 35  VAL n 
2 36  ARG n 
2 37  ASP n 
2 38  LYS n 
2 39  ILE n 
2 40  THR n 
2 41  GLY n 
2 42  GLN n 
2 43  SER n 
2 44  LEU n 
2 45  GLY n 
2 46  TYR n 
2 47  GLY n 
2 48  PHE n 
2 49  VAL n 
2 50  ASN n 
2 51  TYR n 
2 52  ILE n 
2 53  ASP n 
2 54  PRO n 
2 55  LYS n 
2 56  ASP n 
2 57  ALA n 
2 58  GLU n 
2 59  LYS n 
2 60  ALA n 
2 61  ILE n 
2 62  ASN n 
2 63  THR n 
2 64  LEU n 
2 65  ASN n 
2 66  GLY n 
2 67  LEU n 
2 68  ARG n 
2 69  LEU n 
2 70  GLN n 
2 71  THR n 
2 72  LYS n 
2 73  THR n 
2 74  ILE n 
2 75  LYS n 
2 76  VAL n 
2 77  SER n 
2 78  TYR n 
2 79  ALA n 
2 80  ARG n 
2 81  PRO n 
2 82  SER n 
2 83  SER n 
2 84  ALA n 
2 85  SER n 
2 86  ILE n 
2 87  ARG n 
2 88  ASP n 
2 89  ALA n 
2 90  ASN n 
2 91  LEU n 
2 92  TYR n 
2 93  VAL n 
2 94  SER n 
2 95  GLY n 
2 96  LEU n 
2 97  PRO n 
2 98  LYS n 
2 99  THR n 
2 100 MET n 
2 101 THR n 
2 102 GLN n 
2 103 LYS n 
2 104 GLU n 
2 105 LEU n 
2 106 GLU n 
2 107 GLN n 
2 108 LEU n 
2 109 PHE n 
2 110 SER n 
2 111 GLN n 
2 112 TYR n 
2 113 GLY n 
2 114 ARG n 
2 115 ILE n 
2 116 ILE n 
2 117 THR n 
2 118 SER n 
2 119 ARG n 
2 120 ILE n 
2 121 LEU n 
2 122 VAL n 
2 123 ASP n 
2 124 GLN n 
2 125 VAL n 
2 126 THR n 
2 127 GLY n 
2 128 VAL n 
2 129 SER n 
2 130 ARG n 
2 131 GLY n 
2 132 VAL n 
2 133 GLY n 
2 134 PHE n 
2 135 ILE n 
2 136 ARG n 
2 137 PHE n 
2 138 ASP n 
2 139 LYS n 
2 140 ARG n 
2 141 ILE n 
2 142 GLU n 
2 143 ALA n 
2 144 GLU n 
2 145 GLU n 
2 146 ALA n 
2 147 ILE n 
2 148 LYS n 
2 149 GLY n 
2 150 LEU n 
2 151 ASN n 
2 152 GLY n 
2 153 GLN n 
2 154 LYS n 
2 155 PRO n 
2 156 SER n 
2 157 GLY n 
2 158 ALA n 
2 159 THR n 
2 160 GLU n 
2 161 PRO n 
2 162 ILE n 
2 163 THR n 
2 164 VAL n 
2 165 LYS n 
2 166 PHE n 
2 167 ALA n 
# 
_entity_src_gen.entity_id                          2 
_entity_src_gen.pdbx_src_id                        1 
_entity_src_gen.pdbx_alt_source_flag               sample 
_entity_src_gen.pdbx_seq_type                      ? 
_entity_src_gen.pdbx_beg_seq_num                   ? 
_entity_src_gen.pdbx_end_seq_num                   ? 
_entity_src_gen.gene_src_common_name               human 
_entity_src_gen.gene_src_genus                     Homo 
_entity_src_gen.pdbx_gene_src_gene                 ? 
_entity_src_gen.gene_src_species                   ? 
_entity_src_gen.gene_src_strain                    ? 
_entity_src_gen.gene_src_tissue                    ? 
_entity_src_gen.gene_src_tissue_fraction           ? 
_entity_src_gen.gene_src_details                   ? 
_entity_src_gen.pdbx_gene_src_fragment             ? 
_entity_src_gen.pdbx_gene_src_scientific_name      'Homo sapiens' 
_entity_src_gen.pdbx_gene_src_ncbi_taxonomy_id     9606 
_entity_src_gen.pdbx_gene_src_variant              ? 
_entity_src_gen.pdbx_gene_src_cell_line            ? 
_entity_src_gen.pdbx_gene_src_atcc                 ? 
_entity_src_gen.pdbx_gene_src_organ                BRAIN 
_entity_src_gen.pdbx_gene_src_organelle            ? 
_entity_src_gen.pdbx_gene_src_cell                 ? 
_entity_src_gen.pdbx_gene_src_cellular_location    ? 
_entity_src_gen.host_org_common_name               ? 
_entity_src_gen.pdbx_host_org_scientific_name      'Escherichia coli' 
_entity_src_gen.pdbx_host_org_ncbi_taxonomy_id     562 
_entity_src_gen.host_org_genus                     Escherichia 
_entity_src_gen.pdbx_host_org_gene                 ? 
_entity_src_gen.pdbx_host_org_organ                ? 
_entity_src_gen.host_org_species                   ? 
_entity_src_gen.pdbx_host_org_tissue               ? 
_entity_src_gen.pdbx_host_org_tissue_fraction      ? 
_entity_src_gen.pdbx_host_org_strain               ? 
_entity_src_gen.pdbx_host_org_variant              ? 
_entity_src_gen.pdbx_host_org_cell_line            ? 
_entity_src_gen.pdbx_host_org_atcc                 ? 
_entity_src_gen.pdbx_host_org_culture_collection   ? 
_entity_src_gen.pdbx_host_org_cell                 ? 
_entity_src_gen.pdbx_host_org_organelle            ? 
_entity_src_gen.pdbx_host_org_cellular_location    ? 
_entity_src_gen.pdbx_host_org_vector_type          PLASMID 
_entity_src_gen.pdbx_host_org_vector               ? 
_entity_src_gen.host_org_details                   ? 
_entity_src_gen.expression_system_id               ? 
_entity_src_gen.plasmid_name                       PPROEXHTC 
_entity_src_gen.plasmid_details                    ? 
_entity_src_gen.pdbx_description                   ? 
# 
loop_
_chem_comp.id 
_chem_comp.type 
_chem_comp.mon_nstd_flag 
_chem_comp.name 
_chem_comp.pdbx_synonyms 
_chem_comp.formula 
_chem_comp.formula_weight 
A   'RNA linking'       y "ADENOSINE-5'-MONOPHOSPHATE" ? 'C10 H14 N5 O7 P' 347.221 
ALA 'L-peptide linking' y ALANINE                      ? 'C3 H7 N O2'      89.093  
ARG 'L-peptide linking' y ARGININE                     ? 'C6 H15 N4 O2 1'  175.209 
ASN 'L-peptide linking' y ASPARAGINE                   ? 'C4 H8 N2 O3'     132.118 
ASP 'L-peptide linking' y 'ASPARTIC ACID'              ? 'C4 H7 N O4'      133.103 
CYS 'L-peptide linking' y CYSTEINE                     ? 'C3 H7 N O2 S'    121.158 
GLN 'L-peptide linking' y GLUTAMINE                    ? 'C5 H10 N2 O3'    146.144 
GLU 'L-peptide linking' y 'GLUTAMIC ACID'              ? 'C5 H9 N O4'      147.129 
GLY 'peptide linking'   y GLYCINE                      ? 'C2 H5 N O2'      75.067  
HOH non-polymer         . WATER                        ? 'H2 O'            18.015  
ILE 'L-peptide linking' y ISOLEUCINE                   ? 'C6 H13 N O2'     131.173 
LEU 'L-peptide linking' y LEUCINE                      ? 'C6 H13 N O2'     131.173 
LYS 'L-peptide linking' y LYSINE                       ? 'C6 H15 N2 O2 1'  147.195 
MET 'L-peptide linking' y METHIONINE                   ? 'C5 H11 N O2 S'   149.211 
PHE 'L-peptide linking' y PHENYLALANINE                ? 'C9 H11 N O2'     165.189 
PRO 'L-peptide linking' y PROLINE                      ? 'C5 H9 N O2'      115.130 
SER 'L-peptide linking' y SERINE                       ? 'C3 H7 N O3'      105.093 
THR 'L-peptide linking' y THREONINE                    ? 'C4 H9 N O3'      119.119 
TYR 'L-peptide linking' y TYROSINE                     ? 'C9 H11 N O3'     181.189 
U   'RNA linking'       y "URIDINE-5'-MONOPHOSPHATE"   ? 'C9 H13 N2 O9 P'  324.181 
VAL 'L-peptide linking' y VALINE                       ? 'C5 H11 N O2'     117.146 
# 
loop_
_pdbx_poly_seq_scheme.asym_id 
_pdbx_poly_seq_scheme.entity_id 
_pdbx_poly_seq_scheme.seq_id 
_pdbx_poly_seq_scheme.mon_id 
_pdbx_poly_seq_scheme.ndb_seq_num 
_pdbx_poly_seq_scheme.pdb_seq_num 
_pdbx_poly_seq_scheme.auth_seq_num 
_pdbx_poly_seq_scheme.pdb_mon_id 
_pdbx_poly_seq_scheme.auth_mon_id 
_pdbx_poly_seq_scheme.pdb_strand_id 
_pdbx_poly_seq_scheme.pdb_ins_code 
_pdbx_poly_seq_scheme.hetero 
A 1 1   U   1   3   3   U   U   B . n 
A 1 2   U   2   4   4   U   U   B . n 
A 1 3   U   3   5   5   U   U   B . n 
A 1 4   U   4   6   6   U   U   B . n 
A 1 5   A   5   7   7   A   A   B . n 
A 1 6   U   6   8   8   U   U   B . n 
A 1 7   U   7   9   9   U   U   B . n 
A 1 8   U   8   10  10  U   U   B . n 
A 1 9   U   9   11  11  U   U   B . n 
B 2 1   SER 1   37  37  SER SER A . n 
B 2 2   LYS 2   38  38  LYS LYS A . n 
B 2 3   THR 3   39  39  THR THR A . n 
B 2 4   ASN 4   40  40  ASN ASN A . n 
B 2 5   LEU 5   41  41  LEU LEU A . n 
B 2 6   ILE 6   42  42  ILE ILE A . n 
B 2 7   VAL 7   43  43  VAL VAL A . n 
B 2 8   ASN 8   44  44  ASN ASN A . n 
B 2 9   TYR 9   45  45  TYR TYR A . n 
B 2 10  LEU 10  46  46  LEU LEU A . n 
B 2 11  PRO 11  47  47  PRO PRO A . n 
B 2 12  GLN 12  48  48  GLN GLN A . n 
B 2 13  ASN 13  49  49  ASN ASN A . n 
B 2 14  MET 14  50  50  MET MET A . n 
B 2 15  THR 15  51  51  THR THR A . n 
B 2 16  GLN 16  52  52  GLN GLN A . n 
B 2 17  GLU 17  53  53  GLU GLU A . n 
B 2 18  GLU 18  54  54  GLU GLU A . n 
B 2 19  PHE 19  55  55  PHE PHE A . n 
B 2 20  ARG 20  56  56  ARG ARG A . n 
B 2 21  SER 21  57  57  SER SER A . n 
B 2 22  LEU 22  58  58  LEU LEU A . n 
B 2 23  PHE 23  59  59  PHE PHE A . n 
B 2 24  GLY 24  60  60  GLY GLY A . n 
B 2 25  SER 25  61  61  SER SER A . n 
B 2 26  ILE 26  62  62  ILE ILE A . n 
B 2 27  GLY 27  63  63  GLY GLY A . n 
B 2 28  GLU 28  64  64  GLU GLU A . n 
B 2 29  ILE 29  65  65  ILE ILE A . n 
B 2 30  GLU 30  66  66  GLU GLU A . n 
B 2 31  SER 31  67  67  SER SER A . n 
B 2 32  CYS 32  68  68  CYS CYS A . n 
B 2 33  LYS 33  69  69  LYS LYS A . n 
B 2 34  LEU 34  70  70  LEU LEU A . n 
B 2 35  VAL 35  71  71  VAL VAL A . n 
B 2 36  ARG 36  72  72  ARG ARG A . n 
B 2 37  ASP 37  73  73  ASP ASP A . n 
B 2 38  LYS 38  74  74  LYS LYS A . n 
B 2 39  ILE 39  75  75  ILE ILE A . n 
B 2 40  THR 40  76  76  THR THR A . n 
B 2 41  GLY 41  77  77  GLY GLY A . n 
B 2 42  GLN 42  78  78  GLN GLN A . n 
B 2 43  SER 43  79  79  SER SER A . n 
B 2 44  LEU 44  80  80  LEU LEU A . n 
B 2 45  GLY 45  81  81  GLY GLY A . n 
B 2 46  TYR 46  82  82  TYR TYR A . n 
B 2 47  GLY 47  83  83  GLY GLY A . n 
B 2 48  PHE 48  84  84  PHE PHE A . n 
B 2 49  VAL 49  85  85  VAL VAL A . n 
B 2 50  ASN 50  86  86  ASN ASN A . n 
B 2 51  TYR 51  87  87  TYR TYR A . n 
B 2 52  ILE 52  88  88  ILE ILE A . n 
B 2 53  ASP 53  89  89  ASP ASP A . n 
B 2 54  PRO 54  90  90  PRO PRO A . n 
B 2 55  LYS 55  91  91  LYS LYS A . n 
B 2 56  ASP 56  92  92  ASP ASP A . n 
B 2 57  ALA 57  93  93  ALA ALA A . n 
B 2 58  GLU 58  94  94  GLU GLU A . n 
B 2 59  LYS 59  95  95  LYS LYS A . n 
B 2 60  ALA 60  96  96  ALA ALA A . n 
B 2 61  ILE 61  97  97  ILE ILE A . n 
B 2 62  ASN 62  98  98  ASN ASN A . n 
B 2 63  THR 63  99  99  THR THR A . n 
B 2 64  LEU 64  100 100 LEU LEU A . n 
B 2 65  ASN 65  101 101 ASN ASN A . n 
B 2 66  GLY 66  102 102 GLY GLY A . n 
B 2 67  LEU 67  103 103 LEU LEU A . n 
B 2 68  ARG 68  104 104 ARG ARG A . n 
B 2 69  LEU 69  105 105 LEU LEU A . n 
B 2 70  GLN 70  106 106 GLN GLN A . n 
B 2 71  THR 71  107 107 THR THR A . n 
B 2 72  LYS 72  108 108 LYS LYS A . n 
B 2 73  THR 73  109 109 THR THR A . n 
B 2 74  ILE 74  110 110 ILE ILE A . n 
B 2 75  LYS 75  111 111 LYS LYS A . n 
B 2 76  VAL 76  112 112 VAL VAL A . n 
B 2 77  SER 77  113 113 SER SER A . n 
B 2 78  TYR 78  114 114 TYR TYR A . n 
B 2 79  ALA 79  115 115 ALA ALA A . n 
B 2 80  ARG 80  116 116 ARG ARG A . n 
B 2 81  PRO 81  117 117 PRO PRO A . n 
B 2 82  SER 82  118 118 SER SER A . n 
B 2 83  SER 83  119 119 SER SER A . n 
B 2 84  ALA 84  120 120 ALA ALA A . n 
B 2 85  SER 85  121 121 SER SER A . n 
B 2 86  ILE 86  122 122 ILE ILE A . n 
B 2 87  ARG 87  123 123 ARG ARG A . n 
B 2 88  ASP 88  124 124 ASP ASP A . n 
B 2 89  ALA 89  125 125 ALA ALA A . n 
B 2 90  ASN 90  126 126 ASN ASN A . n 
B 2 91  LEU 91  127 127 LEU LEU A . n 
B 2 92  TYR 92  128 128 TYR TYR A . n 
B 2 93  VAL 93  129 129 VAL VAL A . n 
B 2 94  SER 94  130 130 SER SER A . n 
B 2 95  GLY 95  131 131 GLY GLY A . n 
B 2 96  LEU 96  132 132 LEU LEU A . n 
B 2 97  PRO 97  133 133 PRO PRO A . n 
B 2 98  LYS 98  134 134 LYS LYS A . n 
B 2 99  THR 99  135 135 THR THR A . n 
B 2 100 MET 100 136 136 MET MET A . n 
B 2 101 THR 101 137 137 THR THR A . n 
B 2 102 GLN 102 138 138 GLN GLN A . n 
B 2 103 LYS 103 139 139 LYS LYS A . n 
B 2 104 GLU 104 140 140 GLU GLU A . n 
B 2 105 LEU 105 141 141 LEU LEU A . n 
B 2 106 GLU 106 142 142 GLU GLU A . n 
B 2 107 GLN 107 143 143 GLN GLN A . n 
B 2 108 LEU 108 144 144 LEU LEU A . n 
B 2 109 PHE 109 145 145 PHE PHE A . n 
B 2 110 SER 110 146 146 SER SER A . n 
B 2 111 GLN 111 147 147 GLN GLN A . n 
B 2 112 TYR 112 148 148 TYR TYR A . n 
B 2 113 GLY 113 149 149 GLY GLY A . n 
B 2 114 ARG 114 150 150 ARG ARG A . n 
B 2 115 ILE 115 151 151 ILE ILE A . n 
B 2 116 ILE 116 152 152 ILE ILE A . n 
B 2 117 THR 117 153 153 THR THR A . n 
B 2 118 SER 118 154 154 SER SER A . n 
B 2 119 ARG 119 155 155 ARG ARG A . n 
B 2 120 ILE 120 156 156 ILE ILE A . n 
B 2 121 LEU 121 157 157 LEU LEU A . n 
B 2 122 VAL 122 158 158 VAL VAL A . n 
B 2 123 ASP 123 159 159 ASP ASP A . n 
B 2 124 GLN 124 160 160 GLN GLN A . n 
B 2 125 VAL 125 161 161 VAL VAL A . n 
B 2 126 THR 126 162 162 THR THR A . n 
B 2 127 GLY 127 163 163 GLY GLY A . n 
B 2 128 VAL 128 164 164 VAL VAL A . n 
B 2 129 SER 129 165 165 SER SER A . n 
B 2 130 ARG 130 166 166 ARG ARG A . n 
B 2 131 GLY 131 167 167 GLY GLY A . n 
B 2 132 VAL 132 168 168 VAL VAL A . n 
B 2 133 GLY 133 169 169 GLY GLY A . n 
B 2 134 PHE 134 170 170 PHE PHE A . n 
B 2 135 ILE 135 171 171 ILE ILE A . n 
B 2 136 ARG 136 172 172 ARG ARG A . n 
B 2 137 PHE 137 173 173 PHE PHE A . n 
B 2 138 ASP 138 174 174 ASP ASP A . n 
B 2 139 LYS 139 175 175 LYS LYS A . n 
B 2 140 ARG 140 176 176 ARG ARG A . n 
B 2 141 ILE 141 177 177 ILE ILE A . n 
B 2 142 GLU 142 178 178 GLU GLU A . n 
B 2 143 ALA 143 179 179 ALA ALA A . n 
B 2 144 GLU 144 180 180 GLU GLU A . n 
B 2 145 GLU 145 181 181 GLU GLU A . n 
B 2 146 ALA 146 182 182 ALA ALA A . n 
B 2 147 ILE 147 183 183 ILE ILE A . n 
B 2 148 LYS 148 184 184 LYS LYS A . n 
B 2 149 GLY 149 185 185 GLY GLY A . n 
B 2 150 LEU 150 186 186 LEU LEU A . n 
B 2 151 ASN 151 187 187 ASN ASN A . n 
B 2 152 GLY 152 188 188 GLY GLY A . n 
B 2 153 GLN 153 189 189 GLN GLN A . n 
B 2 154 LYS 154 190 190 LYS LYS A . n 
B 2 155 PRO 155 191 191 PRO PRO A . n 
B 2 156 SER 156 192 192 SER SER A . n 
B 2 157 GLY 157 193 193 GLY GLY A . n 
B 2 158 ALA 158 194 194 ALA ALA A . n 
B 2 159 THR 159 195 195 THR THR A . n 
B 2 160 GLU 160 196 196 GLU GLU A . n 
B 2 161 PRO 161 197 197 PRO PRO A . n 
B 2 162 ILE 162 198 198 ILE ILE A . n 
B 2 163 THR 163 199 199 THR THR A . n 
B 2 164 VAL 164 200 200 VAL VAL A . n 
B 2 165 LYS 165 201 201 LYS LYS A . n 
B 2 166 PHE 166 202 202 PHE PHE A . n 
B 2 167 ALA 167 203 203 ALA ALA A . n 
# 
loop_
_pdbx_nonpoly_scheme.asym_id 
_pdbx_nonpoly_scheme.entity_id 
_pdbx_nonpoly_scheme.mon_id 
_pdbx_nonpoly_scheme.ndb_seq_num 
_pdbx_nonpoly_scheme.pdb_seq_num 
_pdbx_nonpoly_scheme.auth_seq_num 
_pdbx_nonpoly_scheme.pdb_mon_id 
_pdbx_nonpoly_scheme.auth_mon_id 
_pdbx_nonpoly_scheme.pdb_strand_id 
_pdbx_nonpoly_scheme.pdb_ins_code 
C 3 HOH 1   12  3   HOH WAT B . 
C 3 HOH 2   13  6   HOH WAT B . 
C 3 HOH 3   14  11  HOH WAT B . 
C 3 HOH 4   15  26  HOH WAT B . 
C 3 HOH 5   16  32  HOH WAT B . 
C 3 HOH 6   17  47  HOH WAT B . 
C 3 HOH 7   18  55  HOH WAT B . 
C 3 HOH 8   19  72  HOH WAT B . 
C 3 HOH 9   20  77  HOH WAT B . 
C 3 HOH 10  21  82  HOH WAT B . 
C 3 HOH 11  22  92  HOH WAT B . 
C 3 HOH 12  23  98  HOH WAT B . 
C 3 HOH 13  24  104 HOH WAT B . 
C 3 HOH 14  25  116 HOH WAT B . 
C 3 HOH 15  26  119 HOH WAT B . 
C 3 HOH 16  27  133 HOH WAT B . 
C 3 HOH 17  28  134 HOH WAT B . 
C 3 HOH 18  29  143 HOH WAT B . 
C 3 HOH 19  30  156 HOH WAT B . 
C 3 HOH 20  31  173 HOH WAT B . 
C 3 HOH 21  32  194 HOH WAT B . 
C 3 HOH 22  33  216 HOH WAT B . 
D 3 HOH 1   204 1   HOH WAT A . 
D 3 HOH 2   205 2   HOH WAT A . 
D 3 HOH 3   206 4   HOH WAT A . 
D 3 HOH 4   207 5   HOH WAT A . 
D 3 HOH 5   208 7   HOH WAT A . 
D 3 HOH 6   209 8   HOH WAT A . 
D 3 HOH 7   210 9   HOH WAT A . 
D 3 HOH 8   211 10  HOH WAT A . 
D 3 HOH 9   212 12  HOH WAT A . 
D 3 HOH 10  213 13  HOH WAT A . 
D 3 HOH 11  214 14  HOH WAT A . 
D 3 HOH 12  215 15  HOH WAT A . 
D 3 HOH 13  216 16  HOH WAT A . 
D 3 HOH 14  217 17  HOH WAT A . 
D 3 HOH 15  218 18  HOH WAT A . 
D 3 HOH 16  219 19  HOH WAT A . 
D 3 HOH 17  220 20  HOH WAT A . 
D 3 HOH 18  221 21  HOH WAT A . 
D 3 HOH 19  222 22  HOH WAT A . 
D 3 HOH 20  223 23  HOH WAT A . 
D 3 HOH 21  224 24  HOH WAT A . 
D 3 HOH 22  225 25  HOH WAT A . 
D 3 HOH 23  226 27  HOH WAT A . 
D 3 HOH 24  227 28  HOH WAT A . 
D 3 HOH 25  228 29  HOH WAT A . 
D 3 HOH 26  229 30  HOH WAT A . 
D 3 HOH 27  230 31  HOH WAT A . 
D 3 HOH 28  231 33  HOH WAT A . 
D 3 HOH 29  232 34  HOH WAT A . 
D 3 HOH 30  233 35  HOH WAT A . 
D 3 HOH 31  234 36  HOH WAT A . 
D 3 HOH 32  235 37  HOH WAT A . 
D 3 HOH 33  236 38  HOH WAT A . 
D 3 HOH 34  237 39  HOH WAT A . 
D 3 HOH 35  238 40  HOH WAT A . 
D 3 HOH 36  239 41  HOH WAT A . 
D 3 HOH 37  240 42  HOH WAT A . 
D 3 HOH 38  241 43  HOH WAT A . 
D 3 HOH 39  242 44  HOH WAT A . 
D 3 HOH 40  243 45  HOH WAT A . 
D 3 HOH 41  244 46  HOH WAT A . 
D 3 HOH 42  245 48  HOH WAT A . 
D 3 HOH 43  246 49  HOH WAT A . 
D 3 HOH 44  247 50  HOH WAT A . 
D 3 HOH 45  248 51  HOH WAT A . 
D 3 HOH 46  249 52  HOH WAT A . 
D 3 HOH 47  250 53  HOH WAT A . 
D 3 HOH 48  251 54  HOH WAT A . 
D 3 HOH 49  252 56  HOH WAT A . 
D 3 HOH 50  253 57  HOH WAT A . 
D 3 HOH 51  254 58  HOH WAT A . 
D 3 HOH 52  255 59  HOH WAT A . 
D 3 HOH 53  256 60  HOH WAT A . 
D 3 HOH 54  257 61  HOH WAT A . 
D 3 HOH 55  258 62  HOH WAT A . 
D 3 HOH 56  259 63  HOH WAT A . 
D 3 HOH 57  260 64  HOH WAT A . 
D 3 HOH 58  261 65  HOH WAT A . 
D 3 HOH 59  262 66  HOH WAT A . 
D 3 HOH 60  263 67  HOH WAT A . 
D 3 HOH 61  264 68  HOH WAT A . 
D 3 HOH 62  265 69  HOH WAT A . 
D 3 HOH 63  266 70  HOH WAT A . 
D 3 HOH 64  267 71  HOH WAT A . 
D 3 HOH 65  268 73  HOH WAT A . 
D 3 HOH 66  269 74  HOH WAT A . 
D 3 HOH 67  270 75  HOH WAT A . 
D 3 HOH 68  271 76  HOH WAT A . 
D 3 HOH 69  272 78  HOH WAT A . 
D 3 HOH 70  273 79  HOH WAT A . 
D 3 HOH 71  274 80  HOH WAT A . 
D 3 HOH 72  275 81  HOH WAT A . 
D 3 HOH 73  276 83  HOH WAT A . 
D 3 HOH 74  277 84  HOH WAT A . 
D 3 HOH 75  278 85  HOH WAT A . 
D 3 HOH 76  279 86  HOH WAT A . 
D 3 HOH 77  280 87  HOH WAT A . 
D 3 HOH 78  281 88  HOH WAT A . 
D 3 HOH 79  282 89  HOH WAT A . 
D 3 HOH 80  283 90  HOH WAT A . 
D 3 HOH 81  284 91  HOH WAT A . 
D 3 HOH 82  285 93  HOH WAT A . 
D 3 HOH 83  286 94  HOH WAT A . 
D 3 HOH 84  287 95  HOH WAT A . 
D 3 HOH 85  288 96  HOH WAT A . 
D 3 HOH 86  289 97  HOH WAT A . 
D 3 HOH 87  290 99  HOH WAT A . 
D 3 HOH 88  291 100 HOH WAT A . 
D 3 HOH 89  292 101 HOH WAT A . 
D 3 HOH 90  293 102 HOH WAT A . 
D 3 HOH 91  294 103 HOH WAT A . 
D 3 HOH 92  295 105 HOH WAT A . 
D 3 HOH 93  296 106 HOH WAT A . 
D 3 HOH 94  297 107 HOH WAT A . 
D 3 HOH 95  298 108 HOH WAT A . 
D 3 HOH 96  299 109 HOH WAT A . 
D 3 HOH 97  300 110 HOH WAT A . 
D 3 HOH 98  301 111 HOH WAT A . 
D 3 HOH 99  302 112 HOH WAT A . 
D 3 HOH 100 303 113 HOH WAT A . 
D 3 HOH 101 304 114 HOH WAT A . 
D 3 HOH 102 305 115 HOH WAT A . 
D 3 HOH 103 306 117 HOH WAT A . 
D 3 HOH 104 307 118 HOH WAT A . 
D 3 HOH 105 308 120 HOH WAT A . 
D 3 HOH 106 309 121 HOH WAT A . 
D 3 HOH 107 310 122 HOH WAT A . 
D 3 HOH 108 311 123 HOH WAT A . 
D 3 HOH 109 312 124 HOH WAT A . 
D 3 HOH 110 313 125 HOH WAT A . 
D 3 HOH 111 314 126 HOH WAT A . 
D 3 HOH 112 315 127 HOH WAT A . 
D 3 HOH 113 316 128 HOH WAT A . 
D 3 HOH 114 317 129 HOH WAT A . 
D 3 HOH 115 318 130 HOH WAT A . 
D 3 HOH 116 319 131 HOH WAT A . 
D 3 HOH 117 320 132 HOH WAT A . 
D 3 HOH 118 321 135 HOH WAT A . 
D 3 HOH 119 322 136 HOH WAT A . 
D 3 HOH 120 323 137 HOH WAT A . 
D 3 HOH 121 324 138 HOH WAT A . 
D 3 HOH 122 325 139 HOH WAT A . 
D 3 HOH 123 326 140 HOH WAT A . 
D 3 HOH 124 327 141 HOH WAT A . 
D 3 HOH 125 328 142 HOH WAT A . 
D 3 HOH 126 329 144 HOH WAT A . 
D 3 HOH 127 330 145 HOH WAT A . 
D 3 HOH 128 331 146 HOH WAT A . 
D 3 HOH 129 332 147 HOH WAT A . 
D 3 HOH 130 333 148 HOH WAT A . 
D 3 HOH 131 334 149 HOH WAT A . 
D 3 HOH 132 335 150 HOH WAT A . 
D 3 HOH 133 336 151 HOH WAT A . 
D 3 HOH 134 337 152 HOH WAT A . 
D 3 HOH 135 338 153 HOH WAT A . 
D 3 HOH 136 339 154 HOH WAT A . 
D 3 HOH 137 340 155 HOH WAT A . 
D 3 HOH 138 341 157 HOH WAT A . 
D 3 HOH 139 342 158 HOH WAT A . 
D 3 HOH 140 343 159 HOH WAT A . 
D 3 HOH 141 344 160 HOH WAT A . 
D 3 HOH 142 345 161 HOH WAT A . 
D 3 HOH 143 346 162 HOH WAT A . 
D 3 HOH 144 347 163 HOH WAT A . 
D 3 HOH 145 348 164 HOH WAT A . 
D 3 HOH 146 349 165 HOH WAT A . 
D 3 HOH 147 350 166 HOH WAT A . 
D 3 HOH 148 351 167 HOH WAT A . 
D 3 HOH 149 352 168 HOH WAT A . 
D 3 HOH 150 353 169 HOH WAT A . 
D 3 HOH 151 354 170 HOH WAT A . 
D 3 HOH 152 355 171 HOH WAT A . 
D 3 HOH 153 356 172 HOH WAT A . 
D 3 HOH 154 357 174 HOH WAT A . 
D 3 HOH 155 358 175 HOH WAT A . 
D 3 HOH 156 359 176 HOH WAT A . 
D 3 HOH 157 360 177 HOH WAT A . 
D 3 HOH 158 361 178 HOH WAT A . 
D 3 HOH 159 362 179 HOH WAT A . 
D 3 HOH 160 363 180 HOH WAT A . 
D 3 HOH 161 364 181 HOH WAT A . 
D 3 HOH 162 365 182 HOH WAT A . 
D 3 HOH 163 366 183 HOH WAT A . 
D 3 HOH 164 367 184 HOH WAT A . 
D 3 HOH 165 368 185 HOH WAT A . 
D 3 HOH 166 369 186 HOH WAT A . 
D 3 HOH 167 370 187 HOH WAT A . 
D 3 HOH 168 371 188 HOH WAT A . 
D 3 HOH 169 372 189 HOH WAT A . 
D 3 HOH 170 373 190 HOH WAT A . 
D 3 HOH 171 374 191 HOH WAT A . 
D 3 HOH 172 375 192 HOH WAT A . 
D 3 HOH 173 376 193 HOH WAT A . 
D 3 HOH 174 377 195 HOH WAT A . 
D 3 HOH 175 378 196 HOH WAT A . 
D 3 HOH 176 379 197 HOH WAT A . 
D 3 HOH 177 380 198 HOH WAT A . 
D 3 HOH 178 381 199 HOH WAT A . 
D 3 HOH 179 382 200 HOH WAT A . 
D 3 HOH 180 383 201 HOH WAT A . 
D 3 HOH 181 384 202 HOH WAT A . 
D 3 HOH 182 385 203 HOH WAT A . 
D 3 HOH 183 386 204 HOH WAT A . 
D 3 HOH 184 387 205 HOH WAT A . 
D 3 HOH 185 388 206 HOH WAT A . 
D 3 HOH 186 389 207 HOH WAT A . 
D 3 HOH 187 390 208 HOH WAT A . 
D 3 HOH 188 391 209 HOH WAT A . 
D 3 HOH 189 392 210 HOH WAT A . 
D 3 HOH 190 393 211 HOH WAT A . 
D 3 HOH 191 394 212 HOH WAT A . 
D 3 HOH 192 395 213 HOH WAT A . 
D 3 HOH 193 396 214 HOH WAT A . 
D 3 HOH 194 397 215 HOH WAT A . 
D 3 HOH 195 398 217 HOH WAT A . 
D 3 HOH 196 399 218 HOH WAT A . 
D 3 HOH 197 400 219 HOH WAT A . 
# 
loop_
_pdbx_unobs_or_zero_occ_atoms.id 
_pdbx_unobs_or_zero_occ_atoms.PDB_model_num 
_pdbx_unobs_or_zero_occ_atoms.polymer_flag 
_pdbx_unobs_or_zero_occ_atoms.occupancy_flag 
_pdbx_unobs_or_zero_occ_atoms.auth_asym_id 
_pdbx_unobs_or_zero_occ_atoms.auth_comp_id 
_pdbx_unobs_or_zero_occ_atoms.auth_seq_id 
_pdbx_unobs_or_zero_occ_atoms.PDB_ins_code 
_pdbx_unobs_or_zero_occ_atoms.auth_atom_id 
_pdbx_unobs_or_zero_occ_atoms.label_alt_id 
_pdbx_unobs_or_zero_occ_atoms.label_asym_id 
_pdbx_unobs_or_zero_occ_atoms.label_comp_id 
_pdbx_unobs_or_zero_occ_atoms.label_seq_id 
_pdbx_unobs_or_zero_occ_atoms.label_atom_id 
1  1 Y 1 B U 11 ? "C5'" ? A U 9 "C5'" 
2  1 Y 1 B U 11 ? "C4'" ? A U 9 "C4'" 
3  1 Y 1 B U 11 ? "O4'" ? A U 9 "O4'" 
4  1 Y 1 B U 11 ? "C3'" ? A U 9 "C3'" 
5  1 Y 1 B U 11 ? "O3'" ? A U 9 "O3'" 
6  1 Y 1 B U 11 ? "C2'" ? A U 9 "C2'" 
7  1 Y 1 B U 11 ? "O2'" ? A U 9 "O2'" 
8  1 Y 1 B U 11 ? "C1'" ? A U 9 "C1'" 
9  1 Y 1 B U 11 ? N1    ? A U 9 N1    
10 1 Y 1 B U 11 ? C2    ? A U 9 C2    
11 1 Y 1 B U 11 ? O2    ? A U 9 O2    
12 1 Y 1 B U 11 ? N3    ? A U 9 N3    
13 1 Y 1 B U 11 ? C4    ? A U 9 C4    
14 1 Y 1 B U 11 ? O4    ? A U 9 O4    
15 1 Y 1 B U 11 ? C5    ? A U 9 C5    
16 1 Y 1 B U 11 ? C6    ? A U 9 C6    
# 
loop_
_software.name 
_software.classification 
_software.version 
_software.citation_id 
_software.pdbx_ordinal 
AMoRE     phasing          .   ? 1 
CNS       refinement       0.9 ? 2 
DENZO     'data reduction' .   ? 3 
SCALEPACK 'data scaling'   .   ? 4 
# 
_cell.entry_id           1FXL 
_cell.length_a           30.310 
_cell.length_b           99.380 
_cell.length_c           33.340 
_cell.angle_alpha        90.00 
_cell.angle_beta         106.40 
_cell.angle_gamma        90.00 
_cell.Z_PDB              2 
_cell.pdbx_unique_axis   ? 
# 
_symmetry.entry_id                         1FXL 
_symmetry.space_group_name_H-M             'P 1 21 1' 
_symmetry.pdbx_full_space_group_name_H-M   ? 
_symmetry.cell_setting                     ? 
_symmetry.Int_Tables_number                4 
# 
_exptl.entry_id          1FXL 
_exptl.method            'X-RAY DIFFRACTION' 
_exptl.crystals_number   1 
# 
_exptl_crystal.id                    1 
_exptl_crystal.density_meas          ? 
_exptl_crystal.density_percent_sol   45.65 
_exptl_crystal.density_Matthews      2.26 
_exptl_crystal.description           ? 
# 
_exptl_crystal_grow.crystal_id      1 
_exptl_crystal_grow.method          'VAPOR DIFFUSION, HANGING DROP' 
_exptl_crystal_grow.pH              8.5 
_exptl_crystal_grow.temp            293.0 
_exptl_crystal_grow.temp_details    ? 
_exptl_crystal_grow.pdbx_details    
'PEG 3350, Ammonium sulfate, Calcium chloride, Tris, pH 8.5, VAPOR DIFFUSION, HANGING DROP, temperature 293.0K' 
_exptl_crystal_grow.pdbx_pH_range   ? 
# 
loop_
_exptl_crystal_grow_comp.crystal_id 
_exptl_crystal_grow_comp.id 
_exptl_crystal_grow_comp.sol_id 
_exptl_crystal_grow_comp.name 
_exptl_crystal_grow_comp.conc 
_exptl_crystal_grow_comp.volume 
_exptl_crystal_grow_comp.details 
1 1 1 'PEG 3350'  ? ? ? 
1 2 1 '(NH4)2SO4' ? ? ? 
1 3 1 CaCl2       ? ? ? 
1 4 1 Tris        ? ? ? 
# 
loop_
_diffrn.id 
_diffrn.ambient_temp 
_diffrn.ambient_temp_details 
_diffrn.crystal_id 
1 93 ? 1 
2 93 ? 1 
# 
loop_
_diffrn_detector.diffrn_id 
_diffrn_detector.detector 
_diffrn_detector.type 
_diffrn_detector.pdbx_collection_date 
_diffrn_detector.details 
1 'IMAGE PLATE' 'RIGAKU RAXIS IV' 2000-03-06 ? 
2 CCD           'ADSC QUANTUM'    2000-03-23 ? 
# 
_diffrn_radiation.diffrn_id                        1 
_diffrn_radiation.wavelength_id                    1 
_diffrn_radiation.monochromator                    ? 
_diffrn_radiation.pdbx_monochromatic_or_laue_m_l   M 
_diffrn_radiation.pdbx_diffrn_protocol             'SINGLE WAVELENGTH' 
_diffrn_radiation.pdbx_scattering_type             x-ray 
# 
loop_
_diffrn_radiation_wavelength.id 
_diffrn_radiation_wavelength.wavelength 
_diffrn_radiation_wavelength.wt 
1 1.5418 1.0 
2 1.072  1.0 
# 
loop_
_diffrn_source.diffrn_id 
_diffrn_source.source 
_diffrn_source.type 
_diffrn_source.pdbx_wavelength 
_diffrn_source.pdbx_synchrotron_site 
_diffrn_source.pdbx_synchrotron_beamline 
_diffrn_source.pdbx_wavelength_list 
1 'ROTATING ANODE' 'RIGAKU RUH3R'      1.5418 ?    ?   ? 
2 SYNCHROTRON      'NSLS BEAMLINE X9B' 1.072  NSLS X9B ? 
# 
_reflns.entry_id                     1FXL 
_reflns.observed_criterion_sigma_I   -3.0 
_reflns.observed_criterion_sigma_F   ? 
_reflns.d_resolution_low             30.45 
_reflns.d_resolution_high            1.8 
_reflns.number_obs                   16220 
_reflns.number_all                   16220 
_reflns.percent_possible_obs         92.3 
_reflns.pdbx_Rmerge_I_obs            0.0750000 
_reflns.pdbx_Rsym_value              ? 
_reflns.pdbx_netI_over_sigmaI        12.8 
_reflns.B_iso_Wilson_estimate        19.2 
_reflns.pdbx_redundancy              4.3 
_reflns.R_free_details               ? 
_reflns.pdbx_diffrn_id               1 
_reflns.pdbx_ordinal                 1 
# 
_reflns_shell.d_res_high             1.8 
_reflns_shell.d_res_low              1.86 
_reflns_shell.percent_possible_obs   ? 
_reflns_shell.percent_possible_all   85.1 
_reflns_shell.Rmerge_I_obs           0.3290000 
_reflns_shell.meanI_over_sigI_obs    ? 
_reflns_shell.pdbx_Rsym_value        ? 
_reflns_shell.pdbx_redundancy        1.9 
_reflns_shell.number_unique_all      1485 
_reflns_shell.pdbx_diffrn_id         ? 
_reflns_shell.pdbx_ordinal           1 
# 
_refine.entry_id                                 1FXL 
_refine.ls_number_reflns_obs                     15853 
_refine.ls_number_reflns_all                     16220 
_refine.pdbx_ls_sigma_I                          0.0 
_refine.pdbx_ls_sigma_F                          0.0 
_refine.pdbx_data_cutoff_high_absF               ? 
_refine.pdbx_data_cutoff_low_absF                ? 
_refine.ls_d_res_low                             30.45 
_refine.ls_d_res_high                            1.8 
_refine.ls_percent_reflns_obs                    90.3 
_refine.ls_R_factor_obs                          0.1930000 
_refine.ls_R_factor_all                          ? 
_refine.ls_R_factor_R_work                       0.1920000 
_refine.ls_R_factor_R_free                       0.2390000 
_refine.ls_R_factor_R_free_error                 ? 
_refine.ls_R_factor_R_free_error_details         ? 
_refine.ls_percent_reflns_R_free                 ? 
_refine.ls_number_reflns_R_free                  931 
_refine.ls_number_parameters                     ? 
_refine.ls_number_restraints                     ? 
_refine.occupancy_min                            ? 
_refine.occupancy_max                            ? 
_refine.B_iso_mean                               ? 
_refine.aniso_B[1][1]                            ? 
_refine.aniso_B[2][2]                            ? 
_refine.aniso_B[3][3]                            ? 
_refine.aniso_B[1][2]                            ? 
_refine.aniso_B[1][3]                            ? 
_refine.aniso_B[2][3]                            ? 
_refine.solvent_model_details                    ? 
_refine.solvent_model_param_ksol                 ? 
_refine.solvent_model_param_bsol                 ? 
_refine.pdbx_ls_cross_valid_method               ? 
_refine.details                                  
;A final round of refinement   
was performed by using all   
data including reflections   
set aside for cross-validation  
 in a "free" R-factor set. 
For last nucleotide U11, only  
the 5' phosphate group was observed.
;
_refine.pdbx_starting_model                      ? 
_refine.pdbx_method_to_determine_struct          ? 
_refine.pdbx_isotropic_thermal_model             ? 
_refine.pdbx_stereochemistry_target_values       'Engh & Huber' 
_refine.pdbx_stereochem_target_val_spec_case     ? 
_refine.pdbx_R_Free_selection_details            RANDOM 
_refine.pdbx_overall_ESU_R_Free                  ? 
_refine.overall_SU_B                             ? 
_refine.ls_redundancy_reflns_obs                 ? 
_refine.overall_SU_ML                            ? 
_refine.pdbx_overall_ESU_R                       ? 
_refine.pdbx_data_cutoff_high_rms_absF           ? 
_refine.correlation_coeff_Fo_to_Fc               ? 
_refine.correlation_coeff_Fo_to_Fc_free          ? 
_refine.overall_SU_R_Cruickshank_DPI             ? 
_refine.overall_SU_R_free                        ? 
_refine.pdbx_refine_id                           'X-RAY DIFFRACTION' 
_refine.pdbx_diffrn_id                           1 
_refine.pdbx_TLS_residual_ADP_flag               ? 
_refine.pdbx_solvent_vdw_probe_radii             ? 
_refine.pdbx_solvent_ion_probe_radii             ? 
_refine.pdbx_solvent_shrinkage_radii             ? 
_refine.pdbx_overall_phase_error                 ? 
_refine.pdbx_overall_SU_R_free_Cruickshank_DPI   ? 
_refine.pdbx_overall_SU_R_Blow_DPI               ? 
_refine.pdbx_overall_SU_R_free_Blow_DPI          ? 
# 
_refine_hist.pdbx_refine_id                   'X-RAY DIFFRACTION' 
_refine_hist.cycle_id                         LAST 
_refine_hist.pdbx_number_atoms_protein        1304 
_refine_hist.pdbx_number_atoms_nucleic_acid   167 
_refine_hist.pdbx_number_atoms_ligand         0 
_refine_hist.number_atoms_solvent             219 
_refine_hist.number_atoms_total               1690 
_refine_hist.d_res_high                       1.8 
_refine_hist.d_res_low                        30.45 
# 
loop_
_refine_ls_restr.type 
_refine_ls_restr.dev_ideal 
_refine_ls_restr.dev_ideal_target 
_refine_ls_restr.weight 
_refine_ls_restr.number 
_refine_ls_restr.pdbx_refine_id 
_refine_ls_restr.pdbx_restraint_function 
c_bond_d    0.005 ? ? ? 'X-RAY DIFFRACTION' ? 
c_angle_deg 1.21  ? ? ? 'X-RAY DIFFRACTION' ? 
# 
_struct.entry_id                  1FXL 
_struct.title                     'CRYSTAL STRUCTURE OF HUD AND AU-RICH ELEMENT OF THE C-FOS RNA' 
_struct.pdbx_model_details        ? 
_struct.pdbx_CASP_flag            ? 
_struct.pdbx_model_type_details   ? 
# 
_struct_keywords.entry_id        1FXL 
_struct_keywords.pdbx_keywords   TRANSCRIPTION/RNA 
_struct_keywords.text            'PROTEIN-RNA COMPLEX, HuD, AU-Rich Element, TRANSCRIPTION-RNA COMPLEX' 
# 
loop_
_struct_asym.id 
_struct_asym.pdbx_blank_PDB_chainid_flag 
_struct_asym.pdbx_modified 
_struct_asym.entity_id 
_struct_asym.details 
A N N 1 ? 
B N N 2 ? 
C N N 3 ? 
D N N 3 ? 
# 
loop_
_struct_ref.id 
_struct_ref.db_name 
_struct_ref.db_code 
_struct_ref.pdbx_db_accession 
_struct_ref.entity_id 
_struct_ref.pdbx_align_begin 
_struct_ref.pdbx_db_isoform 
_struct_ref.pdbx_seq_one_letter_code 
1 UNP ELAV4_HUMAN P26378 2 44 ? ? 
2 PDB 1FXL        1FXL   1 ?  ? ? 
# 
loop_
_struct_ref_seq.align_id 
_struct_ref_seq.ref_id 
_struct_ref_seq.pdbx_PDB_id_code 
_struct_ref_seq.pdbx_strand_id 
_struct_ref_seq.seq_align_beg 
_struct_ref_seq.pdbx_seq_align_beg_ins_code 
_struct_ref_seq.seq_align_end 
_struct_ref_seq.pdbx_seq_align_end_ins_code 
_struct_ref_seq.pdbx_db_accession 
_struct_ref_seq.db_align_beg 
_struct_ref_seq.pdbx_db_align_beg_ins_code 
_struct_ref_seq.db_align_end 
_struct_ref_seq.pdbx_db_align_end_ins_code 
_struct_ref_seq.pdbx_auth_seq_align_beg 
_struct_ref_seq.pdbx_auth_seq_align_end 
1 1 1FXL A 1 ? 167 ? P26378 44 ? 210 ? 37 203 
2 2 1FXL B 1 ? 9   ? 1FXL   3  ? 11  ? 3  11  
# 
_pdbx_struct_assembly.id                   1 
_pdbx_struct_assembly.details              author_defined_assembly 
_pdbx_struct_assembly.method_details       ? 
_pdbx_struct_assembly.oligomeric_details   dimeric 
_pdbx_struct_assembly.oligomeric_count     2 
# 
_pdbx_struct_assembly_gen.assembly_id       1 
_pdbx_struct_assembly_gen.oper_expression   1 
_pdbx_struct_assembly_gen.asym_id_list      A,B,C,D 
# 
_pdbx_struct_oper_list.id                   1 
_pdbx_struct_oper_list.type                 'identity operation' 
_pdbx_struct_oper_list.name                 1_555 
_pdbx_struct_oper_list.symmetry_operation   x,y,z 
_pdbx_struct_oper_list.matrix[1][1]         1.0000000000 
_pdbx_struct_oper_list.matrix[1][2]         0.0000000000 
_pdbx_struct_oper_list.matrix[1][3]         0.0000000000 
_pdbx_struct_oper_list.vector[1]            0.0000000000 
_pdbx_struct_oper_list.matrix[2][1]         0.0000000000 
_pdbx_struct_oper_list.matrix[2][2]         1.0000000000 
_pdbx_struct_oper_list.matrix[2][3]         0.0000000000 
_pdbx_struct_oper_list.vector[2]            0.0000000000 
_pdbx_struct_oper_list.matrix[3][1]         0.0000000000 
_pdbx_struct_oper_list.matrix[3][2]         0.0000000000 
_pdbx_struct_oper_list.matrix[3][3]         1.0000000000 
_pdbx_struct_oper_list.vector[3]            0.0000000000 
# 
_struct_biol.id                    1 
_struct_biol.pdbx_parent_biol_id   ? 
_struct_biol.details               ? 
# 
loop_
_struct_conf.conf_type_id 
_struct_conf.id 
_struct_conf.pdbx_PDB_helix_id 
_struct_conf.beg_label_comp_id 
_struct_conf.beg_label_asym_id 
_struct_conf.beg_label_seq_id 
_struct_conf.pdbx_beg_PDB_ins_code 
_struct_conf.end_label_comp_id 
_struct_conf.end_label_asym_id 
_struct_conf.end_label_seq_id 
_struct_conf.pdbx_end_PDB_ins_code 
_struct_conf.beg_auth_comp_id 
_struct_conf.beg_auth_asym_id 
_struct_conf.beg_auth_seq_id 
_struct_conf.end_auth_comp_id 
_struct_conf.end_auth_asym_id 
_struct_conf.end_auth_seq_id 
_struct_conf.pdbx_PDB_helix_class 
_struct_conf.details 
_struct_conf.pdbx_PDB_helix_length 
HELX_P HELX_P1 1 THR B 15  ? SER B 25  ? THR A 51  SER A 61  1 ? 11 
HELX_P HELX_P2 2 ASP B 53  ? ASN B 65  ? ASP A 89  ASN A 101 1 ? 13 
HELX_P HELX_P3 3 SER B 83  ? ARG B 87  ? SER A 119 ARG A 123 5 ? 5  
HELX_P HELX_P4 4 THR B 101 ? SER B 110 ? THR A 137 SER A 146 1 ? 10 
HELX_P HELX_P5 5 GLN B 111 ? GLY B 113 ? GLN A 147 GLY A 149 5 ? 3  
HELX_P HELX_P6 6 LYS B 139 ? ASN B 151 ? LYS A 175 ASN A 187 1 ? 13 
# 
_struct_conf_type.id          HELX_P 
_struct_conf_type.criteria    ? 
_struct_conf_type.reference   ? 
# 
loop_
_struct_sheet.id 
_struct_sheet.type 
_struct_sheet.number_strands 
_struct_sheet.details 
A ? 4 ? 
B ? 2 ? 
C ? 4 ? 
# 
loop_
_struct_sheet_order.sheet_id 
_struct_sheet_order.range_id_1 
_struct_sheet_order.range_id_2 
_struct_sheet_order.offset 
_struct_sheet_order.sense 
A 1 2 ? anti-parallel 
A 2 3 ? anti-parallel 
A 3 4 ? anti-parallel 
B 1 2 ? anti-parallel 
C 1 2 ? anti-parallel 
C 2 3 ? anti-parallel 
C 3 4 ? anti-parallel 
# 
loop_
_struct_sheet_range.sheet_id 
_struct_sheet_range.id 
_struct_sheet_range.beg_label_comp_id 
_struct_sheet_range.beg_label_asym_id 
_struct_sheet_range.beg_label_seq_id 
_struct_sheet_range.pdbx_beg_PDB_ins_code 
_struct_sheet_range.end_label_comp_id 
_struct_sheet_range.end_label_asym_id 
_struct_sheet_range.end_label_seq_id 
_struct_sheet_range.pdbx_end_PDB_ins_code 
_struct_sheet_range.beg_auth_comp_id 
_struct_sheet_range.beg_auth_asym_id 
_struct_sheet_range.beg_auth_seq_id 
_struct_sheet_range.end_auth_comp_id 
_struct_sheet_range.end_auth_asym_id 
_struct_sheet_range.end_auth_seq_id 
A 1 ILE B 29  ? ARG B 36  ? ILE A 65  ARG A 72  
A 2 SER B 43  ? TYR B 51  ? SER A 79  TYR A 87  
A 3 ASN B 4   ? ASN B 8   ? ASN A 40  ASN A 44  
A 4 LYS B 75  ? TYR B 78  ? LYS A 111 TYR A 114 
B 1 ARG B 68  ? LEU B 69  ? ARG A 104 LEU A 105 
B 2 LYS B 72  ? THR B 73  ? LYS A 108 THR A 109 
C 1 ILE B 115 ? VAL B 122 ? ILE A 151 VAL A 158 
C 2 SER B 129 ? PHE B 137 ? SER A 165 PHE A 173 
C 3 ASN B 90  ? SER B 94  ? ASN A 126 SER A 130 
C 4 THR B 163 ? PHE B 166 ? THR A 199 PHE A 202 
# 
loop_
_pdbx_struct_sheet_hbond.sheet_id 
_pdbx_struct_sheet_hbond.range_id_1 
_pdbx_struct_sheet_hbond.range_id_2 
_pdbx_struct_sheet_hbond.range_1_label_atom_id 
_pdbx_struct_sheet_hbond.range_1_label_comp_id 
_pdbx_struct_sheet_hbond.range_1_label_asym_id 
_pdbx_struct_sheet_hbond.range_1_label_seq_id 
_pdbx_struct_sheet_hbond.range_1_PDB_ins_code 
_pdbx_struct_sheet_hbond.range_1_auth_atom_id 
_pdbx_struct_sheet_hbond.range_1_auth_comp_id 
_pdbx_struct_sheet_hbond.range_1_auth_asym_id 
_pdbx_struct_sheet_hbond.range_1_auth_seq_id 
_pdbx_struct_sheet_hbond.range_2_label_atom_id 
_pdbx_struct_sheet_hbond.range_2_label_comp_id 
_pdbx_struct_sheet_hbond.range_2_label_asym_id 
_pdbx_struct_sheet_hbond.range_2_label_seq_id 
_pdbx_struct_sheet_hbond.range_2_PDB_ins_code 
_pdbx_struct_sheet_hbond.range_2_auth_atom_id 
_pdbx_struct_sheet_hbond.range_2_auth_comp_id 
_pdbx_struct_sheet_hbond.range_2_auth_asym_id 
_pdbx_struct_sheet_hbond.range_2_auth_seq_id 
A 1 2 O VAL B 35  ? O VAL A 71  N LEU B 44  ? N LEU A 80  
A 2 3 O VAL B 49  ? O VAL A 85  N LEU B 5   ? N LEU A 41  
A 3 4 N ASN B 8   ? N ASN A 44  O LYS B 75  ? O LYS A 111 
B 1 2 O LEU B 69  ? O LEU A 105 N LYS B 72  ? N LYS A 108 
C 1 2 O LEU B 121 ? O LEU A 157 N ARG B 130 ? N ARG A 166 
C 2 3 O ILE B 135 ? O ILE A 171 N LEU B 91  ? N LEU A 127 
C 3 4 O SER B 94  ? O SER A 130 N THR B 163 ? N THR A 199 
# 
_pdbx_validate_rmsd_bond.id                        1 
_pdbx_validate_rmsd_bond.PDB_model_num             1 
_pdbx_validate_rmsd_bond.auth_atom_id_1            P 
_pdbx_validate_rmsd_bond.auth_asym_id_1            B 
_pdbx_validate_rmsd_bond.auth_comp_id_1            U 
_pdbx_validate_rmsd_bond.auth_seq_id_1             3 
_pdbx_validate_rmsd_bond.PDB_ins_code_1            ? 
_pdbx_validate_rmsd_bond.label_alt_id_1            ? 
_pdbx_validate_rmsd_bond.auth_atom_id_2            OP3 
_pdbx_validate_rmsd_bond.auth_asym_id_2            B 
_pdbx_validate_rmsd_bond.auth_comp_id_2            U 
_pdbx_validate_rmsd_bond.auth_seq_id_2             3 
_pdbx_validate_rmsd_bond.PDB_ins_code_2            ? 
_pdbx_validate_rmsd_bond.label_alt_id_2            ? 
_pdbx_validate_rmsd_bond.bond_value                1.521 
_pdbx_validate_rmsd_bond.bond_target_value         1.607 
_pdbx_validate_rmsd_bond.bond_deviation            -0.086 
_pdbx_validate_rmsd_bond.bond_standard_deviation   0.012 
_pdbx_validate_rmsd_bond.linker_flag               N 
# 
loop_
_pdbx_validate_torsion.id 
_pdbx_validate_torsion.PDB_model_num 
_pdbx_validate_torsion.auth_comp_id 
_pdbx_validate_torsion.auth_asym_id 
_pdbx_validate_torsion.auth_seq_id 
_pdbx_validate_torsion.PDB_ins_code 
_pdbx_validate_torsion.label_alt_id 
_pdbx_validate_torsion.phi 
_pdbx_validate_torsion.psi 
1 1 LYS A 38  ? ? -165.55 -90.45  
2 1 GLN A 106 ? ? 54.46   -120.45 
3 1 VAL A 161 ? ? -160.07 -84.40  
4 1 SER A 192 ? ? -14.47  114.45  
# 
loop_
_chem_comp_atom.comp_id 
_chem_comp_atom.atom_id 
_chem_comp_atom.type_symbol 
_chem_comp_atom.pdbx_aromatic_flag 
_chem_comp_atom.pdbx_stereo_config 
_chem_comp_atom.pdbx_ordinal 
A   OP3    O N N 1   
A   P      P N N 2   
A   OP1    O N N 3   
A   OP2    O N N 4   
A   "O5'"  O N N 5   
A   "C5'"  C N N 6   
A   "C4'"  C N R 7   
A   "O4'"  O N N 8   
A   "C3'"  C N S 9   
A   "O3'"  O N N 10  
A   "C2'"  C N R 11  
A   "O2'"  O N N 12  
A   "C1'"  C N R 13  
A   N9     N Y N 14  
A   C8     C Y N 15  
A   N7     N Y N 16  
A   C5     C Y N 17  
A   C6     C Y N 18  
A   N6     N N N 19  
A   N1     N Y N 20  
A   C2     C Y N 21  
A   N3     N Y N 22  
A   C4     C Y N 23  
A   HOP3   H N N 24  
A   HOP2   H N N 25  
A   "H5'"  H N N 26  
A   "H5''" H N N 27  
A   "H4'"  H N N 28  
A   "H3'"  H N N 29  
A   "HO3'" H N N 30  
A   "H2'"  H N N 31  
A   "HO2'" H N N 32  
A   "H1'"  H N N 33  
A   H8     H N N 34  
A   H61    H N N 35  
A   H62    H N N 36  
A   H2     H N N 37  
ALA N      N N N 38  
ALA CA     C N S 39  
ALA C      C N N 40  
ALA O      O N N 41  
ALA CB     C N N 42  
ALA OXT    O N N 43  
ALA H      H N N 44  
ALA H2     H N N 45  
ALA HA     H N N 46  
ALA HB1    H N N 47  
ALA HB2    H N N 48  
ALA HB3    H N N 49  
ALA HXT    H N N 50  
ARG N      N N N 51  
ARG CA     C N S 52  
ARG C      C N N 53  
ARG O      O N N 54  
ARG CB     C N N 55  
ARG CG     C N N 56  
ARG CD     C N N 57  
ARG NE     N N N 58  
ARG CZ     C N N 59  
ARG NH1    N N N 60  
ARG NH2    N N N 61  
ARG OXT    O N N 62  
ARG H      H N N 63  
ARG H2     H N N 64  
ARG HA     H N N 65  
ARG HB2    H N N 66  
ARG HB3    H N N 67  
ARG HG2    H N N 68  
ARG HG3    H N N 69  
ARG HD2    H N N 70  
ARG HD3    H N N 71  
ARG HE     H N N 72  
ARG HH11   H N N 73  
ARG HH12   H N N 74  
ARG HH21   H N N 75  
ARG HH22   H N N 76  
ARG HXT    H N N 77  
ASN N      N N N 78  
ASN CA     C N S 79  
ASN C      C N N 80  
ASN O      O N N 81  
ASN CB     C N N 82  
ASN CG     C N N 83  
ASN OD1    O N N 84  
ASN ND2    N N N 85  
ASN OXT    O N N 86  
ASN H      H N N 87  
ASN H2     H N N 88  
ASN HA     H N N 89  
ASN HB2    H N N 90  
ASN HB3    H N N 91  
ASN HD21   H N N 92  
ASN HD22   H N N 93  
ASN HXT    H N N 94  
ASP N      N N N 95  
ASP CA     C N S 96  
ASP C      C N N 97  
ASP O      O N N 98  
ASP CB     C N N 99  
ASP CG     C N N 100 
ASP OD1    O N N 101 
ASP OD2    O N N 102 
ASP OXT    O N N 103 
ASP H      H N N 104 
ASP H2     H N N 105 
ASP HA     H N N 106 
ASP HB2    H N N 107 
ASP HB3    H N N 108 
ASP HD2    H N N 109 
ASP HXT    H N N 110 
CYS N      N N N 111 
CYS CA     C N R 112 
CYS C      C N N 113 
CYS O      O N N 114 
CYS CB     C N N 115 
CYS SG     S N N 116 
CYS OXT    O N N 117 
CYS H      H N N 118 
CYS H2     H N N 119 
CYS HA     H N N 120 
CYS HB2    H N N 121 
CYS HB3    H N N 122 
CYS HG     H N N 123 
CYS HXT    H N N 124 
GLN N      N N N 125 
GLN CA     C N S 126 
GLN C      C N N 127 
GLN O      O N N 128 
GLN CB     C N N 129 
GLN CG     C N N 130 
GLN CD     C N N 131 
GLN OE1    O N N 132 
GLN NE2    N N N 133 
GLN OXT    O N N 134 
GLN H      H N N 135 
GLN H2     H N N 136 
GLN HA     H N N 137 
GLN HB2    H N N 138 
GLN HB3    H N N 139 
GLN HG2    H N N 140 
GLN HG3    H N N 141 
GLN HE21   H N N 142 
GLN HE22   H N N 143 
GLN HXT    H N N 144 
GLU N      N N N 145 
GLU CA     C N S 146 
GLU C      C N N 147 
GLU O      O N N 148 
GLU CB     C N N 149 
GLU CG     C N N 150 
GLU CD     C N N 151 
GLU OE1    O N N 152 
GLU OE2    O N N 153 
GLU OXT    O N N 154 
GLU H      H N N 155 
GLU H2     H N N 156 
GLU HA     H N N 157 
GLU HB2    H N N 158 
GLU HB3    H N N 159 
GLU HG2    H N N 160 
GLU HG3    H N N 161 
GLU HE2    H N N 162 
GLU HXT    H N N 163 
GLY N      N N N 164 
GLY CA     C N N 165 
GLY C      C N N 166 
GLY O      O N N 167 
GLY OXT    O N N 168 
GLY H      H N N 169 
GLY H2     H N N 170 
GLY HA2    H N N 171 
GLY HA3    H N N 172 
GLY HXT    H N N 173 
HOH O      O N N 174 
HOH H1     H N N 175 
HOH H2     H N N 176 
ILE N      N N N 177 
ILE CA     C N S 178 
ILE C      C N N 179 
ILE O      O N N 180 
ILE CB     C N S 181 
ILE CG1    C N N 182 
ILE CG2    C N N 183 
ILE CD1    C N N 184 
ILE OXT    O N N 185 
ILE H      H N N 186 
ILE H2     H N N 187 
ILE HA     H N N 188 
ILE HB     H N N 189 
ILE HG12   H N N 190 
ILE HG13   H N N 191 
ILE HG21   H N N 192 
ILE HG22   H N N 193 
ILE HG23   H N N 194 
ILE HD11   H N N 195 
ILE HD12   H N N 196 
ILE HD13   H N N 197 
ILE HXT    H N N 198 
LEU N      N N N 199 
LEU CA     C N S 200 
LEU C      C N N 201 
LEU O      O N N 202 
LEU CB     C N N 203 
LEU CG     C N N 204 
LEU CD1    C N N 205 
LEU CD2    C N N 206 
LEU OXT    O N N 207 
LEU H      H N N 208 
LEU H2     H N N 209 
LEU HA     H N N 210 
LEU HB2    H N N 211 
LEU HB3    H N N 212 
LEU HG     H N N 213 
LEU HD11   H N N 214 
LEU HD12   H N N 215 
LEU HD13   H N N 216 
LEU HD21   H N N 217 
LEU HD22   H N N 218 
LEU HD23   H N N 219 
LEU HXT    H N N 220 
LYS N      N N N 221 
LYS CA     C N S 222 
LYS C      C N N 223 
LYS O      O N N 224 
LYS CB     C N N 225 
LYS CG     C N N 226 
LYS CD     C N N 227 
LYS CE     C N N 228 
LYS NZ     N N N 229 
LYS OXT    O N N 230 
LYS H      H N N 231 
LYS H2     H N N 232 
LYS HA     H N N 233 
LYS HB2    H N N 234 
LYS HB3    H N N 235 
LYS HG2    H N N 236 
LYS HG3    H N N 237 
LYS HD2    H N N 238 
LYS HD3    H N N 239 
LYS HE2    H N N 240 
LYS HE3    H N N 241 
LYS HZ1    H N N 242 
LYS HZ2    H N N 243 
LYS HZ3    H N N 244 
LYS HXT    H N N 245 
MET N      N N N 246 
MET CA     C N S 247 
MET C      C N N 248 
MET O      O N N 249 
MET CB     C N N 250 
MET CG     C N N 251 
MET SD     S N N 252 
MET CE     C N N 253 
MET OXT    O N N 254 
MET H      H N N 255 
MET H2     H N N 256 
MET HA     H N N 257 
MET HB2    H N N 258 
MET HB3    H N N 259 
MET HG2    H N N 260 
MET HG3    H N N 261 
MET HE1    H N N 262 
MET HE2    H N N 263 
MET HE3    H N N 264 
MET HXT    H N N 265 
PHE N      N N N 266 
PHE CA     C N S 267 
PHE C      C N N 268 
PHE O      O N N 269 
PHE CB     C N N 270 
PHE CG     C Y N 271 
PHE CD1    C Y N 272 
PHE CD2    C Y N 273 
PHE CE1    C Y N 274 
PHE CE2    C Y N 275 
PHE CZ     C Y N 276 
PHE OXT    O N N 277 
PHE H      H N N 278 
PHE H2     H N N 279 
PHE HA     H N N 280 
PHE HB2    H N N 281 
PHE HB3    H N N 282 
PHE HD1    H N N 283 
PHE HD2    H N N 284 
PHE HE1    H N N 285 
PHE HE2    H N N 286 
PHE HZ     H N N 287 
PHE HXT    H N N 288 
PRO N      N N N 289 
PRO CA     C N S 290 
PRO C      C N N 291 
PRO O      O N N 292 
PRO CB     C N N 293 
PRO CG     C N N 294 
PRO CD     C N N 295 
PRO OXT    O N N 296 
PRO H      H N N 297 
PRO HA     H N N 298 
PRO HB2    H N N 299 
PRO HB3    H N N 300 
PRO HG2    H N N 301 
PRO HG3    H N N 302 
PRO HD2    H N N 303 
PRO HD3    H N N 304 
PRO HXT    H N N 305 
SER N      N N N 306 
SER CA     C N S 307 
SER C      C N N 308 
SER O      O N N 309 
SER CB     C N N 310 
SER OG     O N N 311 
SER OXT    O N N 312 
SER H      H N N 313 
SER H2     H N N 314 
SER HA     H N N 315 
SER HB2    H N N 316 
SER HB3    H N N 317 
SER HG     H N N 318 
SER HXT    H N N 319 
THR N      N N N 320 
THR CA     C N S 321 
THR C      C N N 322 
THR O      O N N 323 
THR CB     C N R 324 
THR OG1    O N N 325 
THR CG2    C N N 326 
THR OXT    O N N 327 
THR H      H N N 328 
THR H2     H N N 329 
THR HA     H N N 330 
THR HB     H N N 331 
THR HG1    H N N 332 
THR HG21   H N N 333 
THR HG22   H N N 334 
THR HG23   H N N 335 
THR HXT    H N N 336 
TYR N      N N N 337 
TYR CA     C N S 338 
TYR C      C N N 339 
TYR O      O N N 340 
TYR CB     C N N 341 
TYR CG     C Y N 342 
TYR CD1    C Y N 343 
TYR CD2    C Y N 344 
TYR CE1    C Y N 345 
TYR CE2    C Y N 346 
TYR CZ     C Y N 347 
TYR OH     O N N 348 
TYR OXT    O N N 349 
TYR H      H N N 350 
TYR H2     H N N 351 
TYR HA     H N N 352 
TYR HB2    H N N 353 
TYR HB3    H N N 354 
TYR HD1    H N N 355 
TYR HD2    H N N 356 
TYR HE1    H N N 357 
TYR HE2    H N N 358 
TYR HH     H N N 359 
TYR HXT    H N N 360 
U   OP3    O N N 361 
U   P      P N N 362 
U   OP1    O N N 363 
U   OP2    O N N 364 
U   "O5'"  O N N 365 
U   "C5'"  C N N 366 
U   "C4'"  C N R 367 
U   "O4'"  O N N 368 
U   "C3'"  C N S 369 
U   "O3'"  O N N 370 
U   "C2'"  C N R 371 
U   "O2'"  O N N 372 
U   "C1'"  C N R 373 
U   N1     N N N 374 
U   C2     C N N 375 
U   O2     O N N 376 
U   N3     N N N 377 
U   C4     C N N 378 
U   O4     O N N 379 
U   C5     C N N 380 
U   C6     C N N 381 
U   HOP3   H N N 382 
U   HOP2   H N N 383 
U   "H5'"  H N N 384 
U   "H5''" H N N 385 
U   "H4'"  H N N 386 
U   "H3'"  H N N 387 
U   "HO3'" H N N 388 
U   "H2'"  H N N 389 
U   "HO2'" H N N 390 
U   "H1'"  H N N 391 
U   H3     H N N 392 
U   H5     H N N 393 
U   H6     H N N 394 
VAL N      N N N 395 
VAL CA     C N S 396 
VAL C      C N N 397 
VAL O      O N N 398 
VAL CB     C N N 399 
VAL CG1    C N N 400 
VAL CG2    C N N 401 
VAL OXT    O N N 402 
VAL H      H N N 403 
VAL H2     H N N 404 
VAL HA     H N N 405 
VAL HB     H N N 406 
VAL HG11   H N N 407 
VAL HG12   H N N 408 
VAL HG13   H N N 409 
VAL HG21   H N N 410 
VAL HG22   H N N 411 
VAL HG23   H N N 412 
VAL HXT    H N N 413 
# 
loop_
_chem_comp_bond.comp_id 
_chem_comp_bond.atom_id_1 
_chem_comp_bond.atom_id_2 
_chem_comp_bond.value_order 
_chem_comp_bond.pdbx_aromatic_flag 
_chem_comp_bond.pdbx_stereo_config 
_chem_comp_bond.pdbx_ordinal 
A   OP3   P      sing N N 1   
A   OP3   HOP3   sing N N 2   
A   P     OP1    doub N N 3   
A   P     OP2    sing N N 4   
A   P     "O5'"  sing N N 5   
A   OP2   HOP2   sing N N 6   
A   "O5'" "C5'"  sing N N 7   
A   "C5'" "C4'"  sing N N 8   
A   "C5'" "H5'"  sing N N 9   
A   "C5'" "H5''" sing N N 10  
A   "C4'" "O4'"  sing N N 11  
A   "C4'" "C3'"  sing N N 12  
A   "C4'" "H4'"  sing N N 13  
A   "O4'" "C1'"  sing N N 14  
A   "C3'" "O3'"  sing N N 15  
A   "C3'" "C2'"  sing N N 16  
A   "C3'" "H3'"  sing N N 17  
A   "O3'" "HO3'" sing N N 18  
A   "C2'" "O2'"  sing N N 19  
A   "C2'" "C1'"  sing N N 20  
A   "C2'" "H2'"  sing N N 21  
A   "O2'" "HO2'" sing N N 22  
A   "C1'" N9     sing N N 23  
A   "C1'" "H1'"  sing N N 24  
A   N9    C8     sing Y N 25  
A   N9    C4     sing Y N 26  
A   C8    N7     doub Y N 27  
A   C8    H8     sing N N 28  
A   N7    C5     sing Y N 29  
A   C5    C6     sing Y N 30  
A   C5    C4     doub Y N 31  
A   C6    N6     sing N N 32  
A   C6    N1     doub Y N 33  
A   N6    H61    sing N N 34  
A   N6    H62    sing N N 35  
A   N1    C2     sing Y N 36  
A   C2    N3     doub Y N 37  
A   C2    H2     sing N N 38  
A   N3    C4     sing Y N 39  
ALA N     CA     sing N N 40  
ALA N     H      sing N N 41  
ALA N     H2     sing N N 42  
ALA CA    C      sing N N 43  
ALA CA    CB     sing N N 44  
ALA CA    HA     sing N N 45  
ALA C     O      doub N N 46  
ALA C     OXT    sing N N 47  
ALA CB    HB1    sing N N 48  
ALA CB    HB2    sing N N 49  
ALA CB    HB3    sing N N 50  
ALA OXT   HXT    sing N N 51  
ARG N     CA     sing N N 52  
ARG N     H      sing N N 53  
ARG N     H2     sing N N 54  
ARG CA    C      sing N N 55  
ARG CA    CB     sing N N 56  
ARG CA    HA     sing N N 57  
ARG C     O      doub N N 58  
ARG C     OXT    sing N N 59  
ARG CB    CG     sing N N 60  
ARG CB    HB2    sing N N 61  
ARG CB    HB3    sing N N 62  
ARG CG    CD     sing N N 63  
ARG CG    HG2    sing N N 64  
ARG CG    HG3    sing N N 65  
ARG CD    NE     sing N N 66  
ARG CD    HD2    sing N N 67  
ARG CD    HD3    sing N N 68  
ARG NE    CZ     sing N N 69  
ARG NE    HE     sing N N 70  
ARG CZ    NH1    sing N N 71  
ARG CZ    NH2    doub N N 72  
ARG NH1   HH11   sing N N 73  
ARG NH1   HH12   sing N N 74  
ARG NH2   HH21   sing N N 75  
ARG NH2   HH22   sing N N 76  
ARG OXT   HXT    sing N N 77  
ASN N     CA     sing N N 78  
ASN N     H      sing N N 79  
ASN N     H2     sing N N 80  
ASN CA    C      sing N N 81  
ASN CA    CB     sing N N 82  
ASN CA    HA     sing N N 83  
ASN C     O      doub N N 84  
ASN C     OXT    sing N N 85  
ASN CB    CG     sing N N 86  
ASN CB    HB2    sing N N 87  
ASN CB    HB3    sing N N 88  
ASN CG    OD1    doub N N 89  
ASN CG    ND2    sing N N 90  
ASN ND2   HD21   sing N N 91  
ASN ND2   HD22   sing N N 92  
ASN OXT   HXT    sing N N 93  
ASP N     CA     sing N N 94  
ASP N     H      sing N N 95  
ASP N     H2     sing N N 96  
ASP CA    C      sing N N 97  
ASP CA    CB     sing N N 98  
ASP CA    HA     sing N N 99  
ASP C     O      doub N N 100 
ASP C     OXT    sing N N 101 
ASP CB    CG     sing N N 102 
ASP CB    HB2    sing N N 103 
ASP CB    HB3    sing N N 104 
ASP CG    OD1    doub N N 105 
ASP CG    OD2    sing N N 106 
ASP OD2   HD2    sing N N 107 
ASP OXT   HXT    sing N N 108 
CYS N     CA     sing N N 109 
CYS N     H      sing N N 110 
CYS N     H2     sing N N 111 
CYS CA    C      sing N N 112 
CYS CA    CB     sing N N 113 
CYS CA    HA     sing N N 114 
CYS C     O      doub N N 115 
CYS C     OXT    sing N N 116 
CYS CB    SG     sing N N 117 
CYS CB    HB2    sing N N 118 
CYS CB    HB3    sing N N 119 
CYS SG    HG     sing N N 120 
CYS OXT   HXT    sing N N 121 
GLN N     CA     sing N N 122 
GLN N     H      sing N N 123 
GLN N     H2     sing N N 124 
GLN CA    C      sing N N 125 
GLN CA    CB     sing N N 126 
GLN CA    HA     sing N N 127 
GLN C     O      doub N N 128 
GLN C     OXT    sing N N 129 
GLN CB    CG     sing N N 130 
GLN CB    HB2    sing N N 131 
GLN CB    HB3    sing N N 132 
GLN CG    CD     sing N N 133 
GLN CG    HG2    sing N N 134 
GLN CG    HG3    sing N N 135 
GLN CD    OE1    doub N N 136 
GLN CD    NE2    sing N N 137 
GLN NE2   HE21   sing N N 138 
GLN NE2   HE22   sing N N 139 
GLN OXT   HXT    sing N N 140 
GLU N     CA     sing N N 141 
GLU N     H      sing N N 142 
GLU N     H2     sing N N 143 
GLU CA    C      sing N N 144 
GLU CA    CB     sing N N 145 
GLU CA    HA     sing N N 146 
GLU C     O      doub N N 147 
GLU C     OXT    sing N N 148 
GLU CB    CG     sing N N 149 
GLU CB    HB2    sing N N 150 
GLU CB    HB3    sing N N 151 
GLU CG    CD     sing N N 152 
GLU CG    HG2    sing N N 153 
GLU CG    HG3    sing N N 154 
GLU CD    OE1    doub N N 155 
GLU CD    OE2    sing N N 156 
GLU OE2   HE2    sing N N 157 
GLU OXT   HXT    sing N N 158 
GLY N     CA     sing N N 159 
GLY N     H      sing N N 160 
GLY N     H2     sing N N 161 
GLY CA    C      sing N N 162 
GLY CA    HA2    sing N N 163 
GLY CA    HA3    sing N N 164 
GLY C     O      doub N N 165 
GLY C     OXT    sing N N 166 
GLY OXT   HXT    sing N N 167 
HOH O     H1     sing N N 168 
HOH O     H2     sing N N 169 
ILE N     CA     sing N N 170 
ILE N     H      sing N N 171 
ILE N     H2     sing N N 172 
ILE CA    C      sing N N 173 
ILE CA    CB     sing N N 174 
ILE CA    HA     sing N N 175 
ILE C     O      doub N N 176 
ILE C     OXT    sing N N 177 
ILE CB    CG1    sing N N 178 
ILE CB    CG2    sing N N 179 
ILE CB    HB     sing N N 180 
ILE CG1   CD1    sing N N 181 
ILE CG1   HG12   sing N N 182 
ILE CG1   HG13   sing N N 183 
ILE CG2   HG21   sing N N 184 
ILE CG2   HG22   sing N N 185 
ILE CG2   HG23   sing N N 186 
ILE CD1   HD11   sing N N 187 
ILE CD1   HD12   sing N N 188 
ILE CD1   HD13   sing N N 189 
ILE OXT   HXT    sing N N 190 
LEU N     CA     sing N N 191 
LEU N     H      sing N N 192 
LEU N     H2     sing N N 193 
LEU CA    C      sing N N 194 
LEU CA    CB     sing N N 195 
LEU CA    HA     sing N N 196 
LEU C     O      doub N N 197 
LEU C     OXT    sing N N 198 
LEU CB    CG     sing N N 199 
LEU CB    HB2    sing N N 200 
LEU CB    HB3    sing N N 201 
LEU CG    CD1    sing N N 202 
LEU CG    CD2    sing N N 203 
LEU CG    HG     sing N N 204 
LEU CD1   HD11   sing N N 205 
LEU CD1   HD12   sing N N 206 
LEU CD1   HD13   sing N N 207 
LEU CD2   HD21   sing N N 208 
LEU CD2   HD22   sing N N 209 
LEU CD2   HD23   sing N N 210 
LEU OXT   HXT    sing N N 211 
LYS N     CA     sing N N 212 
LYS N     H      sing N N 213 
LYS N     H2     sing N N 214 
LYS CA    C      sing N N 215 
LYS CA    CB     sing N N 216 
LYS CA    HA     sing N N 217 
LYS C     O      doub N N 218 
LYS C     OXT    sing N N 219 
LYS CB    CG     sing N N 220 
LYS CB    HB2    sing N N 221 
LYS CB    HB3    sing N N 222 
LYS CG    CD     sing N N 223 
LYS CG    HG2    sing N N 224 
LYS CG    HG3    sing N N 225 
LYS CD    CE     sing N N 226 
LYS CD    HD2    sing N N 227 
LYS CD    HD3    sing N N 228 
LYS CE    NZ     sing N N 229 
LYS CE    HE2    sing N N 230 
LYS CE    HE3    sing N N 231 
LYS NZ    HZ1    sing N N 232 
LYS NZ    HZ2    sing N N 233 
LYS NZ    HZ3    sing N N 234 
LYS OXT   HXT    sing N N 235 
MET N     CA     sing N N 236 
MET N     H      sing N N 237 
MET N     H2     sing N N 238 
MET CA    C      sing N N 239 
MET CA    CB     sing N N 240 
MET CA    HA     sing N N 241 
MET C     O      doub N N 242 
MET C     OXT    sing N N 243 
MET CB    CG     sing N N 244 
MET CB    HB2    sing N N 245 
MET CB    HB3    sing N N 246 
MET CG    SD     sing N N 247 
MET CG    HG2    sing N N 248 
MET CG    HG3    sing N N 249 
MET SD    CE     sing N N 250 
MET CE    HE1    sing N N 251 
MET CE    HE2    sing N N 252 
MET CE    HE3    sing N N 253 
MET OXT   HXT    sing N N 254 
PHE N     CA     sing N N 255 
PHE N     H      sing N N 256 
PHE N     H2     sing N N 257 
PHE CA    C      sing N N 258 
PHE CA    CB     sing N N 259 
PHE CA    HA     sing N N 260 
PHE C     O      doub N N 261 
PHE C     OXT    sing N N 262 
PHE CB    CG     sing N N 263 
PHE CB    HB2    sing N N 264 
PHE CB    HB3    sing N N 265 
PHE CG    CD1    doub Y N 266 
PHE CG    CD2    sing Y N 267 
PHE CD1   CE1    sing Y N 268 
PHE CD1   HD1    sing N N 269 
PHE CD2   CE2    doub Y N 270 
PHE CD2   HD2    sing N N 271 
PHE CE1   CZ     doub Y N 272 
PHE CE1   HE1    sing N N 273 
PHE CE2   CZ     sing Y N 274 
PHE CE2   HE2    sing N N 275 
PHE CZ    HZ     sing N N 276 
PHE OXT   HXT    sing N N 277 
PRO N     CA     sing N N 278 
PRO N     CD     sing N N 279 
PRO N     H      sing N N 280 
PRO CA    C      sing N N 281 
PRO CA    CB     sing N N 282 
PRO CA    HA     sing N N 283 
PRO C     O      doub N N 284 
PRO C     OXT    sing N N 285 
PRO CB    CG     sing N N 286 
PRO CB    HB2    sing N N 287 
PRO CB    HB3    sing N N 288 
PRO CG    CD     sing N N 289 
PRO CG    HG2    sing N N 290 
PRO CG    HG3    sing N N 291 
PRO CD    HD2    sing N N 292 
PRO CD    HD3    sing N N 293 
PRO OXT   HXT    sing N N 294 
SER N     CA     sing N N 295 
SER N     H      sing N N 296 
SER N     H2     sing N N 297 
SER CA    C      sing N N 298 
SER CA    CB     sing N N 299 
SER CA    HA     sing N N 300 
SER C     O      doub N N 301 
SER C     OXT    sing N N 302 
SER CB    OG     sing N N 303 
SER CB    HB2    sing N N 304 
SER CB    HB3    sing N N 305 
SER OG    HG     sing N N 306 
SER OXT   HXT    sing N N 307 
THR N     CA     sing N N 308 
THR N     H      sing N N 309 
THR N     H2     sing N N 310 
THR CA    C      sing N N 311 
THR CA    CB     sing N N 312 
THR CA    HA     sing N N 313 
THR C     O      doub N N 314 
THR C     OXT    sing N N 315 
THR CB    OG1    sing N N 316 
THR CB    CG2    sing N N 317 
THR CB    HB     sing N N 318 
THR OG1   HG1    sing N N 319 
THR CG2   HG21   sing N N 320 
THR CG2   HG22   sing N N 321 
THR CG2   HG23   sing N N 322 
THR OXT   HXT    sing N N 323 
TYR N     CA     sing N N 324 
TYR N     H      sing N N 325 
TYR N     H2     sing N N 326 
TYR CA    C      sing N N 327 
TYR CA    CB     sing N N 328 
TYR CA    HA     sing N N 329 
TYR C     O      doub N N 330 
TYR C     OXT    sing N N 331 
TYR CB    CG     sing N N 332 
TYR CB    HB2    sing N N 333 
TYR CB    HB3    sing N N 334 
TYR CG    CD1    doub Y N 335 
TYR CG    CD2    sing Y N 336 
TYR CD1   CE1    sing Y N 337 
TYR CD1   HD1    sing N N 338 
TYR CD2   CE2    doub Y N 339 
TYR CD2   HD2    sing N N 340 
TYR CE1   CZ     doub Y N 341 
TYR CE1   HE1    sing N N 342 
TYR CE2   CZ     sing Y N 343 
TYR CE2   HE2    sing N N 344 
TYR CZ    OH     sing N N 345 
TYR OH    HH     sing N N 346 
TYR OXT   HXT    sing N N 347 
U   OP3   P      sing N N 348 
U   OP3   HOP3   sing N N 349 
U   P     OP1    doub N N 350 
U   P     OP2    sing N N 351 
U   P     "O5'"  sing N N 352 
U   OP2   HOP2   sing N N 353 
U   "O5'" "C5'"  sing N N 354 
U   "C5'" "C4'"  sing N N 355 
U   "C5'" "H5'"  sing N N 356 
U   "C5'" "H5''" sing N N 357 
U   "C4'" "O4'"  sing N N 358 
U   "C4'" "C3'"  sing N N 359 
U   "C4'" "H4'"  sing N N 360 
U   "O4'" "C1'"  sing N N 361 
U   "C3'" "O3'"  sing N N 362 
U   "C3'" "C2'"  sing N N 363 
U   "C3'" "H3'"  sing N N 364 
U   "O3'" "HO3'" sing N N 365 
U   "C2'" "O2'"  sing N N 366 
U   "C2'" "C1'"  sing N N 367 
U   "C2'" "H2'"  sing N N 368 
U   "O2'" "HO2'" sing N N 369 
U   "C1'" N1     sing N N 370 
U   "C1'" "H1'"  sing N N 371 
U   N1    C2     sing N N 372 
U   N1    C6     sing N N 373 
U   C2    O2     doub N N 374 
U   C2    N3     sing N N 375 
U   N3    C4     sing N N 376 
U   N3    H3     sing N N 377 
U   C4    O4     doub N N 378 
U   C4    C5     sing N N 379 
U   C5    C6     doub N N 380 
U   C5    H5     sing N N 381 
U   C6    H6     sing N N 382 
VAL N     CA     sing N N 383 
VAL N     H      sing N N 384 
VAL N     H2     sing N N 385 
VAL CA    C      sing N N 386 
VAL CA    CB     sing N N 387 
VAL CA    HA     sing N N 388 
VAL C     O      doub N N 389 
VAL C     OXT    sing N N 390 
VAL CB    CG1    sing N N 391 
VAL CB    CG2    sing N N 392 
VAL CB    HB     sing N N 393 
VAL CG1   HG11   sing N N 394 
VAL CG1   HG12   sing N N 395 
VAL CG1   HG13   sing N N 396 
VAL CG2   HG21   sing N N 397 
VAL CG2   HG22   sing N N 398 
VAL CG2   HG23   sing N N 399 
VAL OXT   HXT    sing N N 400 
# 
_atom_sites.entry_id                    1FXL 
_atom_sites.fract_transf_matrix[1][1]   -0.01950207 
_atom_sites.fract_transf_matrix[1][2]   -0.01072569 
_atom_sites.fract_transf_matrix[1][3]   0.02621803 
_atom_sites.fract_transf_matrix[2][1]   -0.00204376 
_atom_sites.fract_transf_matrix[2][2]   0.00955799 
_atom_sites.fract_transf_matrix[2][3]   0.00238990 
_atom_sites.fract_transf_matrix[3][1]   -0.02894807 
_atom_sites.fract_transf_matrix[3][2]   -0.00335770 
_atom_sites.fract_transf_matrix[3][3]   -0.01132687 
_atom_sites.fract_transf_vector[1]      0.093755 
_atom_sites.fract_transf_vector[2]      0.099331 
_atom_sites.fract_transf_vector[3]      -0.163408 
# 
loop_
_atom_type.symbol 
C 
N 
O 
P 
S 
# 
loop_
_atom_site.group_PDB 
_atom_site.id 
_atom_site.type_symbol 
_atom_site.label_atom_id 
_atom_site.label_alt_id 
_atom_site.label_comp_id 
_atom_site.label_asym_id 
_atom_site.label_entity_id 
_atom_site.label_seq_id 
_atom_site.pdbx_PDB_ins_code 
_atom_site.Cartn_x 
_atom_site.Cartn_y 
_atom_site.Cartn_z 
_atom_site.occupancy 
_atom_site.B_iso_or_equiv 
_atom_site.pdbx_formal_charge 
_atom_site.auth_seq_id 
_atom_site.auth_comp_id 
_atom_site.auth_asym_id 
_atom_site.auth_atom_id 
_atom_site.pdbx_PDB_model_num 
ATOM   1    O OP3   . U   A 1 1   ? -3.303  13.092  13.498  1.00 57.44 ? 3   U   B OP3   1 
ATOM   2    P P     . U   A 1 1   ? -4.090  12.837  12.222  1.00 56.87 ? 3   U   B P     1 
ATOM   3    O OP1   . U   A 1 1   ? -3.537  13.611  11.034  1.00 55.12 ? 3   U   B OP1   1 
ATOM   4    O OP2   . U   A 1 1   ? -5.592  13.014  12.399  1.00 56.48 ? 3   U   B OP2   1 
ATOM   5    O "O5'" . U   A 1 1   ? -3.868  11.259  11.880  1.00 50.36 ? 3   U   B "O5'" 1 
ATOM   6    C "C5'" . U   A 1 1   ? -4.524  10.646  10.757  1.00 43.22 ? 3   U   B "C5'" 1 
ATOM   7    C "C4'" . U   A 1 1   ? -4.027  9.234   10.574  1.00 38.03 ? 3   U   B "C4'" 1 
ATOM   8    O "O4'" . U   A 1 1   ? -2.572  9.251   10.582  1.00 37.13 ? 3   U   B "O4'" 1 
ATOM   9    C "C3'" . U   A 1 1   ? -4.434  8.241   11.659  1.00 35.36 ? 3   U   B "C3'" 1 
ATOM   10   O "O3'" . U   A 1 1   ? -4.591  6.960   11.058  1.00 32.24 ? 3   U   B "O3'" 1 
ATOM   11   C "C2'" . U   A 1 1   ? -3.216  8.261   12.581  1.00 35.96 ? 3   U   B "C2'" 1 
ATOM   12   O "O2'" . U   A 1 1   ? -3.059  7.111   13.389  1.00 36.06 ? 3   U   B "O2'" 1 
ATOM   13   C "C1'" . U   A 1 1   ? -2.093  8.340   11.553  1.00 35.62 ? 3   U   B "C1'" 1 
ATOM   14   N N1    . U   A 1 1   ? -0.824  8.855   12.085  1.00 34.25 ? 3   U   B N1    1 
ATOM   15   C C2    . U   A 1 1   ? 0.255   7.984   12.134  1.00 34.03 ? 3   U   B C2    1 
ATOM   16   O O2    . U   A 1 1   ? 0.186   6.821   11.764  1.00 34.53 ? 3   U   B O2    1 
ATOM   17   N N3    . U   A 1 1   ? 1.416   8.527   12.628  1.00 32.87 ? 3   U   B N3    1 
ATOM   18   C C4    . U   A 1 1   ? 1.604   9.827   13.069  1.00 33.40 ? 3   U   B C4    1 
ATOM   19   O O4    . U   A 1 1   ? 2.720   10.182  13.444  1.00 34.13 ? 3   U   B O4    1 
ATOM   20   C C5    . U   A 1 1   ? 0.441   10.660  12.995  1.00 32.23 ? 3   U   B C5    1 
ATOM   21   C C6    . U   A 1 1   ? -0.704  10.159  12.518  1.00 32.83 ? 3   U   B C6    1 
ATOM   22   P P     . U   A 1 2   ? -6.059  6.329   10.888  1.00 30.02 ? 4   U   B P     1 
ATOM   23   O OP1   . U   A 1 2   ? -6.997  7.207   11.632  1.00 34.72 ? 4   U   B OP1   1 
ATOM   24   O OP2   . U   A 1 2   ? -5.981  4.887   11.217  1.00 31.87 ? 4   U   B OP2   1 
ATOM   25   O "O5'" . U   A 1 2   ? -6.379  6.484   9.337   1.00 28.13 ? 4   U   B "O5'" 1 
ATOM   26   C "C5'" . U   A 1 2   ? -6.614  7.768   8.772   1.00 25.99 ? 4   U   B "C5'" 1 
ATOM   27   C "C4'" . U   A 1 2   ? -6.229  7.774   7.313   1.00 22.60 ? 4   U   B "C4'" 1 
ATOM   28   O "O4'" . U   A 1 2   ? -4.812  7.467   7.198   1.00 20.73 ? 4   U   B "O4'" 1 
ATOM   29   C "C3'" . U   A 1 2   ? -6.945  6.751   6.437   1.00 21.84 ? 4   U   B "C3'" 1 
ATOM   30   O "O3'" . U   A 1 2   ? -7.084  7.292   5.137   1.00 23.32 ? 4   U   B "O3'" 1 
ATOM   31   C "C2'" . U   A 1 2   ? -5.944  5.604   6.387   1.00 20.78 ? 4   U   B "C2'" 1 
ATOM   32   O "O2'" . U   A 1 2   ? -6.112  4.770   5.256   1.00 20.21 ? 4   U   B "O2'" 1 
ATOM   33   C "C1'" . U   A 1 2   ? -4.636  6.386   6.307   1.00 19.42 ? 4   U   B "C1'" 1 
ATOM   34   N N1    . U   A 1 2   ? -3.472  5.615   6.752   1.00 17.91 ? 4   U   B N1    1 
ATOM   35   C C2    . U   A 1 2   ? -2.514  5.303   5.813   1.00 17.84 ? 4   U   B C2    1 
ATOM   36   O O2    . U   A 1 2   ? -2.587  5.653   4.647   1.00 20.05 ? 4   U   B O2    1 
ATOM   37   N N3    . U   A 1 2   ? -1.462  4.570   6.287   1.00 16.81 ? 4   U   B N3    1 
ATOM   38   C C4    . U   A 1 2   ? -1.276  4.132   7.575   1.00 17.34 ? 4   U   B C4    1 
ATOM   39   O O4    . U   A 1 2   ? -0.280  3.464   7.842   1.00 20.94 ? 4   U   B O4    1 
ATOM   40   C C5    . U   A 1 2   ? -2.307  4.502   8.489   1.00 17.95 ? 4   U   B C5    1 
ATOM   41   C C6    . U   A 1 2   ? -3.345  5.213   8.057   1.00 17.87 ? 4   U   B C6    1 
ATOM   42   P P     . U   A 1 3   ? -8.491  7.900   4.673   1.00 25.15 ? 5   U   B P     1 
ATOM   43   O OP1   . U   A 1 3   ? -8.248  8.579   3.377   1.00 26.10 ? 5   U   B OP1   1 
ATOM   44   O OP2   . U   A 1 3   ? -9.070  8.666   5.807   1.00 26.78 ? 5   U   B OP2   1 
ATOM   45   O "O5'" . U   A 1 3   ? -9.394  6.615   4.427   1.00 23.26 ? 5   U   B "O5'" 1 
ATOM   46   C "C5'" . U   A 1 3   ? -9.216  5.813   3.277   1.00 23.42 ? 5   U   B "C5'" 1 
ATOM   47   C "C4'" . U   A 1 3   ? -9.976  4.520   3.426   1.00 22.73 ? 5   U   B "C4'" 1 
ATOM   48   O "O4'" . U   A 1 3   ? -9.961  3.849   2.140   1.00 23.04 ? 5   U   B "O4'" 1 
ATOM   49   C "C3'" . U   A 1 3   ? -9.392  3.540   4.437   1.00 22.44 ? 5   U   B "C3'" 1 
ATOM   50   O "O3'" . U   A 1 3   ? -10.420 2.778   5.078   1.00 26.98 ? 5   U   B "O3'" 1 
ATOM   51   C "C2'" . U   A 1 3   ? -8.540  2.632   3.551   1.00 21.99 ? 5   U   B "C2'" 1 
ATOM   52   O "O2'" . U   A 1 3   ? -8.390  1.331   4.078   1.00 21.07 ? 5   U   B "O2'" 1 
ATOM   53   C "C1'" . U   A 1 3   ? -9.373  2.576   2.271   1.00 19.40 ? 5   U   B "C1'" 1 
ATOM   54   N N1    . U   A 1 3   ? -8.588  2.319   1.054   1.00 19.36 ? 5   U   B N1    1 
ATOM   55   C C2    . U   A 1 3   ? -9.042  1.332   0.200   1.00 17.36 ? 5   U   B C2    1 
ATOM   56   O O2    . U   A 1 3   ? -10.058 0.699   0.405   1.00 17.22 ? 5   U   B O2    1 
ATOM   57   N N3    . U   A 1 3   ? -8.265  1.119   -0.911  1.00 16.37 ? 5   U   B N3    1 
ATOM   58   C C4    . U   A 1 3   ? -7.105  1.781   -1.255  1.00 17.41 ? 5   U   B C4    1 
ATOM   59   O O4    . U   A 1 3   ? -6.506  1.453   -2.280  1.00 18.76 ? 5   U   B O4    1 
ATOM   60   C C5    . U   A 1 3   ? -6.704  2.798   -0.329  1.00 17.57 ? 5   U   B C5    1 
ATOM   61   C C6    . U   A 1 3   ? -7.441  3.026   0.769   1.00 18.23 ? 5   U   B C6    1 
ATOM   62   P P     . U   A 1 4   ? -11.019 3.238   6.514   1.00 28.78 ? 6   U   B P     1 
ATOM   63   O OP1   . U   A 1 4   ? -11.875 2.126   6.990   1.00 27.31 ? 6   U   B OP1   1 
ATOM   64   O OP2   . U   A 1 4   ? -11.592 4.606   6.376   1.00 30.31 ? 6   U   B OP2   1 
ATOM   65   O "O5'" . U   A 1 4   ? -9.783  3.348   7.510   1.00 27.35 ? 6   U   B "O5'" 1 
ATOM   66   C "C5'" . U   A 1 4   ? -8.868  2.282   7.653   1.00 27.75 ? 6   U   B "C5'" 1 
ATOM   67   C "C4'" . U   A 1 4   ? -7.728  2.697   8.544   1.00 26.88 ? 6   U   B "C4'" 1 
ATOM   68   O "O4'" . U   A 1 4   ? -8.133  2.559   9.930   1.00 26.32 ? 6   U   B "O4'" 1 
ATOM   69   C "C3'" . U   A 1 4   ? -6.509  1.812   8.388   1.00 24.62 ? 6   U   B "C3'" 1 
ATOM   70   O "O3'" . U   A 1 4   ? -5.680  2.417   7.412   1.00 22.11 ? 6   U   B "O3'" 1 
ATOM   71   C "C2'" . U   A 1 4   ? -5.862  1.849   9.766   1.00 26.90 ? 6   U   B "C2'" 1 
ATOM   72   O "O2'" . U   A 1 4   ? -4.967  2.927   9.937   1.00 30.21 ? 6   U   B "O2'" 1 
ATOM   73   C "C1'" . U   A 1 4   ? -7.076  1.998   10.684  1.00 28.86 ? 6   U   B "C1'" 1 
ATOM   74   N N1    . U   A 1 4   ? -7.537  0.719   11.240  1.00 32.26 ? 6   U   B N1    1 
ATOM   75   C C2    . U   A 1 4   ? -6.835  0.194   12.309  1.00 33.96 ? 6   U   B C2    1 
ATOM   76   O O2    . U   A 1 4   ? -5.842  0.725   12.776  1.00 35.05 ? 6   U   B O2    1 
ATOM   77   N N3    . U   A 1 4   ? -7.337  -0.978  12.811  1.00 35.54 ? 6   U   B N3    1 
ATOM   78   C C4    . U   A 1 4   ? -8.444  -1.669  12.358  1.00 37.38 ? 6   U   B C4    1 
ATOM   79   O O4    . U   A 1 4   ? -8.805  -2.687  12.952  1.00 39.11 ? 6   U   B O4    1 
ATOM   80   C C5    . U   A 1 4   ? -9.103  -1.072  11.231  1.00 35.53 ? 6   U   B C5    1 
ATOM   81   C C6    . U   A 1 4   ? -8.637  0.072   10.724  1.00 33.08 ? 6   U   B C6    1 
ATOM   82   P P     . A   A 1 5   ? -5.229  1.577   6.129   1.00 21.21 ? 7   A   B P     1 
ATOM   83   O OP1   . A   A 1 5   ? -4.494  2.523   5.248   1.00 20.08 ? 7   A   B OP1   1 
ATOM   84   O OP2   . A   A 1 5   ? -6.389  0.828   5.592   1.00 19.61 ? 7   A   B OP2   1 
ATOM   85   O "O5'" . A   A 1 5   ? -4.216  0.513   6.737   1.00 22.38 ? 7   A   B "O5'" 1 
ATOM   86   C "C5'" . A   A 1 5   ? -3.071  0.936   7.472   1.00 25.56 ? 7   A   B "C5'" 1 
ATOM   87   C "C4'" . A   A 1 5   ? -2.543  -0.203  8.304   1.00 27.83 ? 7   A   B "C4'" 1 
ATOM   88   O "O4'" . A   A 1 5   ? -3.429  -0.450  9.423   1.00 27.36 ? 7   A   B "O4'" 1 
ATOM   89   C "C3'" . A   A 1 5   ? -2.477  -1.534  7.581   1.00 29.23 ? 7   A   B "C3'" 1 
ATOM   90   O "O3'" . A   A 1 5   ? -1.267  -1.625  6.857   1.00 30.47 ? 7   A   B "O3'" 1 
ATOM   91   C "C2'" . A   A 1 5   ? -2.491  -2.524  8.736   1.00 31.27 ? 7   A   B "C2'" 1 
ATOM   92   O "O2'" . A   A 1 5   ? -1.218  -2.709  9.320   1.00 35.67 ? 7   A   B "O2'" 1 
ATOM   93   C "C1'" . A   A 1 5   ? -3.448  -1.837  9.712   1.00 30.30 ? 7   A   B "C1'" 1 
ATOM   94   N N9    . A   A 1 5   ? -4.812  -2.320  9.534   1.00 31.00 ? 7   A   B N9    1 
ATOM   95   C C8    . A   A 1 5   ? -5.699  -2.017  8.529   1.00 31.53 ? 7   A   B C8    1 
ATOM   96   N N7    . A   A 1 5   ? -6.841  -2.653  8.626   1.00 32.05 ? 7   A   B N7    1 
ATOM   97   C C5    . A   A 1 5   ? -6.696  -3.416  9.776   1.00 31.91 ? 7   A   B C5    1 
ATOM   98   C C6    . A   A 1 5   ? -7.552  -4.313  10.421  1.00 34.42 ? 7   A   B C6    1 
ATOM   99   N N6    . A   A 1 5   ? -8.768  -4.628  9.967   1.00 35.95 ? 7   A   B N6    1 
ATOM   100  N N1    . A   A 1 5   ? -7.110  -4.893  11.561  1.00 36.95 ? 7   A   B N1    1 
ATOM   101  C C2    . A   A 1 5   ? -5.879  -4.590  12.003  1.00 35.02 ? 7   A   B C2    1 
ATOM   102  N N3    . A   A 1 5   ? -4.977  -3.769  11.474  1.00 31.87 ? 7   A   B N3    1 
ATOM   103  C C4    . A   A 1 5   ? -5.456  -3.209  10.350  1.00 31.17 ? 7   A   B C4    1 
ATOM   104  P P     . U   A 1 6   ? -1.307  -1.675  5.258   1.00 30.91 ? 8   U   B P     1 
ATOM   105  O OP1   . U   A 1 6   ? -0.808  -0.364  4.763   1.00 28.83 ? 8   U   B OP1   1 
ATOM   106  O OP2   . U   A 1 6   ? -2.651  -2.154  4.834   1.00 31.74 ? 8   U   B OP2   1 
ATOM   107  O "O5'" . U   A 1 6   ? -0.240  -2.809  4.921   1.00 27.01 ? 8   U   B "O5'" 1 
ATOM   108  C "C5'" . U   A 1 6   ? -0.429  -4.143  5.382   1.00 21.08 ? 8   U   B "C5'" 1 
ATOM   109  C "C4'" . U   A 1 6   ? 0.666   -5.031  4.844   1.00 18.59 ? 8   U   B "C4'" 1 
ATOM   110  O "O4'" . U   A 1 6   ? 0.557   -5.090  3.394   1.00 15.10 ? 8   U   B "O4'" 1 
ATOM   111  C "C3'" . U   A 1 6   ? 2.083   -4.548  5.126   1.00 19.00 ? 8   U   B "C3'" 1 
ATOM   112  O "O3'" . U   A 1 6   ? 2.938   -5.678  5.199   1.00 22.46 ? 8   U   B "O3'" 1 
ATOM   113  C "C2'" . U   A 1 6   ? 2.383   -3.703  3.892   1.00 16.72 ? 8   U   B "C2'" 1 
ATOM   114  O "O2'" . U   A 1 6   ? 3.763   -3.528  3.636   1.00 17.07 ? 8   U   B "O2'" 1 
ATOM   115  C "C1'" . U   A 1 6   ? 1.718   -4.538  2.798   1.00 14.48 ? 8   U   B "C1'" 1 
ATOM   116  N N1    . U   A 1 6   ? 1.290   -3.741  1.640   1.00 12.64 ? 8   U   B N1    1 
ATOM   117  C C2    . U   A 1 6   ? 1.857   -4.018  0.402   1.00 13.00 ? 8   U   B C2    1 
ATOM   118  O O2    . U   A 1 6   ? 2.714   -4.879  0.239   1.00 11.38 ? 8   U   B O2    1 
ATOM   119  N N3    . U   A 1 6   ? 1.381   -3.248  -0.636  1.00 10.97 ? 8   U   B N3    1 
ATOM   120  C C4    . U   A 1 6   ? 0.427   -2.245  -0.556  1.00 11.15 ? 8   U   B C4    1 
ATOM   121  O O4    . U   A 1 6   ? 0.044   -1.692  -1.581  1.00 13.38 ? 8   U   B O4    1 
ATOM   122  C C5    . U   A 1 6   ? -0.086  -2.006  0.760   1.00 12.85 ? 8   U   B C5    1 
ATOM   123  C C6    . U   A 1 6   ? 0.347   -2.744  1.783   1.00 13.35 ? 8   U   B C6    1 
ATOM   124  P P     . U   A 1 7   ? 3.799   -5.947  6.525   1.00 25.89 ? 9   U   B P     1 
ATOM   125  O OP1   . U   A 1 7   ? 2.910   -5.752  7.700   1.00 27.01 ? 9   U   B OP1   1 
ATOM   126  O OP2   . U   A 1 7   ? 5.066   -5.183  6.420   1.00 24.76 ? 9   U   B OP2   1 
ATOM   127  O "O5'" . U   A 1 7   ? 4.165   -7.492  6.435   1.00 25.68 ? 9   U   B "O5'" 1 
ATOM   128  C "C5'" . U   A 1 7   ? 3.224   -8.493  6.802   1.00 25.85 ? 9   U   B "C5'" 1 
ATOM   129  C "C4'" . U   A 1 7   ? 3.650   -9.831  6.242   1.00 27.06 ? 9   U   B "C4'" 1 
ATOM   130  O "O4'" . U   A 1 7   ? 3.507   -9.808  4.789   1.00 26.39 ? 9   U   B "O4'" 1 
ATOM   131  C "C3'" . U   A 1 7   ? 5.108   -10.207 6.498   1.00 27.89 ? 9   U   B "C3'" 1 
ATOM   132  O "O3'" . U   A 1 7   ? 5.236   -11.630 6.522   1.00 30.69 ? 9   U   B "O3'" 1 
ATOM   133  C "C2'" . U   A 1 7   ? 5.780   -9.668  5.240   1.00 26.36 ? 9   U   B "C2'" 1 
ATOM   134  O "O2'" . U   A 1 7   ? 7.044   -10.250 4.992   1.00 26.33 ? 9   U   B "O2'" 1 
ATOM   135  C "C1'" . U   A 1 7   ? 4.755   -10.093 4.190   1.00 23.78 ? 9   U   B "C1'" 1 
ATOM   136  N N1    . U   A 1 7   ? 4.822   -9.380  2.907   1.00 19.28 ? 9   U   B N1    1 
ATOM   137  C C2    . U   A 1 7   ? 5.386   -10.050 1.828   1.00 17.74 ? 9   U   B C2    1 
ATOM   138  O O2    . U   A 1 7   ? 5.838   -11.184 1.910   1.00 15.18 ? 9   U   B O2    1 
ATOM   139  N N3    . U   A 1 7   ? 5.398   -9.344  0.651   1.00 16.73 ? 9   U   B N3    1 
ATOM   140  C C4    . U   A 1 7   ? 4.918   -8.063  0.443   1.00 16.24 ? 9   U   B C4    1 
ATOM   141  O O4    . U   A 1 7   ? 4.942   -7.587  -0.694  1.00 13.99 ? 9   U   B O4    1 
ATOM   142  C C5    . U   A 1 7   ? 4.366   -7.432  1.610   1.00 11.63 ? 9   U   B C5    1 
ATOM   143  C C6    . U   A 1 7   ? 4.337   -8.094  2.772   1.00 15.40 ? 9   U   B C6    1 
ATOM   144  P P     . U   A 1 8   ? 5.206   -12.418 7.923   1.00 31.26 ? 10  U   B P     1 
ATOM   145  O OP1   . U   A 1 8   ? 4.992   -11.416 8.999   1.00 29.01 ? 10  U   B OP1   1 
ATOM   146  O OP2   . U   A 1 8   ? 6.379   -13.324 7.985   1.00 30.94 ? 10  U   B OP2   1 
ATOM   147  O "O5'" . U   A 1 8   ? 3.906   -13.328 7.810   1.00 31.81 ? 10  U   B "O5'" 1 
ATOM   148  C "C5'" . U   A 1 8   ? 2.629   -12.832 8.191   1.00 32.23 ? 10  U   B "C5'" 1 
ATOM   149  C "C4'" . U   A 1 8   ? 1.553   -13.775 7.721   1.00 34.07 ? 10  U   B "C4'" 1 
ATOM   150  O "O4'" . U   A 1 8   ? 1.461   -13.717 6.273   1.00 30.77 ? 10  U   B "O4'" 1 
ATOM   151  C "C3'" . U   A 1 8   ? 1.785   -15.236 8.082   1.00 37.59 ? 10  U   B "C3'" 1 
ATOM   152  O "O3'" . U   A 1 8   ? 0.560   -15.829 8.502   1.00 46.83 ? 10  U   B "O3'" 1 
ATOM   153  C "C2'" . U   A 1 8   ? 2.284   -15.846 6.774   1.00 34.14 ? 10  U   B "C2'" 1 
ATOM   154  O "O2'" . U   A 1 8   ? 1.973   -17.221 6.663   1.00 34.90 ? 10  U   B "O2'" 1 
ATOM   155  C "C1'" . U   A 1 8   ? 1.515   -15.023 5.737   1.00 30.53 ? 10  U   B "C1'" 1 
ATOM   156  N N1    . U   A 1 8   ? 2.189   -14.948 4.428   1.00 24.06 ? 10  U   B N1    1 
ATOM   157  C C2    . U   A 1 8   ? 1.607   -15.596 3.345   1.00 22.47 ? 10  U   B C2    1 
ATOM   158  O O2    . U   A 1 8   ? 0.554   -16.209 3.418   1.00 20.02 ? 10  U   B O2    1 
ATOM   159  N N3    . U   A 1 8   ? 2.304   -15.486 2.164   1.00 22.34 ? 10  U   B N3    1 
ATOM   160  C C4    . U   A 1 8   ? 3.486   -14.800 1.951   1.00 18.94 ? 10  U   B C4    1 
ATOM   161  O O4    . U   A 1 8   ? 3.930   -14.705 0.805   1.00 19.16 ? 10  U   B O4    1 
ATOM   162  C C5    . U   A 1 8   ? 4.023   -14.160 3.115   1.00 20.01 ? 10  U   B C5    1 
ATOM   163  C C6    . U   A 1 8   ? 3.374   -14.252 4.283   1.00 23.33 ? 10  U   B C6    1 
ATOM   164  P P     . U   A 1 9   ? 0.368   -16.247 10.045  1.00 53.53 ? 11  U   B P     1 
ATOM   165  O OP1   . U   A 1 9   ? -1.020  -16.776 10.178  1.00 53.73 ? 11  U   B OP1   1 
ATOM   166  O OP2   . U   A 1 9   ? 0.802   -15.100 10.892  1.00 54.52 ? 11  U   B OP2   1 
ATOM   167  O "O5'" . U   A 1 9   ? 1.401   -17.449 10.253  1.00 55.19 ? 11  U   B "O5'" 1 
ATOM   168  N N     . SER B 2 1   ? 6.706   -9.872  -11.010 1.00 33.80 ? 37  SER A N     1 
ATOM   169  C CA    . SER B 2 1   ? 7.102   -11.020 -10.141 1.00 35.39 ? 37  SER A CA    1 
ATOM   170  C C     . SER B 2 1   ? 6.790   -12.388 -10.777 1.00 34.52 ? 37  SER A C     1 
ATOM   171  O O     . SER B 2 1   ? 7.472   -12.795 -11.717 1.00 37.14 ? 37  SER A O     1 
ATOM   172  C CB    . SER B 2 1   ? 6.415   -10.903 -8.775  1.00 36.40 ? 37  SER A CB    1 
ATOM   173  O OG    . SER B 2 1   ? 7.131   -11.601 -7.770  1.00 38.75 ? 37  SER A OG    1 
ATOM   174  N N     . LYS B 2 2   ? 5.755   -13.081 -10.296 1.00 31.42 ? 38  LYS A N     1 
ATOM   175  C CA    . LYS B 2 2   ? 5.440   -14.406 -10.828 1.00 24.87 ? 38  LYS A CA    1 
ATOM   176  C C     . LYS B 2 2   ? 4.047   -14.984 -10.470 1.00 20.51 ? 38  LYS A C     1 
ATOM   177  O O     . LYS B 2 2   ? 3.085   -14.746 -11.195 1.00 20.24 ? 38  LYS A O     1 
ATOM   178  C CB    . LYS B 2 2   ? 6.566   -15.349 -10.397 1.00 26.38 ? 38  LYS A CB    1 
ATOM   179  C CG    . LYS B 2 2   ? 6.450   -16.799 -10.784 1.00 28.02 ? 38  LYS A CG    1 
ATOM   180  C CD    . LYS B 2 2   ? 7.647   -17.534 -10.185 1.00 32.92 ? 38  LYS A CD    1 
ATOM   181  C CE    . LYS B 2 2   ? 7.315   -18.955 -9.729  1.00 34.30 ? 38  LYS A CE    1 
ATOM   182  N NZ    . LYS B 2 2   ? 6.483   -19.000 -8.491  1.00 32.21 ? 38  LYS A NZ    1 
ATOM   183  N N     . THR B 2 3   ? 3.924   -15.724 -9.367  1.00 16.99 ? 39  THR A N     1 
ATOM   184  C CA    . THR B 2 3   ? 2.632   -16.330 -9.008  1.00 14.78 ? 39  THR A CA    1 
ATOM   185  C C     . THR B 2 3   ? 1.974   -15.893 -7.693  1.00 13.90 ? 39  THR A C     1 
ATOM   186  O O     . THR B 2 3   ? 0.771   -16.079 -7.515  1.00 11.19 ? 39  THR A O     1 
ATOM   187  C CB    . THR B 2 3   ? 2.733   -17.875 -8.931  1.00 16.48 ? 39  THR A CB    1 
ATOM   188  O OG1   . THR B 2 3   ? 3.602   -18.238 -7.851  1.00 16.20 ? 39  THR A OG1   1 
ATOM   189  C CG2   . THR B 2 3   ? 3.277   -18.453 -10.227 1.00 15.01 ? 39  THR A CG2   1 
ATOM   190  N N     . ASN B 2 4   ? 2.759   -15.327 -6.781  1.00 11.83 ? 40  ASN A N     1 
ATOM   191  C CA    . ASN B 2 4   ? 2.264   -14.912 -5.470  1.00 10.14 ? 40  ASN A CA    1 
ATOM   192  C C     . ASN B 2 4   ? 1.826   -13.450 -5.429  1.00 9.13  ? 40  ASN A C     1 
ATOM   193  O O     . ASN B 2 4   ? 2.576   -12.542 -5.790  1.00 8.67  ? 40  ASN A O     1 
ATOM   194  C CB    . ASN B 2 4   ? 3.353   -15.183 -4.426  1.00 10.05 ? 40  ASN A CB    1 
ATOM   195  C CG    . ASN B 2 4   ? 2.820   -15.229 -3.010  1.00 13.43 ? 40  ASN A CG    1 
ATOM   196  O OD1   . ASN B 2 4   ? 1.677   -15.623 -2.768  1.00 15.31 ? 40  ASN A OD1   1 
ATOM   197  N ND2   . ASN B 2 4   ? 3.662   -14.854 -2.058  1.00 12.96 ? 40  ASN A ND2   1 
ATOM   198  N N     . LEU B 2 5   ? 0.599   -13.234 -4.977  1.00 11.31 ? 41  LEU A N     1 
ATOM   199  C CA    . LEU B 2 5   ? 0.034   -11.894 -4.895  1.00 10.83 ? 41  LEU A CA    1 
ATOM   200  C C     . LEU B 2 5   ? -0.306  -11.508 -3.466  1.00 9.98  ? 41  LEU A C     1 
ATOM   201  O O     . LEU B 2 5   ? -0.545  -12.365 -2.625  1.00 11.49 ? 41  LEU A O     1 
ATOM   202  C CB    . LEU B 2 5   ? -1.256  -11.812 -5.715  1.00 8.94  ? 41  LEU A CB    1 
ATOM   203  C CG    . LEU B 2 5   ? -1.243  -12.195 -7.193  1.00 9.96  ? 41  LEU A CG    1 
ATOM   204  C CD1   . LEU B 2 5   ? -2.662  -12.039 -7.737  1.00 9.40  ? 41  LEU A CD1   1 
ATOM   205  C CD2   . LEU B 2 5   ? -0.255  -11.329 -7.963  1.00 5.91  ? 41  LEU A CD2   1 
ATOM   206  N N     . ILE B 2 6   ? -0.308  -10.208 -3.199  1.00 9.54  ? 42  ILE A N     1 
ATOM   207  C CA    . ILE B 2 6   ? -0.705  -9.712  -1.894  1.00 9.42  ? 42  ILE A CA    1 
ATOM   208  C C     . ILE B 2 6   ? -1.939  -8.875  -2.208  1.00 9.07  ? 42  ILE A C     1 
ATOM   209  O O     . ILE B 2 6   ? -1.933  -8.082  -3.144  1.00 10.03 ? 42  ILE A O     1 
ATOM   210  C CB    . ILE B 2 6   ? 0.385   -8.836  -1.211  1.00 8.98  ? 42  ILE A CB    1 
ATOM   211  C CG1   . ILE B 2 6   ? -0.156  -8.316  0.133   1.00 8.48  ? 42  ILE A CG1   1 
ATOM   212  C CG2   . ILE B 2 6   ? 0.797   -7.691  -2.110  1.00 7.99  ? 42  ILE A CG2   1 
ATOM   213  C CD1   . ILE B 2 6   ? 0.898   -7.767  1.083   1.00 7.51  ? 42  ILE A CD1   1 
ATOM   214  N N     . VAL B 2 7   ? -3.014  -9.091  -1.464  1.00 8.89  ? 43  VAL A N     1 
ATOM   215  C CA    . VAL B 2 7   ? -4.245  -8.347  -1.683  1.00 9.29  ? 43  VAL A CA    1 
ATOM   216  C C     . VAL B 2 7   ? -4.458  -7.472  -0.461  1.00 9.20  ? 43  VAL A C     1 
ATOM   217  O O     . VAL B 2 7   ? -4.570  -7.980  0.652   1.00 10.85 ? 43  VAL A O     1 
ATOM   218  C CB    . VAL B 2 7   ? -5.459  -9.306  -1.862  1.00 10.45 ? 43  VAL A CB    1 
ATOM   219  C CG1   . VAL B 2 7   ? -6.697  -8.512  -2.248  1.00 7.79  ? 43  VAL A CG1   1 
ATOM   220  C CG2   . VAL B 2 7   ? -5.137  -10.373 -2.923  1.00 5.75  ? 43  VAL A CG2   1 
ATOM   221  N N     . ASN B 2 8   ? -4.507  -6.161  -0.669  1.00 10.30 ? 44  ASN A N     1 
ATOM   222  C CA    . ASN B 2 8   ? -4.692  -5.215  0.430   1.00 10.89 ? 44  ASN A CA    1 
ATOM   223  C C     . ASN B 2 8   ? -6.056  -4.539  0.429   1.00 10.91 ? 44  ASN A C     1 
ATOM   224  O O     . ASN B 2 8   ? -6.794  -4.602  -0.552  1.00 9.08  ? 44  ASN A O     1 
ATOM   225  C CB    . ASN B 2 8   ? -3.596  -4.143  0.384   1.00 11.14 ? 44  ASN A CB    1 
ATOM   226  C CG    . ASN B 2 8   ? -2.214  -4.718  0.617   1.00 10.84 ? 44  ASN A CG    1 
ATOM   227  O OD1   . ASN B 2 8   ? -1.866  -5.106  1.735   1.00 13.19 ? 44  ASN A OD1   1 
ATOM   228  N ND2   . ASN B 2 8   ? -1.427  -4.789  -0.437  1.00 6.86  ? 44  ASN A ND2   1 
ATOM   229  N N     . TYR B 2 9   ? -6.378  -3.900  1.551   1.00 11.01 ? 45  TYR A N     1 
ATOM   230  C CA    . TYR B 2 9   ? -7.640  -3.184  1.721   1.00 13.11 ? 45  TYR A CA    1 
ATOM   231  C C     . TYR B 2 9   ? -8.878  -4.056  1.566   1.00 12.64 ? 45  TYR A C     1 
ATOM   232  O O     . TYR B 2 9   ? -9.849  -3.673  0.908   1.00 12.08 ? 45  TYR A O     1 
ATOM   233  C CB    . TYR B 2 9   ? -7.698  -2.007  0.748   1.00 13.25 ? 45  TYR A CB    1 
ATOM   234  C CG    . TYR B 2 9   ? -6.474  -1.135  0.853   1.00 16.43 ? 45  TYR A CG    1 
ATOM   235  C CD1   . TYR B 2 9   ? -6.212  -0.408  2.021   1.00 15.77 ? 45  TYR A CD1   1 
ATOM   236  C CD2   . TYR B 2 9   ? -5.525  -1.102  -0.176  1.00 17.33 ? 45  TYR A CD2   1 
ATOM   237  C CE1   . TYR B 2 9   ? -5.040  0.319   2.166   1.00 17.67 ? 45  TYR A CE1   1 
ATOM   238  C CE2   . TYR B 2 9   ? -4.345  -0.376  -0.040  1.00 18.13 ? 45  TYR A CE2   1 
ATOM   239  C CZ    . TYR B 2 9   ? -4.110  0.330   1.138   1.00 18.42 ? 45  TYR A CZ    1 
ATOM   240  O OH    . TYR B 2 9   ? -2.938  1.025   1.298   1.00 19.90 ? 45  TYR A OH    1 
ATOM   241  N N     . LEU B 2 10  ? -8.833  -5.238  2.176   1.00 14.26 ? 46  LEU A N     1 
ATOM   242  C CA    . LEU B 2 10  ? -9.956  -6.166  2.145   1.00 15.36 ? 46  LEU A CA    1 
ATOM   243  C C     . LEU B 2 10  ? -10.915 -5.752  3.261   1.00 17.70 ? 46  LEU A C     1 
ATOM   244  O O     . LEU B 2 10  ? -10.480 -5.319  4.331   1.00 17.22 ? 46  LEU A O     1 
ATOM   245  C CB    . LEU B 2 10  ? -9.467  -7.595  2.375   1.00 14.70 ? 46  LEU A CB    1 
ATOM   246  C CG    . LEU B 2 10  ? -8.647  -8.230  1.245   1.00 14.86 ? 46  LEU A CG    1 
ATOM   247  C CD1   . LEU B 2 10  ? -8.104  -9.572  1.719   1.00 16.15 ? 46  LEU A CD1   1 
ATOM   248  C CD2   . LEU B 2 10  ? -9.506  -8.409  -0.002  1.00 11.01 ? 46  LEU A CD2   1 
ATOM   249  N N     . PRO B 2 11  ? -12.231 -5.854  3.022   1.00 19.88 ? 47  PRO A N     1 
ATOM   250  C CA    . PRO B 2 11  ? -13.178 -5.466  4.070   1.00 21.89 ? 47  PRO A CA    1 
ATOM   251  C C     . PRO B 2 11  ? -13.153 -6.418  5.282   1.00 24.86 ? 47  PRO A C     1 
ATOM   252  O O     . PRO B 2 11  ? -12.910 -7.620  5.144   1.00 23.52 ? 47  PRO A O     1 
ATOM   253  C CB    . PRO B 2 11  ? -14.512 -5.448  3.330   1.00 21.48 ? 47  PRO A CB    1 
ATOM   254  C CG    . PRO B 2 11  ? -14.328 -6.510  2.299   1.00 22.24 ? 47  PRO A CG    1 
ATOM   255  C CD    . PRO B 2 11  ? -12.937 -6.260  1.794   1.00 20.65 ? 47  PRO A CD    1 
ATOM   256  N N     . GLN B 2 12  ? -13.393 -5.867  6.468   1.00 26.65 ? 48  GLN A N     1 
ATOM   257  C CA    . GLN B 2 12  ? -13.374 -6.647  7.702   1.00 28.18 ? 48  GLN A CA    1 
ATOM   258  C C     . GLN B 2 12  ? -14.388 -7.782  7.669   1.00 27.91 ? 48  GLN A C     1 
ATOM   259  O O     . GLN B 2 12  ? -14.223 -8.794  8.349   1.00 28.54 ? 48  GLN A O     1 
ATOM   260  C CB    . GLN B 2 12  ? -13.668 -5.732  8.889   1.00 31.22 ? 48  GLN A CB    1 
ATOM   261  C CG    . GLN B 2 12  ? -13.397 -6.341  10.252  1.00 35.06 ? 48  GLN A CG    1 
ATOM   262  C CD    . GLN B 2 12  ? -11.925 -6.636  10.474  1.00 38.98 ? 48  GLN A CD    1 
ATOM   263  O OE1   . GLN B 2 12  ? -11.068 -5.770  10.276  1.00 39.60 ? 48  GLN A OE1   1 
ATOM   264  N NE2   . GLN B 2 12  ? -11.624 -7.861  10.895  1.00 40.60 ? 48  GLN A NE2   1 
ATOM   265  N N     . ASN B 2 13  ? -15.433 -7.612  6.870   1.00 28.73 ? 49  ASN A N     1 
ATOM   266  C CA    . ASN B 2 13  ? -16.480 -8.620  6.768   1.00 30.44 ? 49  ASN A CA    1 
ATOM   267  C C     . ASN B 2 13  ? -16.168 -9.793  5.841   1.00 31.41 ? 49  ASN A C     1 
ATOM   268  O O     . ASN B 2 13  ? -16.776 -10.858 5.963   1.00 34.48 ? 49  ASN A O     1 
ATOM   269  C CB    . ASN B 2 13  ? -17.803 -7.968  6.343   1.00 28.95 ? 49  ASN A CB    1 
ATOM   270  C CG    . ASN B 2 13  ? -17.657 -7.080  5.123   1.00 30.39 ? 49  ASN A CG    1 
ATOM   271  O OD1   . ASN B 2 13  ? -17.047 -6.013  5.183   1.00 33.54 ? 49  ASN A OD1   1 
ATOM   272  N ND2   . ASN B 2 13  ? -18.218 -7.516  4.008   1.00 30.91 ? 49  ASN A ND2   1 
ATOM   273  N N     . MET B 2 14  ? -15.221 -9.621  4.924   1.00 30.03 ? 50  MET A N     1 
ATOM   274  C CA    . MET B 2 14  ? -14.896 -10.705 4.002   1.00 29.39 ? 50  MET A CA    1 
ATOM   275  C C     . MET B 2 14  ? -14.260 -11.913 4.668   1.00 29.02 ? 50  MET A C     1 
ATOM   276  O O     . MET B 2 14  ? -13.269 -11.794 5.391   1.00 28.62 ? 50  MET A O     1 
ATOM   277  C CB    . MET B 2 14  ? -13.968 -10.227 2.894   1.00 29.59 ? 50  MET A CB    1 
ATOM   278  C CG    . MET B 2 14  ? -13.466 -11.370 2.032   1.00 30.06 ? 50  MET A CG    1 
ATOM   279  S SD    . MET B 2 14  ? -12.537 -10.833 0.608   1.00 25.15 ? 50  MET A SD    1 
ATOM   280  C CE    . MET B 2 14  ? -13.848 -10.751 -0.636  1.00 28.42 ? 50  MET A CE    1 
ATOM   281  N N     . THR B 2 15  ? -14.824 -13.083 4.387   1.00 29.75 ? 51  THR A N     1 
ATOM   282  C CA    . THR B 2 15  ? -14.333 -14.336 4.947   1.00 30.26 ? 51  THR A CA    1 
ATOM   283  C C     . THR B 2 15  ? -13.238 -14.999 4.115   1.00 30.70 ? 51  THR A C     1 
ATOM   284  O O     . THR B 2 15  ? -13.020 -14.648 2.958   1.00 33.19 ? 51  THR A O     1 
ATOM   285  C CB    . THR B 2 15  ? -15.470 -15.362 5.092   1.00 30.09 ? 51  THR A CB    1 
ATOM   286  O OG1   . THR B 2 15  ? -14.942 -16.576 5.637   1.00 33.68 ? 51  THR A OG1   1 
ATOM   287  C CG2   . THR B 2 15  ? -16.096 -15.665 3.744   1.00 24.73 ? 51  THR A CG2   1 
ATOM   288  N N     . GLN B 2 16  ? -12.569 -15.970 4.726   1.00 30.59 ? 52  GLN A N     1 
ATOM   289  C CA    . GLN B 2 16  ? -11.509 -16.742 4.093   1.00 30.25 ? 52  GLN A CA    1 
ATOM   290  C C     . GLN B 2 16  ? -12.053 -17.471 2.865   1.00 30.18 ? 52  GLN A C     1 
ATOM   291  O O     . GLN B 2 16  ? -11.352 -17.612 1.864   1.00 29.07 ? 52  GLN A O     1 
ATOM   292  C CB    . GLN B 2 16  ? -10.959 -17.753 5.108   1.00 33.60 ? 52  GLN A CB    1 
ATOM   293  C CG    . GLN B 2 16  ? -10.023 -18.834 4.570   1.00 35.11 ? 52  GLN A CG    1 
ATOM   294  C CD    . GLN B 2 16  ? -8.708  -18.290 4.033   1.00 37.17 ? 52  GLN A CD    1 
ATOM   295  O OE1   . GLN B 2 16  ? -8.535  -18.149 2.819   1.00 38.59 ? 52  GLN A OE1   1 
ATOM   296  N NE2   . GLN B 2 16  ? -7.774  -17.980 4.934   1.00 31.58 ? 52  GLN A NE2   1 
ATOM   297  N N     . GLU B 2 17  ? -13.302 -17.926 2.942   1.00 29.88 ? 53  GLU A N     1 
ATOM   298  C CA    . GLU B 2 17  ? -13.923 -18.643 1.827   1.00 30.93 ? 53  GLU A CA    1 
ATOM   299  C C     . GLU B 2 17  ? -14.339 -17.710 0.694   1.00 29.25 ? 53  GLU A C     1 
ATOM   300  O O     . GLU B 2 17  ? -14.236 -18.070 -0.482  1.00 28.18 ? 53  GLU A O     1 
ATOM   301  C CB    . GLU B 2 17  ? -15.143 -19.442 2.298   1.00 33.04 ? 53  GLU A CB    1 
ATOM   302  C CG    . GLU B 2 17  ? -14.819 -20.569 3.260   1.00 37.95 ? 53  GLU A CG    1 
ATOM   303  C CD    . GLU B 2 17  ? -14.683 -20.088 4.693   1.00 43.13 ? 53  GLU A CD    1 
ATOM   304  O OE1   . GLU B 2 17  ? -14.346 -20.914 5.570   1.00 46.77 ? 53  GLU A OE1   1 
ATOM   305  O OE2   . GLU B 2 17  ? -14.919 -18.887 4.946   1.00 43.02 ? 53  GLU A OE2   1 
ATOM   306  N N     . GLU B 2 18  ? -14.829 -16.524 1.047   1.00 27.31 ? 54  GLU A N     1 
ATOM   307  C CA    . GLU B 2 18  ? -15.223 -15.553 0.041   1.00 27.71 ? 54  GLU A CA    1 
ATOM   308  C C     . GLU B 2 18  ? -13.949 -15.047 -0.624  1.00 25.72 ? 54  GLU A C     1 
ATOM   309  O O     . GLU B 2 18  ? -13.952 -14.700 -1.807  1.00 25.49 ? 54  GLU A O     1 
ATOM   310  C CB    . GLU B 2 18  ? -15.982 -14.391 0.686   1.00 31.81 ? 54  GLU A CB    1 
ATOM   311  C CG    . GLU B 2 18  ? -17.433 -14.730 1.038   1.00 37.33 ? 54  GLU A CG    1 
ATOM   312  C CD    . GLU B 2 18  ? -18.057 -13.762 2.038   1.00 38.19 ? 54  GLU A CD    1 
ATOM   313  O OE1   . GLU B 2 18  ? -19.266 -13.912 2.327   1.00 37.79 ? 54  GLU A OE1   1 
ATOM   314  O OE2   . GLU B 2 18  ? -17.346 -12.862 2.540   1.00 39.63 ? 54  GLU A OE2   1 
ATOM   315  N N     . PHE B 2 19  ? -12.863 -15.014 0.149   1.00 23.59 ? 55  PHE A N     1 
ATOM   316  C CA    . PHE B 2 19  ? -11.563 -14.569 -0.351  1.00 22.20 ? 55  PHE A CA    1 
ATOM   317  C C     . PHE B 2 19  ? -11.074 -15.581 -1.380  1.00 21.16 ? 55  PHE A C     1 
ATOM   318  O O     . PHE B 2 19  ? -10.759 -15.223 -2.514  1.00 21.94 ? 55  PHE A O     1 
ATOM   319  C CB    . PHE B 2 19  ? -10.555 -14.462 0.804   1.00 20.18 ? 55  PHE A CB    1 
ATOM   320  C CG    . PHE B 2 19  ? -9.179  -14.012 0.381   1.00 19.47 ? 55  PHE A CG    1 
ATOM   321  C CD1   . PHE B 2 19  ? -8.988  -12.777 -0.239  1.00 20.21 ? 55  PHE A CD1   1 
ATOM   322  C CD2   . PHE B 2 19  ? -8.068  -14.821 0.607   1.00 18.33 ? 55  PHE A CD2   1 
ATOM   323  C CE1   . PHE B 2 19  ? -7.702  -12.356 -0.630  1.00 18.23 ? 55  PHE A CE1   1 
ATOM   324  C CE2   . PHE B 2 19  ? -6.786  -14.410 0.222   1.00 17.08 ? 55  PHE A CE2   1 
ATOM   325  C CZ    . PHE B 2 19  ? -6.604  -13.175 -0.397  1.00 17.32 ? 55  PHE A CZ    1 
ATOM   326  N N     . ARG B 2 20  ? -11.026 -16.848 -0.981  1.00 22.17 ? 56  ARG A N     1 
ATOM   327  C CA    . ARG B 2 20  ? -10.587 -17.917 -1.874  1.00 23.12 ? 56  ARG A CA    1 
ATOM   328  C C     . ARG B 2 20  ? -11.549 -18.078 -3.045  1.00 24.17 ? 56  ARG A C     1 
ATOM   329  O O     . ARG B 2 20  ? -11.148 -18.458 -4.148  1.00 24.95 ? 56  ARG A O     1 
ATOM   330  C CB    . ARG B 2 20  ? -10.489 -19.237 -1.112  1.00 24.07 ? 56  ARG A CB    1 
ATOM   331  C CG    . ARG B 2 20  ? -10.316 -20.455 -2.008  1.00 25.33 ? 56  ARG A CG    1 
ATOM   332  C CD    . ARG B 2 20  ? -10.326 -21.741 -1.199  1.00 28.86 ? 56  ARG A CD    1 
ATOM   333  N NE    . ARG B 2 20  ? -9.064  -21.958 -0.497  1.00 32.78 ? 56  ARG A NE    1 
ATOM   334  C CZ    . ARG B 2 20  ? -7.939  -22.358 -1.086  1.00 34.16 ? 56  ARG A CZ    1 
ATOM   335  N NH1   . ARG B 2 20  ? -7.908  -22.593 -2.391  1.00 32.48 ? 56  ARG A NH1   1 
ATOM   336  N NH2   . ARG B 2 20  ? -6.838  -22.526 -0.364  1.00 36.50 ? 56  ARG A NH2   1 
ATOM   337  N N     . SER B 2 21  ? -12.823 -17.790 -2.803  1.00 24.60 ? 57  SER A N     1 
ATOM   338  C CA    . SER B 2 21  ? -13.832 -17.904 -3.846  1.00 23.94 ? 57  SER A CA    1 
ATOM   339  C C     . SER B 2 21  ? -13.637 -16.807 -4.895  1.00 23.30 ? 57  SER A C     1 
ATOM   340  O O     . SER B 2 21  ? -13.722 -17.054 -6.099  1.00 22.19 ? 57  SER A O     1 
ATOM   341  C CB    . SER B 2 21  ? -15.229 -17.802 -3.232  1.00 25.61 ? 57  SER A CB    1 
ATOM   342  O OG    . SER B 2 21  ? -16.227 -18.019 -4.210  1.00 31.16 ? 57  SER A OG    1 
ATOM   343  N N     . LEU B 2 22  ? -13.364 -15.594 -4.430  1.00 22.04 ? 58  LEU A N     1 
ATOM   344  C CA    . LEU B 2 22  ? -13.161 -14.470 -5.326  1.00 18.75 ? 58  LEU A CA    1 
ATOM   345  C C     . LEU B 2 22  ? -11.934 -14.669 -6.206  1.00 17.26 ? 58  LEU A C     1 
ATOM   346  O O     . LEU B 2 22  ? -11.985 -14.432 -7.415  1.00 16.63 ? 58  LEU A O     1 
ATOM   347  C CB    . LEU B 2 22  ? -13.013 -13.180 -4.522  1.00 18.18 ? 58  LEU A CB    1 
ATOM   348  C CG    . LEU B 2 22  ? -12.817 -11.897 -5.325  1.00 15.77 ? 58  LEU A CG    1 
ATOM   349  C CD1   . LEU B 2 22  ? -14.006 -11.651 -6.229  1.00 18.26 ? 58  LEU A CD1   1 
ATOM   350  C CD2   . LEU B 2 22  ? -12.641 -10.744 -4.364  1.00 15.61 ? 58  LEU A CD2   1 
ATOM   351  N N     . PHE B 2 23  ? -10.829 -15.102 -5.609  1.00 16.43 ? 59  PHE A N     1 
ATOM   352  C CA    . PHE B 2 23  ? -9.621  -15.299 -6.392  1.00 16.44 ? 59  PHE A CA    1 
ATOM   353  C C     . PHE B 2 23  ? -9.548  -16.644 -7.075  1.00 15.92 ? 59  PHE A C     1 
ATOM   354  O O     . PHE B 2 23  ? -8.823  -16.801 -8.052  1.00 13.63 ? 59  PHE A O     1 
ATOM   355  C CB    . PHE B 2 23  ? -8.386  -15.054 -5.534  1.00 14.52 ? 59  PHE A CB    1 
ATOM   356  C CG    . PHE B 2 23  ? -8.172  -13.602 -5.224  1.00 17.17 ? 59  PHE A CG    1 
ATOM   357  C CD1   . PHE B 2 23  ? -8.889  -12.983 -4.208  1.00 16.11 ? 59  PHE A CD1   1 
ATOM   358  C CD2   . PHE B 2 23  ? -7.316  -12.832 -6.006  1.00 17.66 ? 59  PHE A CD2   1 
ATOM   359  C CE1   . PHE B 2 23  ? -8.762  -11.617 -3.973  1.00 12.02 ? 59  PHE A CE1   1 
ATOM   360  C CE2   . PHE B 2 23  ? -7.182  -11.465 -5.781  1.00 16.40 ? 59  PHE A CE2   1 
ATOM   361  C CZ    . PHE B 2 23  ? -7.911  -10.858 -4.761  1.00 12.53 ? 59  PHE A CZ    1 
ATOM   362  N N     . GLY B 2 24  ? -10.316 -17.606 -6.576  1.00 16.85 ? 60  GLY A N     1 
ATOM   363  C CA    . GLY B 2 24  ? -10.335 -18.924 -7.183  1.00 15.73 ? 60  GLY A CA    1 
ATOM   364  C C     . GLY B 2 24  ? -11.050 -18.884 -8.522  1.00 16.23 ? 60  GLY A C     1 
ATOM   365  O O     . GLY B 2 24  ? -10.915 -19.791 -9.339  1.00 17.75 ? 60  GLY A O     1 
ATOM   366  N N     . SER B 2 25  ? -11.818 -17.827 -8.755  1.00 15.52 ? 61  SER A N     1 
ATOM   367  C CA    . SER B 2 25  ? -12.546 -17.692 -10.006 1.00 16.59 ? 61  SER A CA    1 
ATOM   368  C C     . SER B 2 25  ? -11.600 -17.368 -11.155 1.00 18.43 ? 61  SER A C     1 
ATOM   369  O O     . SER B 2 25  ? -11.937 -17.570 -12.323 1.00 19.85 ? 61  SER A O     1 
ATOM   370  C CB    . SER B 2 25  ? -13.604 -16.590 -9.889  1.00 19.99 ? 61  SER A CB    1 
ATOM   371  O OG    . SER B 2 25  ? -13.010 -15.321 -9.679  1.00 24.38 ? 61  SER A OG    1 
ATOM   372  N N     . ILE B 2 26  ? -10.415 -16.864 -10.828 1.00 17.78 ? 62  ILE A N     1 
ATOM   373  C CA    . ILE B 2 26  ? -9.432  -16.512 -11.851 1.00 17.27 ? 62  ILE A CA    1 
ATOM   374  C C     . ILE B 2 26  ? -8.813  -17.773 -12.442 1.00 17.38 ? 62  ILE A C     1 
ATOM   375  O O     . ILE B 2 26  ? -8.690  -17.908 -13.658 1.00 19.43 ? 62  ILE A O     1 
ATOM   376  C CB    . ILE B 2 26  ? -8.284  -15.648 -11.275 1.00 15.73 ? 62  ILE A CB    1 
ATOM   377  C CG1   . ILE B 2 26  ? -8.837  -14.362 -10.649 1.00 13.35 ? 62  ILE A CG1   1 
ATOM   378  C CG2   . ILE B 2 26  ? -7.291  -15.319 -12.376 1.00 16.08 ? 62  ILE A CG2   1 
ATOM   379  C CD1   . ILE B 2 26  ? -9.512  -13.434 -11.627 1.00 16.11 ? 62  ILE A CD1   1 
ATOM   380  N N     . GLY B 2 27  ? -8.416  -18.689 -11.568 1.00 17.81 ? 63  GLY A N     1 
ATOM   381  C CA    . GLY B 2 27  ? -7.801  -19.920 -12.015 1.00 17.76 ? 63  GLY A CA    1 
ATOM   382  C C     . GLY B 2 27  ? -7.367  -20.704 -10.802 1.00 19.76 ? 63  GLY A C     1 
ATOM   383  O O     . GLY B 2 27  ? -7.624  -20.284 -9.678  1.00 19.51 ? 63  GLY A O     1 
ATOM   384  N N     . GLU B 2 28  ? -6.692  -21.828 -11.028 1.00 20.36 ? 64  GLU A N     1 
ATOM   385  C CA    . GLU B 2 28  ? -6.235  -22.703 -9.953  1.00 21.62 ? 64  GLU A CA    1 
ATOM   386  C C     . GLU B 2 28  ? -5.283  -22.030 -8.971  1.00 21.12 ? 64  GLU A C     1 
ATOM   387  O O     . GLU B 2 28  ? -4.335  -21.356 -9.363  1.00 22.03 ? 64  GLU A O     1 
ATOM   388  C CB    . GLU B 2 28  ? -5.579  -23.965 -10.541 1.00 25.03 ? 64  GLU A CB    1 
ATOM   389  C CG    . GLU B 2 28  ? -6.493  -24.767 -11.490 1.00 30.22 ? 64  GLU A CG    1 
ATOM   390  C CD    . GLU B 2 28  ? -6.421  -24.307 -12.948 1.00 32.88 ? 64  GLU A CD    1 
ATOM   391  O OE1   . GLU B 2 28  ? -6.468  -23.085 -13.213 1.00 36.98 ? 64  GLU A OE1   1 
ATOM   392  O OE2   . GLU B 2 28  ? -6.328  -25.176 -13.841 1.00 35.19 ? 64  GLU A OE2   1 
ATOM   393  N N     . ILE B 2 29  ? -5.553  -22.229 -7.687  1.00 19.92 ? 65  ILE A N     1 
ATOM   394  C CA    . ILE B 2 29  ? -4.755  -21.655 -6.615  1.00 20.01 ? 65  ILE A CA    1 
ATOM   395  C C     . ILE B 2 29  ? -3.936  -22.741 -5.922  1.00 21.61 ? 65  ILE A C     1 
ATOM   396  O O     . ILE B 2 29  ? -4.455  -23.808 -5.606  1.00 23.72 ? 65  ILE A O     1 
ATOM   397  C CB    . ILE B 2 29  ? -5.673  -20.974 -5.568  1.00 19.46 ? 65  ILE A CB    1 
ATOM   398  C CG1   . ILE B 2 29  ? -6.367  -19.759 -6.189  1.00 19.24 ? 65  ILE A CG1   1 
ATOM   399  C CG2   . ILE B 2 29  ? -4.867  -20.556 -4.354  1.00 21.12 ? 65  ILE A CG2   1 
ATOM   400  C CD1   . ILE B 2 29  ? -7.369  -19.097 -5.265  1.00 19.77 ? 65  ILE A CD1   1 
ATOM   401  N N     . GLU B 2 30  ? -2.651  -22.486 -5.696  1.00 20.73 ? 66  GLU A N     1 
ATOM   402  C CA    . GLU B 2 30  ? -1.830  -23.467 -5.004  1.00 22.49 ? 66  GLU A CA    1 
ATOM   403  C C     . GLU B 2 30  ? -2.080  -23.251 -3.513  1.00 21.96 ? 66  GLU A C     1 
ATOM   404  O O     . GLU B 2 30  ? -2.129  -24.199 -2.733  1.00 22.26 ? 66  GLU A O     1 
ATOM   405  C CB    . GLU B 2 30  ? -0.351  -23.282 -5.348  1.00 24.91 ? 66  GLU A CB    1 
ATOM   406  C CG    . GLU B 2 30  ? 0.386   -22.269 -4.509  1.00 32.35 ? 66  GLU A CG    1 
ATOM   407  C CD    . GLU B 2 30  ? 1.042   -22.884 -3.289  1.00 32.63 ? 66  GLU A CD    1 
ATOM   408  O OE1   . GLU B 2 30  ? 0.957   -24.120 -3.122  1.00 35.18 ? 66  GLU A OE1   1 
ATOM   409  O OE2   . GLU B 2 30  ? 1.648   -22.127 -2.498  1.00 36.25 ? 66  GLU A OE2   1 
ATOM   410  N N     . SER B 2 31  ? -2.251  -21.993 -3.123  1.00 20.87 ? 67  SER A N     1 
ATOM   411  C CA    . SER B 2 31  ? -2.542  -21.670 -1.734  1.00 23.22 ? 67  SER A CA    1 
ATOM   412  C C     . SER B 2 31  ? -2.927  -20.212 -1.602  1.00 24.50 ? 67  SER A C     1 
ATOM   413  O O     . SER B 2 31  ? -2.668  -19.403 -2.492  1.00 23.97 ? 67  SER A O     1 
ATOM   414  C CB    . SER B 2 31  ? -1.343  -21.954 -0.836  1.00 22.30 ? 67  SER A CB    1 
ATOM   415  O OG    . SER B 2 31  ? -0.336  -20.979 -1.019  1.00 28.00 ? 67  SER A OG    1 
ATOM   416  N N     . CYS B 2 32  ? -3.569  -19.888 -0.489  1.00 26.53 ? 68  CYS A N     1 
ATOM   417  C CA    . CYS B 2 32  ? -3.983  -18.521 -0.221  1.00 27.99 ? 68  CYS A CA    1 
ATOM   418  C C     . CYS B 2 32  ? -4.371  -18.424 1.242   1.00 28.41 ? 68  CYS A C     1 
ATOM   419  O O     . CYS B 2 32  ? -4.841  -19.396 1.835   1.00 29.81 ? 68  CYS A O     1 
ATOM   420  C CB    . CYS B 2 32  ? -5.168  -18.117 -1.103  1.00 27.00 ? 68  CYS A CB    1 
ATOM   421  S SG    . CYS B 2 32  ? -6.764  -18.790 -0.616  1.00 31.04 ? 68  CYS A SG    1 
ATOM   422  N N     . LYS B 2 33  ? -4.168  -17.250 1.820   1.00 26.66 ? 69  LYS A N     1 
ATOM   423  C CA    . LYS B 2 33  ? -4.494  -17.052 3.213   1.00 24.77 ? 69  LYS A CA    1 
ATOM   424  C C     . LYS B 2 33  ? -4.939  -15.634 3.507   1.00 25.07 ? 69  LYS A C     1 
ATOM   425  O O     . LYS B 2 33  ? -4.316  -14.666 3.061   1.00 24.30 ? 69  LYS A O     1 
ATOM   426  C CB    . LYS B 2 33  ? -3.280  -17.368 4.079   1.00 27.00 ? 69  LYS A CB    1 
ATOM   427  C CG    . LYS B 2 33  ? -3.482  -17.067 5.556   1.00 28.86 ? 69  LYS A CG    1 
ATOM   428  C CD    . LYS B 2 33  ? -2.171  -17.112 6.311   1.00 29.09 ? 69  LYS A CD    1 
ATOM   429  C CE    . LYS B 2 33  ? -1.566  -18.503 6.287   1.00 33.08 ? 69  LYS A CE    1 
ATOM   430  N NZ    . LYS B 2 33  ? -0.276  -18.554 7.034   1.00 36.50 ? 69  LYS A NZ    1 
ATOM   431  N N     . LEU B 2 34  ? -6.036  -15.522 4.243   1.00 22.29 ? 70  LEU A N     1 
ATOM   432  C CA    . LEU B 2 34  ? -6.530  -14.228 4.664   1.00 21.82 ? 70  LEU A CA    1 
ATOM   433  C C     . LEU B 2 34  ? -5.801  -14.071 5.988   1.00 20.33 ? 70  LEU A C     1 
ATOM   434  O O     . LEU B 2 34  ? -6.069  -14.804 6.932   1.00 23.14 ? 70  LEU A O     1 
ATOM   435  C CB    . LEU B 2 34  ? -8.040  -14.278 4.884   1.00 23.11 ? 70  LEU A CB    1 
ATOM   436  C CG    . LEU B 2 34  ? -8.655  -13.015 5.488   1.00 25.73 ? 70  LEU A CG    1 
ATOM   437  C CD1   . LEU B 2 34  ? -8.302  -11.809 4.620   1.00 25.34 ? 70  LEU A CD1   1 
ATOM   438  C CD2   . LEU B 2 34  ? -10.162 -13.189 5.602   1.00 26.06 ? 70  LEU A CD2   1 
ATOM   439  N N     . VAL B 2 35  ? -4.856  -13.142 6.048   1.00 18.76 ? 71  VAL A N     1 
ATOM   440  C CA    . VAL B 2 35  ? -4.071  -12.938 7.254   1.00 17.78 ? 71  VAL A CA    1 
ATOM   441  C C     . VAL B 2 35  ? -4.886  -12.381 8.416   1.00 18.43 ? 71  VAL A C     1 
ATOM   442  O O     . VAL B 2 35  ? -5.608  -11.388 8.276   1.00 17.61 ? 71  VAL A O     1 
ATOM   443  C CB    . VAL B 2 35  ? -2.865  -12.019 6.974   1.00 16.41 ? 71  VAL A CB    1 
ATOM   444  C CG1   . VAL B 2 35  ? -1.980  -11.926 8.206   1.00 17.17 ? 71  VAL A CG1   1 
ATOM   445  C CG2   . VAL B 2 35  ? -2.073  -12.564 5.797   1.00 16.81 ? 71  VAL A CG2   1 
ATOM   446  N N     . ARG B 2 36  ? -4.747  -13.040 9.567   1.00 18.47 ? 72  ARG A N     1 
ATOM   447  C CA    . ARG B 2 36  ? -5.462  -12.670 10.785  1.00 17.15 ? 72  ARG A CA    1 
ATOM   448  C C     . ARG B 2 36  ? -4.510  -12.463 11.957  1.00 16.78 ? 72  ARG A C     1 
ATOM   449  O O     . ARG B 2 36  ? -3.412  -13.019 11.989  1.00 14.39 ? 72  ARG A O     1 
ATOM   450  C CB    . ARG B 2 36  ? -6.450  -13.777 11.170  1.00 18.89 ? 72  ARG A CB    1 
ATOM   451  C CG    . ARG B 2 36  ? -7.507  -14.136 10.139  1.00 23.58 ? 72  ARG A CG    1 
ATOM   452  C CD    . ARG B 2 36  ? -8.188  -15.430 10.557  1.00 27.13 ? 72  ARG A CD    1 
ATOM   453  N NE    . ARG B 2 36  ? -7.232  -16.536 10.579  1.00 30.46 ? 72  ARG A NE    1 
ATOM   454  C CZ    . ARG B 2 36  ? -7.147  -17.449 11.543  1.00 31.19 ? 72  ARG A CZ    1 
ATOM   455  N NH1   . ARG B 2 36  ? -7.963  -17.405 12.588  1.00 28.94 ? 72  ARG A NH1   1 
ATOM   456  N NH2   . ARG B 2 36  ? -6.238  -18.410 11.461  1.00 34.23 ? 72  ARG A NH2   1 
ATOM   457  N N     . ASP B 2 37  ? -4.958  -11.675 12.929  1.00 17.00 ? 73  ASP A N     1 
ATOM   458  C CA    . ASP B 2 37  ? -4.187  -11.401 14.132  1.00 16.32 ? 73  ASP A CA    1 
ATOM   459  C C     . ASP B 2 37  ? -3.920  -12.737 14.820  1.00 16.59 ? 73  ASP A C     1 
ATOM   460  O O     . ASP B 2 37  ? -4.816  -13.575 14.940  1.00 13.06 ? 73  ASP A O     1 
ATOM   461  C CB    . ASP B 2 37  ? -4.985  -10.497 15.072  1.00 18.07 ? 73  ASP A CB    1 
ATOM   462  C CG    . ASP B 2 37  ? -4.180  -10.055 16.277  1.00 22.00 ? 73  ASP A CG    1 
ATOM   463  O OD1   . ASP B 2 37  ? -3.550  -8.980  16.199  1.00 25.38 ? 73  ASP A OD1   1 
ATOM   464  O OD2   . ASP B 2 37  ? -4.166  -10.781 17.296  1.00 17.48 ? 73  ASP A OD2   1 
ATOM   465  N N     . LYS B 2 38  ? -2.685  -12.921 15.273  1.00 16.82 ? 74  LYS A N     1 
ATOM   466  C CA    . LYS B 2 38  ? -2.260  -14.150 15.932  1.00 18.30 ? 74  LYS A CA    1 
ATOM   467  C C     . LYS B 2 38  ? -3.039  -14.499 17.201  1.00 16.62 ? 74  LYS A C     1 
ATOM   468  O O     . LYS B 2 38  ? -3.174  -15.674 17.544  1.00 16.12 ? 74  LYS A O     1 
ATOM   469  C CB    . LYS B 2 38  ? -0.767  -14.048 16.248  1.00 24.21 ? 74  LYS A CB    1 
ATOM   470  C CG    . LYS B 2 38  ? -0.204  -15.193 17.072  1.00 32.54 ? 74  LYS A CG    1 
ATOM   471  C CD    . LYS B 2 38  ? 1.204   -14.868 17.566  1.00 37.42 ? 74  LYS A CD    1 
ATOM   472  C CE    . LYS B 2 38  ? 1.207   -13.633 18.460  1.00 39.74 ? 74  LYS A CE    1 
ATOM   473  N NZ    . LYS B 2 38  ? 2.583   -13.275 18.902  1.00 43.47 ? 74  LYS A NZ    1 
ATOM   474  N N     . ILE B 2 39  ? -3.549  -13.489 17.901  1.00 16.53 ? 75  ILE A N     1 
ATOM   475  C CA    . ILE B 2 39  ? -4.301  -13.733 19.136  1.00 15.99 ? 75  ILE A CA    1 
ATOM   476  C C     . ILE B 2 39  ? -5.819  -13.577 18.971  1.00 13.11 ? 75  ILE A C     1 
ATOM   477  O O     . ILE B 2 39  ? -6.572  -14.486 19.304  1.00 12.96 ? 75  ILE A O     1 
ATOM   478  C CB    . ILE B 2 39  ? -3.831  -12.795 20.292  1.00 17.82 ? 75  ILE A CB    1 
ATOM   479  C CG1   . ILE B 2 39  ? -2.311  -12.878 20.461  1.00 18.12 ? 75  ILE A CG1   1 
ATOM   480  C CG2   . ILE B 2 39  ? -4.500  -13.199 21.604  1.00 14.67 ? 75  ILE A CG2   1 
ATOM   481  C CD1   . ILE B 2 39  ? -1.809  -14.276 20.742  1.00 25.05 ? 75  ILE A CD1   1 
ATOM   482  N N     . THR B 2 40  ? -6.273  -12.436 18.456  1.00 13.28 ? 76  THR A N     1 
ATOM   483  C CA    . THR B 2 40  ? -7.709  -12.219 18.285  1.00 13.88 ? 76  THR A CA    1 
ATOM   484  C C     . THR B 2 40  ? -8.329  -13.035 17.141  1.00 13.95 ? 76  THR A C     1 
ATOM   485  O O     . THR B 2 40  ? -9.539  -13.276 17.130  1.00 13.68 ? 76  THR A O     1 
ATOM   486  C CB    . THR B 2 40  ? -8.047  -10.734 18.018  1.00 12.50 ? 76  THR A CB    1 
ATOM   487  O OG1   . THR B 2 40  ? -7.647  -10.390 16.685  1.00 13.98 ? 76  THR A OG1   1 
ATOM   488  C CG2   . THR B 2 40  ? -7.347  -9.826  19.021  1.00 12.72 ? 76  THR A CG2   1 
ATOM   489  N N     . GLY B 2 41  ? -7.516  -13.439 16.168  1.00 13.46 ? 77  GLY A N     1 
ATOM   490  C CA    . GLY B 2 41  ? -8.050  -14.205 15.054  1.00 14.13 ? 77  GLY A CA    1 
ATOM   491  C C     . GLY B 2 41  ? -8.856  -13.372 14.067  1.00 15.26 ? 77  GLY A C     1 
ATOM   492  O O     . GLY B 2 41  ? -9.486  -13.913 13.155  1.00 16.87 ? 77  GLY A O     1 
ATOM   493  N N     . GLN B 2 42  ? -8.838  -12.054 14.244  1.00 14.34 ? 78  GLN A N     1 
ATOM   494  C CA    . GLN B 2 42  ? -9.565  -11.161 13.352  1.00 16.74 ? 78  GLN A CA    1 
ATOM   495  C C     . GLN B 2 42  ? -8.739  -10.832 12.114  1.00 16.67 ? 78  GLN A C     1 
ATOM   496  O O     . GLN B 2 42  ? -7.512  -10.773 12.172  1.00 18.10 ? 78  GLN A O     1 
ATOM   497  C CB    . GLN B 2 42  ? -9.931  -9.865  14.083  1.00 19.87 ? 78  GLN A CB    1 
ATOM   498  C CG    . GLN B 2 42  ? -10.843 -10.088 15.290  1.00 22.93 ? 78  GLN A CG    1 
ATOM   499  C CD    . GLN B 2 42  ? -12.146 -10.795 14.926  1.00 24.16 ? 78  GLN A CD    1 
ATOM   500  O OE1   . GLN B 2 42  ? -12.583 -11.718 15.621  1.00 26.06 ? 78  GLN A OE1   1 
ATOM   501  N NE2   . GLN B 2 42  ? -12.775 -10.355 13.840  1.00 25.27 ? 78  GLN A NE2   1 
ATOM   502  N N     . SER B 2 43  ? -9.421  -10.614 10.995  1.00 18.15 ? 79  SER A N     1 
ATOM   503  C CA    . SER B 2 43  ? -8.758  -10.281 9.743   1.00 17.78 ? 79  SER A CA    1 
ATOM   504  C C     . SER B 2 43  ? -7.943  -9.005  9.894   1.00 19.21 ? 79  SER A C     1 
ATOM   505  O O     . SER B 2 43  ? -8.365  -8.060  10.564  1.00 19.19 ? 79  SER A O     1 
ATOM   506  C CB    . SER B 2 43  ? -9.796  -10.100 8.635   1.00 19.17 ? 79  SER A CB    1 
ATOM   507  O OG    . SER B 2 43  ? -9.201  -9.598  7.450   1.00 22.73 ? 79  SER A OG    1 
ATOM   508  N N     . LEU B 2 44  ? -6.769  -8.983  9.273   1.00 20.85 ? 80  LEU A N     1 
ATOM   509  C CA    . LEU B 2 44  ? -5.902  -7.813  9.339   1.00 20.23 ? 80  LEU A CA    1 
ATOM   510  C C     . LEU B 2 44  ? -6.109  -6.903  8.129   1.00 19.85 ? 80  LEU A C     1 
ATOM   511  O O     . LEU B 2 44  ? -5.438  -5.882  7.982   1.00 20.62 ? 80  LEU A O     1 
ATOM   512  C CB    . LEU B 2 44  ? -4.438  -8.244  9.438   1.00 20.99 ? 80  LEU A CB    1 
ATOM   513  C CG    . LEU B 2 44  ? -4.060  -8.949  10.741  1.00 22.03 ? 80  LEU A CG    1 
ATOM   514  C CD1   . LEU B 2 44  ? -2.579  -9.290  10.735  1.00 22.62 ? 80  LEU A CD1   1 
ATOM   515  C CD2   . LEU B 2 44  ? -4.396  -8.048  11.913  1.00 21.66 ? 80  LEU A CD2   1 
ATOM   516  N N     . GLY B 2 45  ? -7.034  -7.283  7.259   1.00 16.96 ? 81  GLY A N     1 
ATOM   517  C CA    . GLY B 2 45  ? -7.317  -6.459  6.105   1.00 15.73 ? 81  GLY A CA    1 
ATOM   518  C C     . GLY B 2 45  ? -6.564  -6.790  4.837   1.00 16.20 ? 81  GLY A C     1 
ATOM   519  O O     . GLY B 2 45  ? -6.680  -6.067  3.854   1.00 16.67 ? 81  GLY A O     1 
ATOM   520  N N     . TYR B 2 46  ? -5.776  -7.859  4.844   1.00 16.03 ? 82  TYR A N     1 
ATOM   521  C CA    . TYR B 2 46  ? -5.047  -8.239  3.644   1.00 14.45 ? 82  TYR A CA    1 
ATOM   522  C C     . TYR B 2 46  ? -4.826  -9.737  3.615   1.00 15.33 ? 82  TYR A C     1 
ATOM   523  O O     . TYR B 2 46  ? -5.037  -10.421 4.619   1.00 15.70 ? 82  TYR A O     1 
ATOM   524  C CB    . TYR B 2 46  ? -3.705  -7.512  3.549   1.00 15.99 ? 82  TYR A CB    1 
ATOM   525  C CG    . TYR B 2 46  ? -2.694  -7.890  4.604   1.00 19.92 ? 82  TYR A CG    1 
ATOM   526  C CD1   . TYR B 2 46  ? -2.776  -7.377  5.896   1.00 16.85 ? 82  TYR A CD1   1 
ATOM   527  C CD2   . TYR B 2 46  ? -1.642  -8.754  4.304   1.00 20.83 ? 82  TYR A CD2   1 
ATOM   528  C CE1   . TYR B 2 46  ? -1.842  -7.713  6.856   1.00 18.79 ? 82  TYR A CE1   1 
ATOM   529  C CE2   . TYR B 2 46  ? -0.702  -9.096  5.263   1.00 21.46 ? 82  TYR A CE2   1 
ATOM   530  C CZ    . TYR B 2 46  ? -0.812  -8.571  6.536   1.00 19.22 ? 82  TYR A CZ    1 
ATOM   531  O OH    . TYR B 2 46  ? 0.109   -8.912  7.495   1.00 24.11 ? 82  TYR A OH    1 
ATOM   532  N N     . GLY B 2 47  ? -4.424  -10.245 2.455   1.00 12.70 ? 83  GLY A N     1 
ATOM   533  C CA    . GLY B 2 47  ? -4.194  -11.671 2.316   1.00 12.20 ? 83  GLY A CA    1 
ATOM   534  C C     . GLY B 2 47  ? -3.243  -11.955 1.175   1.00 12.87 ? 83  GLY A C     1 
ATOM   535  O O     . GLY B 2 47  ? -2.770  -11.037 0.511   1.00 12.16 ? 83  GLY A O     1 
ATOM   536  N N     . PHE B 2 48  ? -2.956  -13.230 0.949   1.00 12.96 ? 84  PHE A N     1 
ATOM   537  C CA    . PHE B 2 48  ? -2.048  -13.621 -0.114  1.00 13.16 ? 84  PHE A CA    1 
ATOM   538  C C     . PHE B 2 48  ? -2.695  -14.714 -0.925  1.00 13.53 ? 84  PHE A C     1 
ATOM   539  O O     . PHE B 2 48  ? -3.420  -15.539 -0.382  1.00 13.70 ? 84  PHE A O     1 
ATOM   540  C CB    . PHE B 2 48  ? -0.740  -14.161 0.472   1.00 13.16 ? 84  PHE A CB    1 
ATOM   541  C CG    . PHE B 2 48  ? 0.101   -13.122 1.147   1.00 14.80 ? 84  PHE A CG    1 
ATOM   542  C CD1   . PHE B 2 48  ? 1.002   -12.357 0.414   1.00 13.18 ? 84  PHE A CD1   1 
ATOM   543  C CD2   . PHE B 2 48  ? -0.006  -12.906 2.519   1.00 14.37 ? 84  PHE A CD2   1 
ATOM   544  C CE1   . PHE B 2 48  ? 1.788   -11.394 1.034   1.00 14.19 ? 84  PHE A CE1   1 
ATOM   545  C CE2   . PHE B 2 48  ? 0.773   -11.944 3.150   1.00 11.49 ? 84  PHE A CE2   1 
ATOM   546  C CZ    . PHE B 2 48  ? 1.672   -11.188 2.405   1.00 14.75 ? 84  PHE A CZ    1 
ATOM   547  N N     . VAL B 2 49  ? -2.443  -14.708 -2.228  1.00 12.94 ? 85  VAL A N     1 
ATOM   548  C CA    . VAL B 2 49  ? -2.963  -15.742 -3.110  1.00 14.77 ? 85  VAL A CA    1 
ATOM   549  C C     . VAL B 2 49  ? -1.813  -16.163 -4.003  1.00 15.21 ? 85  VAL A C     1 
ATOM   550  O O     . VAL B 2 49  ? -1.217  -15.332 -4.696  1.00 14.00 ? 85  VAL A O     1 
ATOM   551  C CB    . VAL B 2 49  ? -4.100  -15.242 -4.024  1.00 12.76 ? 85  VAL A CB    1 
ATOM   552  C CG1   . VAL B 2 49  ? -4.686  -16.421 -4.777  1.00 12.65 ? 85  VAL A CG1   1 
ATOM   553  C CG2   . VAL B 2 49  ? -5.158  -14.534 -3.210  1.00 16.98 ? 85  VAL A CG2   1 
ATOM   554  N N     . ASN B 2 50  ? -1.490  -17.447 -3.976  1.00 14.06 ? 86  ASN A N     1 
ATOM   555  C CA    . ASN B 2 50  ? -0.417  -17.960 -4.803  1.00 14.41 ? 86  ASN A CA    1 
ATOM   556  C C     . ASN B 2 50  ? -1.040  -18.877 -5.847  1.00 13.54 ? 86  ASN A C     1 
ATOM   557  O O     . ASN B 2 50  ? -1.595  -19.919 -5.518  1.00 15.84 ? 86  ASN A O     1 
ATOM   558  C CB    . ASN B 2 50  ? 0.593   -18.727 -3.948  1.00 13.40 ? 86  ASN A CB    1 
ATOM   559  C CG    . ASN B 2 50  ? 1.871   -19.050 -4.702  1.00 16.23 ? 86  ASN A CG    1 
ATOM   560  O OD1   . ASN B 2 50  ? 2.400   -18.211 -5.433  1.00 14.96 ? 86  ASN A OD1   1 
ATOM   561  N ND2   . ASN B 2 50  ? 2.381   -20.264 -4.518  1.00 16.21 ? 86  ASN A ND2   1 
ATOM   562  N N     . TYR B 2 51  ? -0.960  -18.477 -7.107  1.00 13.46 ? 87  TYR A N     1 
ATOM   563  C CA    . TYR B 2 51  ? -1.512  -19.286 -8.184  1.00 15.32 ? 87  TYR A CA    1 
ATOM   564  C C     . TYR B 2 51  ? -0.508  -20.319 -8.687  1.00 17.48 ? 87  TYR A C     1 
ATOM   565  O O     . TYR B 2 51  ? 0.694   -20.218 -8.416  1.00 17.92 ? 87  TYR A O     1 
ATOM   566  C CB    . TYR B 2 51  ? -1.942  -18.395 -9.348  1.00 14.18 ? 87  TYR A CB    1 
ATOM   567  C CG    . TYR B 2 51  ? -3.154  -17.550 -9.047  1.00 13.85 ? 87  TYR A CG    1 
ATOM   568  C CD1   . TYR B 2 51  ? -3.020  -16.246 -8.564  1.00 13.20 ? 87  TYR A CD1   1 
ATOM   569  C CD2   . TYR B 2 51  ? -4.438  -18.060 -9.227  1.00 15.03 ? 87  TYR A CD2   1 
ATOM   570  C CE1   . TYR B 2 51  ? -4.142  -15.472 -8.271  1.00 12.05 ? 87  TYR A CE1   1 
ATOM   571  C CE2   . TYR B 2 51  ? -5.562  -17.296 -8.936  1.00 13.53 ? 87  TYR A CE2   1 
ATOM   572  C CZ    . TYR B 2 51  ? -5.405  -16.005 -8.461  1.00 14.23 ? 87  TYR A CZ    1 
ATOM   573  O OH    . TYR B 2 51  ? -6.515  -15.249 -8.182  1.00 12.77 ? 87  TYR A OH    1 
ATOM   574  N N     . ILE B 2 52  ? -1.006  -21.324 -9.403  1.00 19.22 ? 88  ILE A N     1 
ATOM   575  C CA    . ILE B 2 52  ? -0.133  -22.346 -9.966  1.00 20.58 ? 88  ILE A CA    1 
ATOM   576  C C     . ILE B 2 52  ? 0.499   -21.746 -11.218 1.00 20.23 ? 88  ILE A C     1 
ATOM   577  O O     . ILE B 2 52  ? 1.708   -21.853 -11.436 1.00 22.41 ? 88  ILE A O     1 
ATOM   578  C CB    . ILE B 2 52  ? -0.913  -23.643 -10.374 1.00 22.69 ? 88  ILE A CB    1 
ATOM   579  C CG1   . ILE B 2 52  ? -0.990  -24.616 -9.196  1.00 23.50 ? 88  ILE A CG1   1 
ATOM   580  C CG2   . ILE B 2 52  ? -0.219  -24.336 -11.545 1.00 20.69 ? 88  ILE A CG2   1 
ATOM   581  C CD1   . ILE B 2 52  ? -2.058  -24.301 -8.204  1.00 30.20 ? 88  ILE A CD1   1 
ATOM   582  N N     . ASP B 2 53  ? -0.336  -21.099 -12.022 1.00 18.79 ? 89  ASP A N     1 
ATOM   583  C CA    . ASP B 2 53  ? 0.089   -20.488 -13.276 1.00 18.77 ? 89  ASP A CA    1 
ATOM   584  C C     . ASP B 2 53  ? 0.316   -18.986 -13.097 1.00 17.69 ? 89  ASP A C     1 
ATOM   585  O O     . ASP B 2 53  ? -0.596  -18.257 -12.703 1.00 18.13 ? 89  ASP A O     1 
ATOM   586  C CB    . ASP B 2 53  ? -0.998  -20.724 -14.339 1.00 19.49 ? 89  ASP A CB    1 
ATOM   587  C CG    . ASP B 2 53  ? -0.553  -20.356 -15.738 1.00 20.69 ? 89  ASP A CG    1 
ATOM   588  O OD1   . ASP B 2 53  ? 0.370   -19.531 -15.886 1.00 20.82 ? 89  ASP A OD1   1 
ATOM   589  O OD2   . ASP B 2 53  ? -1.145  -20.886 -16.698 1.00 21.14 ? 89  ASP A OD2   1 
ATOM   590  N N     . PRO B 2 54  ? 1.538   -18.505 -13.372 1.00 15.75 ? 90  PRO A N     1 
ATOM   591  C CA    . PRO B 2 54  ? 1.786   -17.071 -13.221 1.00 16.56 ? 90  PRO A CA    1 
ATOM   592  C C     . PRO B 2 54  ? 0.864   -16.229 -14.098 1.00 15.30 ? 90  PRO A C     1 
ATOM   593  O O     . PRO B 2 54  ? 0.592   -15.075 -13.780 1.00 15.14 ? 90  PRO A O     1 
ATOM   594  C CB    . PRO B 2 54  ? 3.267   -16.928 -13.592 1.00 16.44 ? 90  PRO A CB    1 
ATOM   595  C CG    . PRO B 2 54  ? 3.533   -18.130 -14.465 1.00 17.08 ? 90  PRO A CG    1 
ATOM   596  C CD    . PRO B 2 54  ? 2.774   -19.210 -13.747 1.00 18.16 ? 90  PRO A CD    1 
ATOM   597  N N     . LYS B 2 55  ? 0.366   -16.804 -15.191 1.00 15.92 ? 91  LYS A N     1 
ATOM   598  C CA    . LYS B 2 55  ? -0.537  -16.064 -16.072 1.00 17.28 ? 91  LYS A CA    1 
ATOM   599  C C     . LYS B 2 55  ? -1.830  -15.696 -15.351 1.00 17.72 ? 91  LYS A C     1 
ATOM   600  O O     . LYS B 2 55  ? -2.427  -14.650 -15.634 1.00 18.58 ? 91  LYS A O     1 
ATOM   601  C CB    . LYS B 2 55  ? -0.861  -16.871 -17.333 1.00 21.43 ? 91  LYS A CB    1 
ATOM   602  C CG    . LYS B 2 55  ? 0.326   -17.007 -18.281 1.00 27.37 ? 91  LYS A CG    1 
ATOM   603  C CD    . LYS B 2 55  ? -0.053  -17.673 -19.591 1.00 31.28 ? 91  LYS A CD    1 
ATOM   604  C CE    . LYS B 2 55  ? 1.182   -17.941 -20.448 1.00 36.02 ? 91  LYS A CE    1 
ATOM   605  N NZ    . LYS B 2 55  ? 1.989   -16.702 -20.689 1.00 39.32 ? 91  LYS A NZ    1 
ATOM   606  N N     . ASP B 2 56  ? -2.260  -16.547 -14.420 1.00 16.07 ? 92  ASP A N     1 
ATOM   607  C CA    . ASP B 2 56  ? -3.473  -16.264 -13.657 1.00 16.16 ? 92  ASP A CA    1 
ATOM   608  C C     . ASP B 2 56  ? -3.219  -15.184 -12.607 1.00 15.53 ? 92  ASP A C     1 
ATOM   609  O O     . ASP B 2 56  ? -4.128  -14.422 -12.261 1.00 14.76 ? 92  ASP A O     1 
ATOM   610  C CB    . ASP B 2 56  ? -4.007  -17.530 -12.989 1.00 14.58 ? 92  ASP A CB    1 
ATOM   611  C CG    . ASP B 2 56  ? -4.600  -18.498 -13.985 1.00 16.72 ? 92  ASP A CG    1 
ATOM   612  O OD1   . ASP B 2 56  ? -5.129  -18.031 -15.013 1.00 17.11 ? 92  ASP A OD1   1 
ATOM   613  O OD2   . ASP B 2 56  ? -4.553  -19.720 -13.737 1.00 17.49 ? 92  ASP A OD2   1 
ATOM   614  N N     . ALA B 2 57  ? -1.990  -15.119 -12.097 1.00 14.77 ? 93  ALA A N     1 
ATOM   615  C CA    . ALA B 2 57  ? -1.647  -14.095 -11.115 1.00 13.49 ? 93  ALA A CA    1 
ATOM   616  C C     . ALA B 2 57  ? -1.738  -12.774 -11.860 1.00 13.41 ? 93  ALA A C     1 
ATOM   617  O O     . ALA B 2 57  ? -2.216  -11.780 -11.339 1.00 13.65 ? 93  ALA A O     1 
ATOM   618  C CB    . ALA B 2 57  ? -0.244  -14.307 -10.585 1.00 11.83 ? 93  ALA A CB    1 
ATOM   619  N N     . GLU B 2 58  ? -1.290  -12.775 -13.105 1.00 15.84 ? 94  GLU A N     1 
ATOM   620  C CA    . GLU B 2 58  ? -1.351  -11.573 -13.919 1.00 16.66 ? 94  GLU A CA    1 
ATOM   621  C C     . GLU B 2 58  ? -2.805  -11.196 -14.199 1.00 15.19 ? 94  GLU A C     1 
ATOM   622  O O     . GLU B 2 58  ? -3.171  -10.021 -14.142 1.00 13.60 ? 94  GLU A O     1 
ATOM   623  C CB    . GLU B 2 58  ? -0.593  -11.800 -15.227 1.00 18.62 ? 94  GLU A CB    1 
ATOM   624  C CG    . GLU B 2 58  ? -0.878  -10.772 -16.292 1.00 24.08 ? 94  GLU A CG    1 
ATOM   625  C CD    . GLU B 2 58  ? 0.053   -10.907 -17.477 1.00 29.16 ? 94  GLU A CD    1 
ATOM   626  O OE1   . GLU B 2 58  ? 0.391   -12.056 -17.834 1.00 30.57 ? 94  GLU A OE1   1 
ATOM   627  O OE2   . GLU B 2 58  ? 0.435   -9.868  -18.058 1.00 30.10 ? 94  GLU A OE2   1 
ATOM   628  N N     . LYS B 2 59  ? -3.631  -12.197 -14.496 1.00 15.23 ? 95  LYS A N     1 
ATOM   629  C CA    . LYS B 2 59  ? -5.046  -11.968 -14.780 1.00 15.95 ? 95  LYS A CA    1 
ATOM   630  C C     . LYS B 2 59  ? -5.775  -11.442 -13.539 1.00 15.37 ? 95  LYS A C     1 
ATOM   631  O O     . LYS B 2 59  ? -6.662  -10.585 -13.644 1.00 14.52 ? 95  LYS A O     1 
ATOM   632  C CB    . LYS B 2 59  ? -5.696  -13.265 -15.278 1.00 17.37 ? 95  LYS A CB    1 
ATOM   633  C CG    . LYS B 2 59  ? -7.172  -13.125 -15.617 1.00 24.00 ? 95  LYS A CG    1 
ATOM   634  C CD    . LYS B 2 59  ? -7.638  -14.190 -16.604 1.00 26.35 ? 95  LYS A CD    1 
ATOM   635  C CE    . LYS B 2 59  ? -7.467  -15.592 -16.056 1.00 30.46 ? 95  LYS A CE    1 
ATOM   636  N NZ    . LYS B 2 59  ? -7.934  -16.628 -17.030 1.00 35.76 ? 95  LYS A NZ    1 
ATOM   637  N N     . ALA B 2 60  ? -5.390  -11.958 -12.368 1.00 14.29 ? 96  ALA A N     1 
ATOM   638  C CA    . ALA B 2 60  ? -5.971  -11.541 -11.088 1.00 13.63 ? 96  ALA A CA    1 
ATOM   639  C C     . ALA B 2 60  ? -5.739  -10.044 -10.864 1.00 14.17 ? 96  ALA A C     1 
ATOM   640  O O     . ALA B 2 60  ? -6.652  -9.315  -10.463 1.00 13.57 ? 96  ALA A O     1 
ATOM   641  C CB    . ALA B 2 60  ? -5.347  -12.337 -9.954  1.00 12.79 ? 96  ALA A CB    1 
ATOM   642  N N     . ILE B 2 61  ? -4.512  -9.590  -11.106 1.00 12.26 ? 97  ILE A N     1 
ATOM   643  C CA    . ILE B 2 61  ? -4.196  -8.175  -10.963 1.00 12.37 ? 97  ILE A CA    1 
ATOM   644  C C     . ILE B 2 61  ? -5.003  -7.344  -11.970 1.00 14.97 ? 97  ILE A C     1 
ATOM   645  O O     . ILE B 2 61  ? -5.632  -6.346  -11.612 1.00 16.86 ? 97  ILE A O     1 
ATOM   646  C CB    . ILE B 2 61  ? -2.687  -7.887  -11.216 1.00 12.53 ? 97  ILE A CB    1 
ATOM   647  C CG1   . ILE B 2 61  ? -1.832  -8.531  -10.118 1.00 12.36 ? 97  ILE A CG1   1 
ATOM   648  C CG2   . ILE B 2 61  ? -2.443  -6.367  -11.240 1.00 11.04 ? 97  ILE A CG2   1 
ATOM   649  C CD1   . ILE B 2 61  ? -0.341  -8.316  -10.286 1.00 9.96  ? 97  ILE A CD1   1 
ATOM   650  N N     . ASN B 2 62  ? -4.979  -7.763  -13.232 1.00 16.66 ? 98  ASN A N     1 
ATOM   651  C CA    . ASN B 2 62  ? -5.677  -7.053  -14.299 1.00 16.56 ? 98  ASN A CA    1 
ATOM   652  C C     . ASN B 2 62  ? -7.182  -6.952  -14.095 1.00 17.39 ? 98  ASN A C     1 
ATOM   653  O O     . ASN B 2 62  ? -7.792  -5.938  -14.425 1.00 18.88 ? 98  ASN A O     1 
ATOM   654  C CB    . ASN B 2 62  ? -5.415  -7.741  -15.641 1.00 19.85 ? 98  ASN A CB    1 
ATOM   655  C CG    . ASN B 2 62  ? -3.938  -7.781  -16.007 1.00 26.23 ? 98  ASN A CG    1 
ATOM   656  O OD1   . ASN B 2 62  ? -3.519  -8.580  -16.856 1.00 28.56 ? 98  ASN A OD1   1 
ATOM   657  N ND2   . ASN B 2 62  ? -3.143  -6.912  -15.382 1.00 26.71 ? 98  ASN A ND2   1 
ATOM   658  N N     . THR B 2 63  ? -7.785  -8.003  -13.552 1.00 15.86 ? 99  THR A N     1 
ATOM   659  C CA    . THR B 2 63  ? -9.227  -8.011  -13.368 1.00 13.81 ? 99  THR A CA    1 
ATOM   660  C C     . THR B 2 63  ? -9.757  -7.653  -11.983 1.00 12.79 ? 99  THR A C     1 
ATOM   661  O O     . THR B 2 63  ? -10.829 -7.061  -11.872 1.00 14.49 ? 99  THR A O     1 
ATOM   662  C CB    . THR B 2 63  ? -9.811  -9.381  -13.785 1.00 13.40 ? 99  THR A CB    1 
ATOM   663  O OG1   . THR B 2 63  ? -9.311  -10.407 -12.921 1.00 14.63 ? 99  THR A OG1   1 
ATOM   664  C CG2   . THR B 2 63  ? -9.414  -9.713  -15.220 1.00 15.38 ? 99  THR A CG2   1 
ATOM   665  N N     . LEU B 2 64  ? -9.012  -7.978  -10.932 1.00 12.67 ? 100 LEU A N     1 
ATOM   666  C CA    . LEU B 2 64  ? -9.482  -7.700  -9.575  1.00 11.28 ? 100 LEU A CA    1 
ATOM   667  C C     . LEU B 2 64  ? -8.973  -6.435  -8.882  1.00 12.75 ? 100 LEU A C     1 
ATOM   668  O O     . LEU B 2 64  ? -9.611  -5.956  -7.944  1.00 11.88 ? 100 LEU A O     1 
ATOM   669  C CB    . LEU B 2 64  ? -9.208  -8.907  -8.684  1.00 10.20 ? 100 LEU A CB    1 
ATOM   670  C CG    . LEU B 2 64  ? -9.957  -10.179 -9.085  1.00 11.14 ? 100 LEU A CG    1 
ATOM   671  C CD1   . LEU B 2 64  ? -9.429  -11.362 -8.289  1.00 10.89 ? 100 LEU A CD1   1 
ATOM   672  C CD2   . LEU B 2 64  ? -11.454 -9.979  -8.853  1.00 10.44 ? 100 LEU A CD2   1 
ATOM   673  N N     . ASN B 2 65  ? -7.837  -5.892  -9.310  1.00 10.52 ? 101 ASN A N     1 
ATOM   674  C CA    . ASN B 2 65  ? -7.345  -4.681  -8.670  1.00 11.03 ? 101 ASN A CA    1 
ATOM   675  C C     . ASN B 2 65  ? -8.384  -3.570  -8.845  1.00 12.21 ? 101 ASN A C     1 
ATOM   676  O O     . ASN B 2 65  ? -8.905  -3.372  -9.941  1.00 12.21 ? 101 ASN A O     1 
ATOM   677  C CB    . ASN B 2 65  ? -6.025  -4.234  -9.287  1.00 11.03 ? 101 ASN A CB    1 
ATOM   678  C CG    . ASN B 2 65  ? -5.441  -3.026  -8.581  1.00 11.62 ? 101 ASN A CG    1 
ATOM   679  O OD1   . ASN B 2 65  ? -5.123  -3.083  -7.390  1.00 11.02 ? 101 ASN A OD1   1 
ATOM   680  N ND2   . ASN B 2 65  ? -5.303  -1.921  -9.306  1.00 13.95 ? 101 ASN A ND2   1 
ATOM   681  N N     . GLY B 2 66  ? -8.689  -2.851  -7.766  1.00 13.91 ? 102 GLY A N     1 
ATOM   682  C CA    . GLY B 2 66  ? -9.660  -1.774  -7.858  1.00 12.01 ? 102 GLY A CA    1 
ATOM   683  C C     . GLY B 2 66  ? -11.104 -2.208  -7.649  1.00 14.27 ? 102 GLY A C     1 
ATOM   684  O O     . GLY B 2 66  ? -12.022 -1.384  -7.721  1.00 13.80 ? 102 GLY A O     1 
ATOM   685  N N     . LEU B 2 67  ? -11.318 -3.497  -7.405  1.00 14.08 ? 103 LEU A N     1 
ATOM   686  C CA    . LEU B 2 67  ? -12.668 -3.999  -7.168  1.00 15.15 ? 103 LEU A CA    1 
ATOM   687  C C     . LEU B 2 67  ? -13.187 -3.387  -5.866  1.00 15.90 ? 103 LEU A C     1 
ATOM   688  O O     . LEU B 2 67  ? -12.503 -3.413  -4.846  1.00 16.49 ? 103 LEU A O     1 
ATOM   689  C CB    . LEU B 2 67  ? -12.656 -5.525  -7.046  1.00 14.09 ? 103 LEU A CB    1 
ATOM   690  C CG    . LEU B 2 67  ? -14.013 -6.233  -6.947  1.00 15.58 ? 103 LEU A CG    1 
ATOM   691  C CD1   . LEU B 2 67  ? -14.760 -6.088  -8.267  1.00 15.45 ? 103 LEU A CD1   1 
ATOM   692  C CD2   . LEU B 2 67  ? -13.805 -7.699  -6.620  1.00 13.57 ? 103 LEU A CD2   1 
ATOM   693  N N     . ARG B 2 68  ? -14.394 -2.831  -5.898  1.00 17.67 ? 104 ARG A N     1 
ATOM   694  C CA    . ARG B 2 68  ? -14.959 -2.223  -4.701  1.00 20.11 ? 104 ARG A CA    1 
ATOM   695  C C     . ARG B 2 68  ? -15.845 -3.192  -3.921  1.00 19.87 ? 104 ARG A C     1 
ATOM   696  O O     . ARG B 2 68  ? -16.892 -3.615  -4.405  1.00 24.76 ? 104 ARG A O     1 
ATOM   697  C CB    . ARG B 2 68  ? -15.743 -0.954  -5.076  1.00 20.50 ? 104 ARG A CB    1 
ATOM   698  C CG    . ARG B 2 68  ? -14.872 0.099   -5.743  1.00 24.12 ? 104 ARG A CG    1 
ATOM   699  C CD    . ARG B 2 68  ? -15.522 1.477   -5.807  1.00 28.00 ? 104 ARG A CD    1 
ATOM   700  N NE    . ARG B 2 68  ? -16.697 1.522   -6.676  1.00 30.99 ? 104 ARG A NE    1 
ATOM   701  C CZ    . ARG B 2 68  ? -16.704 1.197   -7.969  1.00 29.10 ? 104 ARG A CZ    1 
ATOM   702  N NH1   . ARG B 2 68  ? -15.594 0.792   -8.579  1.00 25.96 ? 104 ARG A NH1   1 
ATOM   703  N NH2   . ARG B 2 68  ? -17.835 1.279   -8.655  1.00 28.43 ? 104 ARG A NH2   1 
ATOM   704  N N     . LEU B 2 69  ? -15.407 -3.548  -2.717  1.00 19.66 ? 105 LEU A N     1 
ATOM   705  C CA    . LEU B 2 69  ? -16.153 -4.454  -1.845  1.00 17.58 ? 105 LEU A CA    1 
ATOM   706  C C     . LEU B 2 69  ? -16.530 -3.697  -0.585  1.00 18.61 ? 105 LEU A C     1 
ATOM   707  O O     . LEU B 2 69  ? -15.658 -3.205  0.126   1.00 18.53 ? 105 LEU A O     1 
ATOM   708  C CB    . LEU B 2 69  ? -15.302 -5.664  -1.474  1.00 17.27 ? 105 LEU A CB    1 
ATOM   709  C CG    . LEU B 2 69  ? -14.948 -6.575  -2.650  1.00 20.11 ? 105 LEU A CG    1 
ATOM   710  C CD1   . LEU B 2 69  ? -13.935 -7.617  -2.214  1.00 19.65 ? 105 LEU A CD1   1 
ATOM   711  C CD2   . LEU B 2 69  ? -16.213 -7.230  -3.177  1.00 19.62 ? 105 LEU A CD2   1 
ATOM   712  N N     . GLN B 2 70  ? -17.828 -3.607  -0.315  1.00 18.52 ? 106 GLN A N     1 
ATOM   713  C CA    . GLN B 2 70  ? -18.323 -2.887  0.844   1.00 18.78 ? 106 GLN A CA    1 
ATOM   714  C C     . GLN B 2 70  ? -17.771 -1.466  0.817   1.00 19.56 ? 106 GLN A C     1 
ATOM   715  O O     . GLN B 2 70  ? -18.014 -0.741  -0.142  1.00 21.56 ? 106 GLN A O     1 
ATOM   716  C CB    . GLN B 2 70  ? -17.938 -3.613  2.133   1.00 23.52 ? 106 GLN A CB    1 
ATOM   717  C CG    . GLN B 2 70  ? -18.836 -4.813  2.456   1.00 30.20 ? 106 GLN A CG    1 
ATOM   718  C CD    . GLN B 2 70  ? -18.784 -5.927  1.407   1.00 34.28 ? 106 GLN A CD    1 
ATOM   719  O OE1   . GLN B 2 70  ? -17.782 -6.635  1.284   1.00 36.44 ? 106 GLN A OE1   1 
ATOM   720  N NE2   . GLN B 2 70  ? -19.871 -6.086  0.652   1.00 34.64 ? 106 GLN A NE2   1 
ATOM   721  N N     . THR B 2 71  ? -17.027 -1.050  1.837   1.00 18.65 ? 107 THR A N     1 
ATOM   722  C CA    . THR B 2 71  ? -16.502 0.317   1.837   1.00 18.86 ? 107 THR A CA    1 
ATOM   723  C C     . THR B 2 71  ? -15.083 0.407   1.287   1.00 17.72 ? 107 THR A C     1 
ATOM   724  O O     . THR B 2 71  ? -14.494 1.485   1.250   1.00 16.64 ? 107 THR A O     1 
ATOM   725  C CB    . THR B 2 71  ? -16.489 0.922   3.258   1.00 20.46 ? 107 THR A CB    1 
ATOM   726  O OG1   . THR B 2 71  ? -15.607 0.161   4.092   1.00 21.55 ? 107 THR A OG1   1 
ATOM   727  C CG2   . THR B 2 71  ? -17.891 0.917   3.861   1.00 21.27 ? 107 THR A CG2   1 
ATOM   728  N N     . LYS B 2 72  ? -14.545 -0.720  0.838   1.00 15.94 ? 108 LYS A N     1 
ATOM   729  C CA    . LYS B 2 72  ? -13.177 -0.760  0.339   1.00 15.20 ? 108 LYS A CA    1 
ATOM   730  C C     . LYS B 2 72  ? -13.016 -0.821  -1.169  1.00 13.65 ? 108 LYS A C     1 
ATOM   731  O O     . LYS B 2 72  ? -13.949 -1.132  -1.906  1.00 13.37 ? 108 LYS A O     1 
ATOM   732  C CB    . LYS B 2 72  ? -12.444 -1.973  0.932   1.00 16.03 ? 108 LYS A CB    1 
ATOM   733  C CG    . LYS B 2 72  ? -12.436 -2.058  2.448   1.00 16.29 ? 108 LYS A CG    1 
ATOM   734  C CD    . LYS B 2 72  ? -11.592 -0.953  3.057   1.00 19.16 ? 108 LYS A CD    1 
ATOM   735  C CE    . LYS B 2 72  ? -11.459 -1.145  4.550   1.00 21.03 ? 108 LYS A CE    1 
ATOM   736  N NZ    . LYS B 2 72  ? -10.531 -0.151  5.147   1.00 26.67 ? 108 LYS A NZ    1 
ATOM   737  N N     . THR B 2 73  ? -11.799 -0.508  -1.606  1.00 13.79 ? 109 THR A N     1 
ATOM   738  C CA    . THR B 2 73  ? -11.399 -0.591  -3.007  1.00 13.49 ? 109 THR A CA    1 
ATOM   739  C C     . THR B 2 73  ? -10.140 -1.432  -2.849  1.00 12.74 ? 109 THR A C     1 
ATOM   740  O O     . THR B 2 73  ? -9.088  -0.915  -2.480  1.00 13.46 ? 109 THR A O     1 
ATOM   741  C CB    . THR B 2 73  ? -11.013 0.779   -3.593  1.00 15.33 ? 109 THR A CB    1 
ATOM   742  O OG1   . THR B 2 73  ? -12.146 1.655   -3.562  1.00 18.05 ? 109 THR A OG1   1 
ATOM   743  C CG2   . THR B 2 73  ? -10.551 0.625   -5.032  1.00 15.60 ? 109 THR A CG2   1 
ATOM   744  N N     . ILE B 2 74  ? -10.244 -2.730  -3.095  1.00 10.48 ? 110 ILE A N     1 
ATOM   745  C CA    . ILE B 2 74  ? -9.090  -3.597  -2.916  1.00 10.66 ? 110 ILE A CA    1 
ATOM   746  C C     . ILE B 2 74  ? -7.956  -3.330  -3.900  1.00 9.77  ? 110 ILE A C     1 
ATOM   747  O O     . ILE B 2 74  ? -8.154  -2.774  -4.983  1.00 9.18  ? 110 ILE A O     1 
ATOM   748  C CB    . ILE B 2 74  ? -9.476  -5.105  -2.992  1.00 9.60  ? 110 ILE A CB    1 
ATOM   749  C CG1   . ILE B 2 74  ? -9.747  -5.527  -4.437  1.00 10.12 ? 110 ILE A CG1   1 
ATOM   750  C CG2   . ILE B 2 74  ? -10.711 -5.364  -2.129  1.00 9.95  ? 110 ILE A CG2   1 
ATOM   751  C CD1   . ILE B 2 74  ? -9.849  -7.037  -4.620  1.00 8.91  ? 110 ILE A CD1   1 
ATOM   752  N N     . LYS B 2 75  ? -6.755  -3.717  -3.488  1.00 8.70  ? 111 LYS A N     1 
ATOM   753  C CA    . LYS B 2 75  ? -5.577  -3.564  -4.321  1.00 8.35  ? 111 LYS A CA    1 
ATOM   754  C C     . LYS B 2 75  ? -5.007  -4.961  -4.453  1.00 8.33  ? 111 LYS A C     1 
ATOM   755  O O     . LYS B 2 75  ? -4.940  -5.704  -3.472  1.00 6.90  ? 111 LYS A O     1 
ATOM   756  C CB    . LYS B 2 75  ? -4.546  -2.635  -3.662  1.00 9.78  ? 111 LYS A CB    1 
ATOM   757  C CG    . LYS B 2 75  ? -3.254  -2.477  -4.466  1.00 6.29  ? 111 LYS A CG    1 
ATOM   758  C CD    . LYS B 2 75  ? -2.249  -1.576  -3.769  1.00 10.18 ? 111 LYS A CD    1 
ATOM   759  C CE    . LYS B 2 75  ? -0.925  -1.568  -4.525  1.00 12.38 ? 111 LYS A CE    1 
ATOM   760  N NZ    . LYS B 2 75  ? 0.079   -0.658  -3.900  1.00 11.42 ? 111 LYS A NZ    1 
ATOM   761  N N     . VAL B 2 76  ? -4.633  -5.326  -5.672  1.00 6.54  ? 112 VAL A N     1 
ATOM   762  C CA    . VAL B 2 76  ? -4.058  -6.637  -5.926  1.00 7.40  ? 112 VAL A CA    1 
ATOM   763  C C     . VAL B 2 76  ? -2.728  -6.387  -6.620  1.00 8.57  ? 112 VAL A C     1 
ATOM   764  O O     . VAL B 2 76  ? -2.681  -5.746  -7.672  1.00 10.07 ? 112 VAL A O     1 
ATOM   765  C CB    . VAL B 2 76  ? -4.957  -7.488  -6.847  1.00 5.78  ? 112 VAL A CB    1 
ATOM   766  C CG1   . VAL B 2 76  ? -4.363  -8.885  -6.999  1.00 5.35  ? 112 VAL A CG1   1 
ATOM   767  C CG2   . VAL B 2 76  ? -6.370  -7.574  -6.269  1.00 7.38  ? 112 VAL A CG2   1 
ATOM   768  N N     . SER B 2 77  ? -1.640  -6.863  -6.029  1.00 8.26  ? 113 SER A N     1 
ATOM   769  C CA    . SER B 2 77  ? -0.343  -6.652  -6.641  1.00 9.00  ? 113 SER A CA    1 
ATOM   770  C C     . SER B 2 77  ? 0.534   -7.828  -6.302  1.00 9.48  ? 113 SER A C     1 
ATOM   771  O O     . SER B 2 77  ? 0.112   -8.729  -5.582  1.00 10.63 ? 113 SER A O     1 
ATOM   772  C CB    . SER B 2 77  ? 0.287   -5.346  -6.135  1.00 10.96 ? 113 SER A CB    1 
ATOM   773  O OG    . SER B 2 77  ? 0.372   -5.321  -4.720  1.00 11.74 ? 113 SER A OG    1 
ATOM   774  N N     . TYR B 2 78  ? 1.746   -7.826  -6.842  1.00 9.15  ? 114 TYR A N     1 
ATOM   775  C CA    . TYR B 2 78  ? 2.682   -8.912  -6.597  1.00 8.99  ? 114 TYR A CA    1 
ATOM   776  C C     . TYR B 2 78  ? 3.265   -8.834  -5.191  1.00 9.01  ? 114 TYR A C     1 
ATOM   777  O O     . TYR B 2 78  ? 3.610   -7.755  -4.712  1.00 7.91  ? 114 TYR A O     1 
ATOM   778  C CB    . TYR B 2 78  ? 3.812   -8.869  -7.634  1.00 9.80  ? 114 TYR A CB    1 
ATOM   779  C CG    . TYR B 2 78  ? 3.407   -9.358  -9.008  1.00 9.69  ? 114 TYR A CG    1 
ATOM   780  C CD1   . TYR B 2 78  ? 3.083   -10.702 -9.221  1.00 9.77  ? 114 TYR A CD1   1 
ATOM   781  C CD2   . TYR B 2 78  ? 3.317   -8.478  -10.086 1.00 9.00  ? 114 TYR A CD2   1 
ATOM   782  C CE1   . TYR B 2 78  ? 2.671   -11.153 -10.476 1.00 12.09 ? 114 TYR A CE1   1 
ATOM   783  C CE2   . TYR B 2 78  ? 2.910   -8.918  -11.343 1.00 11.64 ? 114 TYR A CE2   1 
ATOM   784  C CZ    . TYR B 2 78  ? 2.588   -10.254 -11.527 1.00 12.94 ? 114 TYR A CZ    1 
ATOM   785  O OH    . TYR B 2 78  ? 2.170   -10.692 -12.760 1.00 15.53 ? 114 TYR A OH    1 
ATOM   786  N N     . ALA B 2 79  ? 3.351   -9.983  -4.526  1.00 9.66  ? 115 ALA A N     1 
ATOM   787  C CA    . ALA B 2 79  ? 3.916   -10.032 -3.189  1.00 10.16 ? 115 ALA A CA    1 
ATOM   788  C C     . ALA B 2 79  ? 5.424   -10.114 -3.345  1.00 10.80 ? 115 ALA A C     1 
ATOM   789  O O     . ALA B 2 79  ? 5.938   -10.973 -4.057  1.00 10.53 ? 115 ALA A O     1 
ATOM   790  C CB    . ALA B 2 79  ? 3.405   -11.240 -2.441  1.00 9.19  ? 115 ALA A CB    1 
ATOM   791  N N     . ARG B 2 80  ? 6.136   -9.197  -2.704  1.00 11.26 ? 116 ARG A N     1 
ATOM   792  C CA    . ARG B 2 80  ? 7.583   -9.213  -2.769  1.00 10.86 ? 116 ARG A CA    1 
ATOM   793  C C     . ARG B 2 80  ? 8.018   -10.311 -1.790  1.00 13.51 ? 116 ARG A C     1 
ATOM   794  O O     . ARG B 2 80  ? 7.259   -10.688 -0.888  1.00 13.26 ? 116 ARG A O     1 
ATOM   795  C CB    . ARG B 2 80  ? 8.131   -7.851  -2.335  1.00 9.93  ? 116 ARG A CB    1 
ATOM   796  C CG    . ARG B 2 80  ? 7.739   -6.706  -3.261  1.00 9.97  ? 116 ARG A CG    1 
ATOM   797  C CD    . ARG B 2 80  ? 7.838   -5.370  -2.550  1.00 11.08 ? 116 ARG A CD    1 
ATOM   798  N NE    . ARG B 2 80  ? 6.726   -5.158  -1.627  1.00 13.52 ? 116 ARG A NE    1 
ATOM   799  C CZ    . ARG B 2 80  ? 6.804   -4.441  -0.511  1.00 13.85 ? 116 ARG A CZ    1 
ATOM   800  N NH1   . ARG B 2 80  ? 7.946   -3.868  -0.165  1.00 12.52 ? 116 ARG A NH1   1 
ATOM   801  N NH2   . ARG B 2 80  ? 5.737   -4.293  0.257   1.00 16.04 ? 116 ARG A NH2   1 
ATOM   802  N N     . PRO B 2 81  ? 9.232   -10.852 -1.963  1.00 14.87 ? 117 PRO A N     1 
ATOM   803  C CA    . PRO B 2 81  ? 9.704   -11.900 -1.061  1.00 15.12 ? 117 PRO A CA    1 
ATOM   804  C C     . PRO B 2 81  ? 9.549   -11.485 0.399   1.00 16.08 ? 117 PRO A C     1 
ATOM   805  O O     . PRO B 2 81  ? 9.806   -10.341 0.767   1.00 15.94 ? 117 PRO A O     1 
ATOM   806  C CB    . PRO B 2 81  ? 11.161  -12.065 -1.471  1.00 15.62 ? 117 PRO A CB    1 
ATOM   807  C CG    . PRO B 2 81  ? 11.111  -11.809 -2.928  1.00 15.57 ? 117 PRO A CG    1 
ATOM   808  C CD    . PRO B 2 81  ? 10.232  -10.581 -3.008  1.00 15.85 ? 117 PRO A CD    1 
ATOM   809  N N     . SER B 2 82  ? 9.104   -12.421 1.224   1.00 17.92 ? 118 SER A N     1 
ATOM   810  C CA    . SER B 2 82  ? 8.918   -12.153 2.637   1.00 20.27 ? 118 SER A CA    1 
ATOM   811  C C     . SER B 2 82  ? 10.301  -11.940 3.251   1.00 21.32 ? 118 SER A C     1 
ATOM   812  O O     . SER B 2 82  ? 11.049  -12.885 3.485   1.00 25.46 ? 118 SER A O     1 
ATOM   813  C CB    . SER B 2 82  ? 8.194   -13.334 3.299   1.00 21.37 ? 118 SER A CB    1 
ATOM   814  O OG    . SER B 2 82  ? 7.737   -12.999 4.596   1.00 22.58 ? 118 SER A OG    1 
ATOM   815  N N     . SER B 2 83  ? 10.641  -10.683 3.488   1.00 19.91 ? 119 SER A N     1 
ATOM   816  C CA    . SER B 2 83  ? 11.930  -10.337 4.058   1.00 20.98 ? 119 SER A CA    1 
ATOM   817  C C     . SER B 2 83  ? 11.720  -9.282  5.137   1.00 20.24 ? 119 SER A C     1 
ATOM   818  O O     . SER B 2 83  ? 10.815  -8.453  5.030   1.00 21.18 ? 119 SER A O     1 
ATOM   819  C CB    . SER B 2 83  ? 12.850  -9.788  2.963   1.00 20.32 ? 119 SER A CB    1 
ATOM   820  O OG    . SER B 2 83  ? 14.059  -9.292  3.508   1.00 23.29 ? 119 SER A OG    1 
ATOM   821  N N     . ALA B 2 84  ? 12.545  -9.321  6.177   1.00 18.76 ? 120 ALA A N     1 
ATOM   822  C CA    . ALA B 2 84  ? 12.437  -8.353  7.258   1.00 16.26 ? 120 ALA A CA    1 
ATOM   823  C C     . ALA B 2 84  ? 12.810  -6.962  6.747   1.00 16.04 ? 120 ALA A C     1 
ATOM   824  O O     . ALA B 2 84  ? 12.511  -5.956  7.393   1.00 13.95 ? 120 ALA A O     1 
ATOM   825  C CB    . ALA B 2 84  ? 13.351  -8.755  8.406   1.00 18.01 ? 120 ALA A CB    1 
ATOM   826  N N     . SER B 2 85  ? 13.442  -6.916  5.573   1.00 15.65 ? 121 SER A N     1 
ATOM   827  C CA    . SER B 2 85  ? 13.878  -5.653  4.976   1.00 17.87 ? 121 SER A CA    1 
ATOM   828  C C     . SER B 2 85  ? 12.736  -4.774  4.475   1.00 17.19 ? 121 SER A C     1 
ATOM   829  O O     . SER B 2 85  ? 12.898  -3.559  4.346   1.00 17.87 ? 121 SER A O     1 
ATOM   830  C CB    . SER B 2 85  ? 14.846  -5.922  3.825   1.00 18.43 ? 121 SER A CB    1 
ATOM   831  O OG    . SER B 2 85  ? 14.221  -6.694  2.817   1.00 23.35 ? 121 SER A OG    1 
ATOM   832  N N     . ILE B 2 86  ? 11.589  -5.382  4.190   1.00 17.32 ? 122 ILE A N     1 
ATOM   833  C CA    . ILE B 2 86  ? 10.435  -4.623  3.705   1.00 18.29 ? 122 ILE A CA    1 
ATOM   834  C C     . ILE B 2 86  ? 9.509   -4.161  4.825   1.00 16.84 ? 122 ILE A C     1 
ATOM   835  O O     . ILE B 2 86  ? 8.533   -3.461  4.571   1.00 16.08 ? 122 ILE A O     1 
ATOM   836  C CB    . ILE B 2 86  ? 9.598   -5.433  2.678   1.00 17.41 ? 122 ILE A CB    1 
ATOM   837  C CG1   . ILE B 2 86  ? 9.022   -6.685  3.326   1.00 17.74 ? 122 ILE A CG1   1 
ATOM   838  C CG2   . ILE B 2 86  ? 10.469  -5.813  1.487   1.00 18.41 ? 122 ILE A CG2   1 
ATOM   839  C CD1   . ILE B 2 86  ? 8.157   -7.503  2.385   1.00 18.40 ? 122 ILE A CD1   1 
ATOM   840  N N     . ARG B 2 87  ? 9.829   -4.540  6.059   1.00 17.36 ? 123 ARG A N     1 
ATOM   841  C CA    . ARG B 2 87  ? 9.026   -4.166  7.225   1.00 18.04 ? 123 ARG A CA    1 
ATOM   842  C C     . ARG B 2 87  ? 9.385   -2.793  7.769   1.00 18.64 ? 123 ARG A C     1 
ATOM   843  O O     . ARG B 2 87  ? 10.518  -2.330  7.625   1.00 17.89 ? 123 ARG A O     1 
ATOM   844  C CB    . ARG B 2 87  ? 9.202   -5.191  8.353   1.00 19.88 ? 123 ARG A CB    1 
ATOM   845  C CG    . ARG B 2 87  ? 8.499   -6.516  8.122   1.00 25.78 ? 123 ARG A CG    1 
ATOM   846  C CD    . ARG B 2 87  ? 8.858   -7.530  9.203   1.00 30.52 ? 123 ARG A CD    1 
ATOM   847  N NE    . ARG B 2 87  ? 8.559   -7.059  10.556  1.00 31.31 ? 123 ARG A NE    1 
ATOM   848  C CZ    . ARG B 2 87  ? 8.881   -7.730  11.661  1.00 33.73 ? 123 ARG A CZ    1 
ATOM   849  N NH1   . ARG B 2 87  ? 9.510   -8.895  11.568  1.00 32.59 ? 123 ARG A NH1   1 
ATOM   850  N NH2   . ARG B 2 87  ? 8.577   -7.240  12.856  1.00 32.02 ? 123 ARG A NH2   1 
ATOM   851  N N     . ASP B 2 88  ? 8.406   -2.147  8.396   1.00 16.61 ? 124 ASP A N     1 
ATOM   852  C CA    . ASP B 2 88  ? 8.613   -0.837  9.002   1.00 17.20 ? 124 ASP A CA    1 
ATOM   853  C C     . ASP B 2 88  ? 9.144   0.210   8.034   1.00 16.16 ? 124 ASP A C     1 
ATOM   854  O O     . ASP B 2 88  ? 10.022  0.999   8.402   1.00 18.15 ? 124 ASP A O     1 
ATOM   855  C CB    . ASP B 2 88  ? 9.600   -0.957  10.164  1.00 21.36 ? 124 ASP A CB    1 
ATOM   856  C CG    . ASP B 2 88  ? 9.107   -1.868  11.266  1.00 25.88 ? 124 ASP A CG    1 
ATOM   857  O OD1   . ASP B 2 88  ? 9.947   -2.247  12.111  1.00 28.97 ? 124 ASP A OD1   1 
ATOM   858  O OD2   . ASP B 2 88  ? 7.895   -2.195  11.300  1.00 24.75 ? 124 ASP A OD2   1 
ATOM   859  N N     . ALA B 2 89  ? 8.626   0.230   6.809   1.00 14.93 ? 125 ALA A N     1 
ATOM   860  C CA    . ALA B 2 89  ? 9.078   1.198   5.808   1.00 13.52 ? 125 ALA A CA    1 
ATOM   861  C C     . ALA B 2 89  ? 7.997   2.231   5.510   1.00 12.01 ? 125 ALA A C     1 
ATOM   862  O O     . ALA B 2 89  ? 8.002   2.863   4.450   1.00 14.30 ? 125 ALA A O     1 
ATOM   863  C CB    . ALA B 2 89  ? 9.462   0.470   4.534   1.00 12.15 ? 125 ALA A CB    1 
ATOM   864  N N     . ASN B 2 90  ? 7.080   2.409   6.456   1.00 12.49 ? 126 ASN A N     1 
ATOM   865  C CA    . ASN B 2 90  ? 5.964   3.334   6.299   1.00 13.76 ? 126 ASN A CA    1 
ATOM   866  C C     . ASN B 2 90  ? 6.286   4.665   6.963   1.00 13.60 ? 126 ASN A C     1 
ATOM   867  O O     . ASN B 2 90  ? 6.733   4.697   8.106   1.00 15.43 ? 126 ASN A O     1 
ATOM   868  C CB    . ASN B 2 90  ? 4.701   2.707   6.910   1.00 14.98 ? 126 ASN A CB    1 
ATOM   869  C CG    . ASN B 2 90  ? 3.439   3.473   6.579   1.00 14.93 ? 126 ASN A CG    1 
ATOM   870  O OD1   . ASN B 2 90  ? 3.247   3.915   5.447   1.00 16.72 ? 126 ASN A OD1   1 
ATOM   871  N ND2   . ASN B 2 90  ? 2.561   3.617   7.562   1.00 18.45 ? 126 ASN A ND2   1 
ATOM   872  N N     . LEU B 2 91  ? 6.041   5.755   6.240   1.00 12.82 ? 127 LEU A N     1 
ATOM   873  C CA    . LEU B 2 91  ? 6.329   7.097   6.728   1.00 12.67 ? 127 LEU A CA    1 
ATOM   874  C C     . LEU B 2 91  ? 5.098   7.973   6.810   1.00 13.90 ? 127 LEU A C     1 
ATOM   875  O O     . LEU B 2 91  ? 4.205   7.899   5.964   1.00 15.35 ? 127 LEU A O     1 
ATOM   876  C CB    . LEU B 2 91  ? 7.327   7.798   5.802   1.00 11.67 ? 127 LEU A CB    1 
ATOM   877  C CG    . LEU B 2 91  ? 8.690   7.165   5.563   1.00 10.53 ? 127 LEU A CG    1 
ATOM   878  C CD1   . LEU B 2 91  ? 9.440   7.963   4.497   1.00 9.41  ? 127 LEU A CD1   1 
ATOM   879  C CD2   . LEU B 2 91  ? 9.459   7.127   6.878   1.00 10.37 ? 127 LEU A CD2   1 
ATOM   880  N N     . TYR B 2 92  ? 5.066   8.809   7.836   1.00 15.23 ? 128 TYR A N     1 
ATOM   881  C CA    . TYR B 2 92  ? 3.977   9.752   8.020   1.00 15.66 ? 128 TYR A CA    1 
ATOM   882  C C     . TYR B 2 92  ? 4.606   11.089  7.644   1.00 17.69 ? 128 TYR A C     1 
ATOM   883  O O     . TYR B 2 92  ? 5.679   11.432  8.148   1.00 17.73 ? 128 TYR A O     1 
ATOM   884  C CB    . TYR B 2 92  ? 3.521   9.791   9.479   1.00 17.21 ? 128 TYR A CB    1 
ATOM   885  C CG    . TYR B 2 92  ? 2.468   10.844  9.729   1.00 19.26 ? 128 TYR A CG    1 
ATOM   886  C CD1   . TYR B 2 92  ? 1.133   10.615  9.388   1.00 19.56 ? 128 TYR A CD1   1 
ATOM   887  C CD2   . TYR B 2 92  ? 2.816   12.095  10.248  1.00 20.12 ? 128 TYR A CD2   1 
ATOM   888  C CE1   . TYR B 2 92  ? 0.165   11.608  9.551   1.00 22.62 ? 128 TYR A CE1   1 
ATOM   889  C CE2   . TYR B 2 92  ? 1.860   13.094  10.414  1.00 22.12 ? 128 TYR A CE2   1 
ATOM   890  C CZ    . TYR B 2 92  ? 0.535   12.842  10.061  1.00 24.85 ? 128 TYR A CZ    1 
ATOM   891  O OH    . TYR B 2 92  ? -0.415  13.831  10.202  1.00 28.30 ? 128 TYR A OH    1 
ATOM   892  N N     . VAL B 2 93  ? 3.960   11.832  6.752   1.00 15.71 ? 129 VAL A N     1 
ATOM   893  C CA    . VAL B 2 93  ? 4.511   13.109  6.331   1.00 17.43 ? 129 VAL A CA    1 
ATOM   894  C C     . VAL B 2 93  ? 3.502   14.224  6.577   1.00 18.85 ? 129 VAL A C     1 
ATOM   895  O O     . VAL B 2 93  ? 2.300   14.035  6.389   1.00 18.51 ? 129 VAL A O     1 
ATOM   896  C CB    . VAL B 2 93  ? 4.897   13.076  4.830   1.00 17.89 ? 129 VAL A CB    1 
ATOM   897  C CG1   . VAL B 2 93  ? 5.689   14.319  4.467   1.00 20.29 ? 129 VAL A CG1   1 
ATOM   898  C CG2   . VAL B 2 93  ? 5.718   11.826  4.528   1.00 19.19 ? 129 VAL A CG2   1 
ATOM   899  N N     . SER B 2 94  ? 3.997   15.380  7.009   1.00 19.80 ? 130 SER A N     1 
ATOM   900  C CA    . SER B 2 94  ? 3.138   16.524  7.284   1.00 21.26 ? 130 SER A CA    1 
ATOM   901  C C     . SER B 2 94  ? 3.813   17.833  6.878   1.00 21.62 ? 130 SER A C     1 
ATOM   902  O O     . SER B 2 94  ? 5.031   17.886  6.703   1.00 22.41 ? 130 SER A O     1 
ATOM   903  C CB    . SER B 2 94  ? 2.790   16.563  8.771   1.00 22.65 ? 130 SER A CB    1 
ATOM   904  O OG    . SER B 2 94  ? 3.964   16.620  9.561   1.00 27.56 ? 130 SER A OG    1 
ATOM   905  N N     . GLY B 2 95  ? 3.013   18.885  6.729   1.00 23.05 ? 131 GLY A N     1 
ATOM   906  C CA    . GLY B 2 95  ? 3.550   20.176  6.337   1.00 22.32 ? 131 GLY A CA    1 
ATOM   907  C C     . GLY B 2 95  ? 3.697   20.307  4.832   1.00 23.75 ? 131 GLY A C     1 
ATOM   908  O O     . GLY B 2 95  ? 4.345   21.233  4.338   1.00 25.53 ? 131 GLY A O     1 
ATOM   909  N N     . LEU B 2 96  ? 3.095   19.380  4.092   1.00 22.53 ? 132 LEU A N     1 
ATOM   910  C CA    . LEU B 2 96  ? 3.176   19.398  2.636   1.00 20.73 ? 132 LEU A CA    1 
ATOM   911  C C     . LEU B 2 96  ? 2.363   20.535  2.048   1.00 21.80 ? 132 LEU A C     1 
ATOM   912  O O     . LEU B 2 96  ? 1.386   20.983  2.647   1.00 21.42 ? 132 LEU A O     1 
ATOM   913  C CB    . LEU B 2 96  ? 2.636   18.091  2.052   1.00 20.69 ? 132 LEU A CB    1 
ATOM   914  C CG    . LEU B 2 96  ? 3.275   16.759  2.438   1.00 19.48 ? 132 LEU A CG    1 
ATOM   915  C CD1   . LEU B 2 96  ? 2.435   15.638  1.854   1.00 18.96 ? 132 LEU A CD1   1 
ATOM   916  C CD2   . LEU B 2 96  ? 4.711   16.691  1.938   1.00 19.98 ? 132 LEU A CD2   1 
ATOM   917  N N     . PRO B 2 97  ? 2.761   21.030  0.865   1.00 22.17 ? 133 PRO A N     1 
ATOM   918  C CA    . PRO B 2 97  ? 1.982   22.114  0.270   1.00 21.86 ? 133 PRO A CA    1 
ATOM   919  C C     . PRO B 2 97  ? 0.579   21.533  0.085   1.00 22.92 ? 133 PRO A C     1 
ATOM   920  O O     . PRO B 2 97  ? 0.446   20.383  -0.339  1.00 22.23 ? 133 PRO A O     1 
ATOM   921  C CB    . PRO B 2 97  ? 2.691   22.350  -1.060  1.00 22.03 ? 133 PRO A CB    1 
ATOM   922  C CG    . PRO B 2 97  ? 4.118   22.025  -0.742  1.00 20.50 ? 133 PRO A CG    1 
ATOM   923  C CD    . PRO B 2 97  ? 3.984   20.766  0.081   1.00 21.62 ? 133 PRO A CD    1 
ATOM   924  N N     . LYS B 2 98  ? -0.456  22.301  0.415   1.00 22.73 ? 134 LYS A N     1 
ATOM   925  C CA    . LYS B 2 98  ? -1.820  21.805  0.271   1.00 23.77 ? 134 LYS A CA    1 
ATOM   926  C C     . LYS B 2 98  ? -2.237  21.730  -1.193  1.00 24.40 ? 134 LYS A C     1 
ATOM   927  O O     . LYS B 2 98  ? -3.298  21.195  -1.526  1.00 24.91 ? 134 LYS A O     1 
ATOM   928  C CB    . LYS B 2 98  ? -2.794  22.675  1.068   1.00 23.46 ? 134 LYS A CB    1 
ATOM   929  C CG    . LYS B 2 98  ? -2.627  22.551  2.577   1.00 23.24 ? 134 LYS A CG    1 
ATOM   930  C CD    . LYS B 2 98  ? -3.863  23.056  3.292   1.00 26.84 ? 134 LYS A CD    1 
ATOM   931  C CE    . LYS B 2 98  ? -3.789  22.829  4.789   1.00 26.79 ? 134 LYS A CE    1 
ATOM   932  N NZ    . LYS B 2 98  ? -2.893  23.804  5.446   1.00 29.68 ? 134 LYS A NZ    1 
ATOM   933  N N     . THR B 2 99  ? -1.381  22.261  -2.060  1.00 24.48 ? 135 THR A N     1 
ATOM   934  C CA    . THR B 2 99  ? -1.610  22.238  -3.497  1.00 25.87 ? 135 THR A CA    1 
ATOM   935  C C     . THR B 2 99  ? -0.951  20.994  -4.095  1.00 26.85 ? 135 THR A C     1 
ATOM   936  O O     . THR B 2 99  ? -1.192  20.646  -5.250  1.00 28.81 ? 135 THR A O     1 
ATOM   937  C CB    . THR B 2 99  ? -0.993  23.470  -4.182  1.00 27.81 ? 135 THR A CB    1 
ATOM   938  O OG1   . THR B 2 99  ? 0.377   23.594  -3.785  1.00 27.99 ? 135 THR A OG1   1 
ATOM   939  C CG2   . THR B 2 99  ? -1.745  24.733  -3.801  1.00 28.59 ? 135 THR A CG2   1 
ATOM   940  N N     . MET B 2 100 ? -0.114  20.330  -3.304  1.00 26.85 ? 136 MET A N     1 
ATOM   941  C CA    . MET B 2 100 ? 0.586   19.138  -3.769  1.00 26.67 ? 136 MET A CA    1 
ATOM   942  C C     . MET B 2 100 ? -0.347  17.960  -4.021  1.00 27.41 ? 136 MET A C     1 
ATOM   943  O O     . MET B 2 100 ? -1.246  17.673  -3.229  1.00 27.26 ? 136 MET A O     1 
ATOM   944  C CB    . MET B 2 100 ? 1.668   18.724  -2.766  1.00 26.13 ? 136 MET A CB    1 
ATOM   945  C CG    . MET B 2 100 ? 2.573   17.609  -3.285  1.00 27.37 ? 136 MET A CG    1 
ATOM   946  S SD    . MET B 2 100 ? 3.868   17.081  -2.144  1.00 24.29 ? 136 MET A SD    1 
ATOM   947  C CE    . MET B 2 100 ? 5.212   18.136  -2.651  1.00 25.97 ? 136 MET A CE    1 
ATOM   948  N N     . THR B 2 101 ? -0.118  17.282  -5.139  1.00 28.68 ? 137 THR A N     1 
ATOM   949  C CA    . THR B 2 101 ? -0.908  16.126  -5.532  1.00 28.47 ? 137 THR A CA    1 
ATOM   950  C C     . THR B 2 101 ? -0.121  14.858  -5.205  1.00 28.74 ? 137 THR A C     1 
ATOM   951  O O     . THR B 2 101 ? 1.086   14.919  -4.980  1.00 27.36 ? 137 THR A O     1 
ATOM   952  C CB    . THR B 2 101 ? -1.207  16.163  -7.047  1.00 29.43 ? 137 THR A CB    1 
ATOM   953  O OG1   . THR B 2 101 ? 0.024   16.127  -7.779  1.00 29.97 ? 137 THR A OG1   1 
ATOM   954  C CG2   . THR B 2 101 ? -1.955  17.445  -7.415  1.00 30.09 ? 137 THR A CG2   1 
ATOM   955  N N     . GLN B 2 102 ? -0.800  13.714  -5.176  1.00 30.33 ? 138 GLN A N     1 
ATOM   956  C CA    . GLN B 2 102 ? -0.138  12.447  -4.872  1.00 31.46 ? 138 GLN A CA    1 
ATOM   957  C C     . GLN B 2 102 ? 0.955   12.155  -5.898  1.00 31.68 ? 138 GLN A C     1 
ATOM   958  O O     . GLN B 2 102 ? 1.981   11.539  -5.583  1.00 31.47 ? 138 GLN A O     1 
ATOM   959  C CB    . GLN B 2 102 ? -1.149  11.300  -4.868  1.00 33.07 ? 138 GLN A CB    1 
ATOM   960  C CG    . GLN B 2 102 ? -0.562  9.976   -4.412  1.00 38.71 ? 138 GLN A CG    1 
ATOM   961  C CD    . GLN B 2 102 ? -1.477  8.791   -4.685  1.00 43.00 ? 138 GLN A CD    1 
ATOM   962  O OE1   . GLN B 2 102 ? -1.218  7.674   -4.227  1.00 45.17 ? 138 GLN A OE1   1 
ATOM   963  N NE2   . GLN B 2 102 ? -2.546  9.024   -5.444  1.00 43.85 ? 138 GLN A NE2   1 
ATOM   964  N N     . LYS B 2 103 ? 0.724   12.602  -7.128  1.00 30.86 ? 139 LYS A N     1 
ATOM   965  C CA    . LYS B 2 103 ? 1.675   12.408  -8.212  1.00 30.53 ? 139 LYS A CA    1 
ATOM   966  C C     . LYS B 2 103 ? 2.983   13.110  -7.852  1.00 28.52 ? 139 LYS A C     1 
ATOM   967  O O     . LYS B 2 103 ? 4.065   12.559  -8.020  1.00 27.86 ? 139 LYS A O     1 
ATOM   968  C CB    . LYS B 2 103 ? 1.111   12.997  -9.510  1.00 32.87 ? 139 LYS A CB    1 
ATOM   969  C CG    . LYS B 2 103 ? 1.907   12.663  -10.764 1.00 36.50 ? 139 LYS A CG    1 
ATOM   970  C CD    . LYS B 2 103 ? 1.401   13.465  -11.964 1.00 40.92 ? 139 LYS A CD    1 
ATOM   971  C CE    . LYS B 2 103 ? 2.026   12.993  -13.276 1.00 42.45 ? 139 LYS A CE    1 
ATOM   972  N NZ    . LYS B 2 103 ? 1.562   11.623  -13.657 1.00 43.20 ? 139 LYS A NZ    1 
ATOM   973  N N     . GLU B 2 104 ? 2.868   14.328  -7.340  1.00 27.06 ? 140 GLU A N     1 
ATOM   974  C CA    . GLU B 2 104 ? 4.029   15.121  -6.967  1.00 27.09 ? 140 GLU A CA    1 
ATOM   975  C C     . GLU B 2 104 ? 4.707   14.617  -5.698  1.00 25.93 ? 140 GLU A C     1 
ATOM   976  O O     . GLU B 2 104 ? 5.929   14.681  -5.570  1.00 25.70 ? 140 GLU A O     1 
ATOM   977  C CB    . GLU B 2 104 ? 3.612   16.573  -6.780  1.00 29.53 ? 140 GLU A CB    1 
ATOM   978  C CG    . GLU B 2 104 ? 2.727   17.085  -7.894  1.00 34.57 ? 140 GLU A CG    1 
ATOM   979  C CD    . GLU B 2 104 ? 2.388   18.545  -7.734  1.00 37.67 ? 140 GLU A CD    1 
ATOM   980  O OE1   . GLU B 2 104 ? 2.109   18.969  -6.588  1.00 38.43 ? 140 GLU A OE1   1 
ATOM   981  O OE2   . GLU B 2 104 ? 2.395   19.263  -8.759  1.00 39.95 ? 140 GLU A OE2   1 
ATOM   982  N N     . LEU B 2 105 ? 3.910   14.129  -4.753  1.00 25.01 ? 141 LEU A N     1 
ATOM   983  C CA    . LEU B 2 105 ? 4.445   13.604  -3.497  1.00 24.97 ? 141 LEU A CA    1 
ATOM   984  C C     . LEU B 2 105 ? 5.312   12.380  -3.782  1.00 24.47 ? 141 LEU A C     1 
ATOM   985  O O     . LEU B 2 105 ? 6.364   12.187  -3.169  1.00 22.80 ? 141 LEU A O     1 
ATOM   986  C CB    . LEU B 2 105 ? 3.300   13.216  -2.557  1.00 22.23 ? 141 LEU A CB    1 
ATOM   987  C CG    . LEU B 2 105 ? 3.674   12.469  -1.280  1.00 22.92 ? 141 LEU A CG    1 
ATOM   988  C CD1   . LEU B 2 105 ? 4.456   13.387  -0.352  1.00 21.36 ? 141 LEU A CD1   1 
ATOM   989  C CD2   . LEU B 2 105 ? 2.409   11.976  -0.602  1.00 22.61 ? 141 LEU A CD2   1 
ATOM   990  N N     . GLU B 2 106 ? 4.861   11.552  -4.719  1.00 26.17 ? 142 GLU A N     1 
ATOM   991  C CA    . GLU B 2 106 ? 5.601   10.355  -5.080  1.00 28.17 ? 142 GLU A CA    1 
ATOM   992  C C     . GLU B 2 106 ? 6.848   10.683  -5.885  1.00 27.38 ? 142 GLU A C     1 
ATOM   993  O O     . GLU B 2 106 ? 7.864   10.012  -5.745  1.00 29.12 ? 142 GLU A O     1 
ATOM   994  C CB    . GLU B 2 106 ? 4.714   9.390   -5.867  1.00 32.56 ? 142 GLU A CB    1 
ATOM   995  C CG    . GLU B 2 106 ? 3.884   8.484   -4.987  1.00 37.92 ? 142 GLU A CG    1 
ATOM   996  C CD    . GLU B 2 106 ? 3.284   7.339   -5.764  1.00 41.91 ? 142 GLU A CD    1 
ATOM   997  O OE1   . GLU B 2 106 ? 4.005   6.763   -6.607  1.00 44.91 ? 142 GLU A OE1   1 
ATOM   998  O OE2   . GLU B 2 106 ? 2.102   7.007   -5.526  1.00 44.07 ? 142 GLU A OE2   1 
ATOM   999  N N     . GLN B 2 107 ? 6.779   11.701  -6.732  1.00 25.63 ? 143 GLN A N     1 
ATOM   1000 C CA    . GLN B 2 107 ? 7.948   12.076  -7.516  1.00 27.45 ? 143 GLN A CA    1 
ATOM   1001 C C     . GLN B 2 107 ? 8.987   12.616  -6.553  1.00 24.67 ? 143 GLN A C     1 
ATOM   1002 O O     . GLN B 2 107 ? 10.185  12.422  -6.738  1.00 25.82 ? 143 GLN A O     1 
ATOM   1003 C CB    . GLN B 2 107 ? 7.604   13.151  -8.546  1.00 30.11 ? 143 GLN A CB    1 
ATOM   1004 C CG    . GLN B 2 107 ? 6.418   12.804  -9.419  1.00 37.19 ? 143 GLN A CG    1 
ATOM   1005 C CD    . GLN B 2 107 ? 6.365   13.634  -10.682 1.00 40.29 ? 143 GLN A CD    1 
ATOM   1006 O OE1   . GLN B 2 107 ? 7.117   13.390  -11.627 1.00 41.63 ? 143 GLN A OE1   1 
ATOM   1007 N NE2   . GLN B 2 107 ? 5.483   14.630  -10.702 1.00 40.60 ? 143 GLN A NE2   1 
ATOM   1008 N N     . LEU B 2 108 ? 8.516   13.293  -5.513  1.00 22.01 ? 144 LEU A N     1 
ATOM   1009 C CA    . LEU B 2 108 ? 9.407   13.856  -4.510  1.00 22.21 ? 144 LEU A CA    1 
ATOM   1010 C C     . LEU B 2 108 ? 10.128  12.744  -3.759  1.00 21.17 ? 144 LEU A C     1 
ATOM   1011 O O     . LEU B 2 108 ? 11.353  12.753  -3.645  1.00 22.67 ? 144 LEU A O     1 
ATOM   1012 C CB    . LEU B 2 108 ? 8.614   14.722  -3.523  1.00 20.30 ? 144 LEU A CB    1 
ATOM   1013 C CG    . LEU B 2 108 ? 9.391   15.386  -2.384  1.00 21.72 ? 144 LEU A CG    1 
ATOM   1014 C CD1   . LEU B 2 108 ? 10.492  16.266  -2.948  1.00 22.04 ? 144 LEU A CD1   1 
ATOM   1015 C CD2   . LEU B 2 108 ? 8.438   16.210  -1.540  1.00 22.57 ? 144 LEU A CD2   1 
ATOM   1016 N N     . PHE B 2 109 ? 9.359   11.774  -3.270  1.00 20.07 ? 145 PHE A N     1 
ATOM   1017 C CA    . PHE B 2 109 ? 9.897   10.660  -2.495  1.00 17.42 ? 145 PHE A CA    1 
ATOM   1018 C C     . PHE B 2 109 ? 10.513  9.513   -3.290  1.00 17.41 ? 145 PHE A C     1 
ATOM   1019 O O     . PHE B 2 109 ? 11.324  8.763   -2.755  1.00 16.07 ? 145 PHE A O     1 
ATOM   1020 C CB    . PHE B 2 109 ? 8.800   10.110  -1.569  1.00 18.53 ? 145 PHE A CB    1 
ATOM   1021 C CG    . PHE B 2 109 ? 8.618   10.911  -0.300  1.00 18.50 ? 145 PHE A CG    1 
ATOM   1022 C CD1   . PHE B 2 109 ? 9.285   10.551  0.868   1.00 15.72 ? 145 PHE A CD1   1 
ATOM   1023 C CD2   . PHE B 2 109 ? 7.832   12.059  -0.291  1.00 13.55 ? 145 PHE A CD2   1 
ATOM   1024 C CE1   . PHE B 2 109 ? 9.174   11.324  2.018   1.00 17.51 ? 145 PHE A CE1   1 
ATOM   1025 C CE2   . PHE B 2 109 ? 7.719   12.832  0.854   1.00 14.17 ? 145 PHE A CE2   1 
ATOM   1026 C CZ    . PHE B 2 109 ? 8.390   12.467  2.006   1.00 15.96 ? 145 PHE A CZ    1 
ATOM   1027 N N     . SER B 2 110 ? 10.142  9.372   -4.557  1.00 18.42 ? 146 SER A N     1 
ATOM   1028 C CA    . SER B 2 110 ? 10.673  8.286   -5.383  1.00 20.70 ? 146 SER A CA    1 
ATOM   1029 C C     . SER B 2 110 ? 12.186  8.366   -5.590  1.00 22.25 ? 146 SER A C     1 
ATOM   1030 O O     . SER B 2 110 ? 12.802  7.390   -6.027  1.00 21.23 ? 146 SER A O     1 
ATOM   1031 C CB    . SER B 2 110 ? 9.984   8.265   -6.747  1.00 20.61 ? 146 SER A CB    1 
ATOM   1032 O OG    . SER B 2 110 ? 10.326  9.418   -7.496  1.00 26.84 ? 146 SER A OG    1 
ATOM   1033 N N     . GLN B 2 111 ? 12.782  9.520   -5.292  1.00 22.63 ? 147 GLN A N     1 
ATOM   1034 C CA    . GLN B 2 111 ? 14.228  9.694   -5.443  1.00 24.06 ? 147 GLN A CA    1 
ATOM   1035 C C     . GLN B 2 111 ? 14.960  8.743   -4.508  1.00 22.22 ? 147 GLN A C     1 
ATOM   1036 O O     . GLN B 2 111 ? 16.089  8.330   -4.783  1.00 22.02 ? 147 GLN A O     1 
ATOM   1037 C CB    . GLN B 2 111 ? 14.671  11.098  -5.039  1.00 25.74 ? 147 GLN A CB    1 
ATOM   1038 C CG    . GLN B 2 111 ? 13.822  12.237  -5.501  1.00 32.03 ? 147 GLN A CG    1 
ATOM   1039 C CD    . GLN B 2 111 ? 14.316  13.533  -4.899  1.00 36.40 ? 147 GLN A CD    1 
ATOM   1040 O OE1   . GLN B 2 111 ? 15.496  13.868  -5.021  1.00 39.12 ? 147 GLN A OE1   1 
ATOM   1041 N NE2   . GLN B 2 111 ? 13.427  14.265  -4.234  1.00 36.86 ? 147 GLN A NE2   1 
ATOM   1042 N N     . TYR B 2 112 ? 14.312  8.428   -3.390  1.00 18.54 ? 148 TYR A N     1 
ATOM   1043 C CA    . TYR B 2 112 ? 14.892  7.572   -2.363  1.00 18.12 ? 148 TYR A CA    1 
ATOM   1044 C C     . TYR B 2 112 ? 14.604  6.083   -2.445  1.00 16.10 ? 148 TYR A C     1 
ATOM   1045 O O     . TYR B 2 112 ? 15.130  5.318   -1.645  1.00 16.96 ? 148 TYR A O     1 
ATOM   1046 C CB    . TYR B 2 112 ? 14.480  8.099   -0.989  1.00 15.62 ? 148 TYR A CB    1 
ATOM   1047 C CG    . TYR B 2 112 ? 14.949  9.512   -0.766  1.00 17.64 ? 148 TYR A CG    1 
ATOM   1048 C CD1   . TYR B 2 112 ? 16.278  9.777   -0.424  1.00 19.08 ? 148 TYR A CD1   1 
ATOM   1049 C CD2   . TYR B 2 112 ? 14.089  10.590  -0.956  1.00 17.63 ? 148 TYR A CD2   1 
ATOM   1050 C CE1   . TYR B 2 112 ? 16.735  11.083  -0.280  1.00 20.44 ? 148 TYR A CE1   1 
ATOM   1051 C CE2   . TYR B 2 112 ? 14.539  11.902  -0.815  1.00 19.72 ? 148 TYR A CE2   1 
ATOM   1052 C CZ    . TYR B 2 112 ? 15.861  12.137  -0.477  1.00 20.83 ? 148 TYR A CZ    1 
ATOM   1053 O OH    . TYR B 2 112 ? 16.317  13.425  -0.335  1.00 23.14 ? 148 TYR A OH    1 
ATOM   1054 N N     . GLY B 2 113 ? 13.778  5.664   -3.396  1.00 16.20 ? 149 GLY A N     1 
ATOM   1055 C CA    . GLY B 2 113 ? 13.479  4.247   -3.515  1.00 15.28 ? 149 GLY A CA    1 
ATOM   1056 C C     . GLY B 2 113 ? 12.111  3.943   -4.090  1.00 16.26 ? 149 GLY A C     1 
ATOM   1057 O O     . GLY B 2 113 ? 11.331  4.851   -4.366  1.00 16.06 ? 149 GLY A O     1 
ATOM   1058 N N     . ARG B 2 114 ? 11.817  2.657   -4.265  1.00 15.74 ? 150 ARG A N     1 
ATOM   1059 C CA    . ARG B 2 114 ? 10.536  2.233   -4.824  1.00 16.80 ? 150 ARG A CA    1 
ATOM   1060 C C     . ARG B 2 114 ? 9.395   2.456   -3.835  1.00 16.92 ? 150 ARG A C     1 
ATOM   1061 O O     . ARG B 2 114 ? 9.435   1.982   -2.696  1.00 14.60 ? 150 ARG A O     1 
ATOM   1062 C CB    . ARG B 2 114 ? 10.601  0.751   -5.228  1.00 17.85 ? 150 ARG A CB    1 
ATOM   1063 C CG    . ARG B 2 114 ? 9.414   0.268   -6.042  1.00 23.09 ? 150 ARG A CG    1 
ATOM   1064 C CD    . ARG B 2 114 ? 9.532   -1.213  -6.389  1.00 28.78 ? 150 ARG A CD    1 
ATOM   1065 N NE    . ARG B 2 114 ? 10.553  -1.485  -7.402  1.00 30.51 ? 150 ARG A NE    1 
ATOM   1066 C CZ    . ARG B 2 114 ? 10.355  -1.405  -8.716  1.00 31.89 ? 150 ARG A CZ    1 
ATOM   1067 N NH1   . ARG B 2 114 ? 9.169   -1.063  -9.199  1.00 30.79 ? 150 ARG A NH1   1 
ATOM   1068 N NH2   . ARG B 2 114 ? 11.349  -1.671  -9.552  1.00 33.03 ? 150 ARG A NH2   1 
ATOM   1069 N N     . ILE B 2 115 ? 8.379   3.188   -4.281  1.00 15.26 ? 151 ILE A N     1 
ATOM   1070 C CA    . ILE B 2 115 ? 7.222   3.480   -3.451  1.00 15.26 ? 151 ILE A CA    1 
ATOM   1071 C C     . ILE B 2 115 ? 6.159   2.383   -3.582  1.00 14.63 ? 151 ILE A C     1 
ATOM   1072 O O     . ILE B 2 115 ? 5.786   1.990   -4.688  1.00 15.98 ? 151 ILE A O     1 
ATOM   1073 C CB    . ILE B 2 115 ? 6.618   4.856   -3.843  1.00 15.44 ? 151 ILE A CB    1 
ATOM   1074 C CG1   . ILE B 2 115 ? 7.659   5.954   -3.587  1.00 14.97 ? 151 ILE A CG1   1 
ATOM   1075 C CG2   . ILE B 2 115 ? 5.348   5.128   -3.052  1.00 15.35 ? 151 ILE A CG2   1 
ATOM   1076 C CD1   . ILE B 2 115 ? 7.183   7.355   -3.907  1.00 20.19 ? 151 ILE A CD1   1 
ATOM   1077 N N     . ILE B 2 116 ? 5.686   1.876   -2.445  1.00 13.36 ? 152 ILE A N     1 
ATOM   1078 C CA    . ILE B 2 116 ? 4.656   0.846   -2.448  1.00 13.49 ? 152 ILE A CA    1 
ATOM   1079 C C     . ILE B 2 116 ? 3.275   1.506   -2.441  1.00 14.24 ? 152 ILE A C     1 
ATOM   1080 O O     . ILE B 2 116 ? 2.385   1.100   -3.181  1.00 14.03 ? 152 ILE A O     1 
ATOM   1081 C CB    . ILE B 2 116 ? 4.803   -0.084  -1.241  1.00 11.87 ? 152 ILE A CB    1 
ATOM   1082 C CG1   . ILE B 2 116 ? 6.165   -0.788  -1.298  1.00 12.04 ? 152 ILE A CG1   1 
ATOM   1083 C CG2   . ILE B 2 116 ? 3.672   -1.101  -1.226  1.00 11.88 ? 152 ILE A CG2   1 
ATOM   1084 C CD1   . ILE B 2 116 ? 6.378   -1.646  -2.543  1.00 12.68 ? 152 ILE A CD1   1 
ATOM   1085 N N     . THR B 2 117 ? 3.100   2.520   -1.603  1.00 15.63 ? 153 THR A N     1 
ATOM   1086 C CA    . THR B 2 117 ? 1.844   3.263   -1.543  1.00 18.73 ? 153 THR A CA    1 
ATOM   1087 C C     . THR B 2 117 ? 2.150   4.692   -1.117  1.00 18.50 ? 153 THR A C     1 
ATOM   1088 O O     . THR B 2 117 ? 3.190   4.965   -0.524  1.00 17.62 ? 153 THR A O     1 
ATOM   1089 C CB    . THR B 2 117 ? 0.820   2.671   -0.519  1.00 19.92 ? 153 THR A CB    1 
ATOM   1090 O OG1   . THR B 2 117 ? 1.358   2.736   0.807   1.00 22.53 ? 153 THR A OG1   1 
ATOM   1091 C CG2   . THR B 2 117 ? 0.481   1.234   -0.863  1.00 20.97 ? 153 THR A CG2   1 
ATOM   1092 N N     . SER B 2 118 ? 1.242   5.602   -1.435  1.00 20.43 ? 154 SER A N     1 
ATOM   1093 C CA    . SER B 2 118 ? 1.389   7.001   -1.065  1.00 22.69 ? 154 SER A CA    1 
ATOM   1094 C C     . SER B 2 118 ? -0.021  7.555   -0.995  1.00 24.64 ? 154 SER A C     1 
ATOM   1095 O O     . SER B 2 118 ? -0.885  7.171   -1.784  1.00 23.36 ? 154 SER A O     1 
ATOM   1096 C CB    . SER B 2 118 ? 2.184   7.765   -2.116  1.00 22.77 ? 154 SER A CB    1 
ATOM   1097 O OG    . SER B 2 118 ? 1.412   7.927   -3.287  1.00 27.95 ? 154 SER A OG    1 
ATOM   1098 N N     . ARG B 2 119 ? -0.258  8.452   -0.051  1.00 25.74 ? 155 ARG A N     1 
ATOM   1099 C CA    . ARG B 2 119 ? -1.580  9.026   0.106   1.00 26.73 ? 155 ARG A CA    1 
ATOM   1100 C C     . ARG B 2 119 ? -1.534  10.394  0.760   1.00 25.81 ? 155 ARG A C     1 
ATOM   1101 O O     . ARG B 2 119 ? -0.739  10.640  1.668   1.00 23.61 ? 155 ARG A O     1 
ATOM   1102 C CB    . ARG B 2 119 ? -2.457  8.095   0.956   1.00 30.50 ? 155 ARG A CB    1 
ATOM   1103 C CG    . ARG B 2 119 ? -3.709  8.760   1.531   1.00 35.30 ? 155 ARG A CG    1 
ATOM   1104 C CD    . ARG B 2 119 ? -4.985  8.258   0.877   1.00 40.71 ? 155 ARG A CD    1 
ATOM   1105 N NE    . ARG B 2 119 ? -5.173  6.829   1.104   1.00 46.02 ? 155 ARG A NE    1 
ATOM   1106 C CZ    . ARG B 2 119 ? -5.228  6.271   2.310   1.00 47.95 ? 155 ARG A CZ    1 
ATOM   1107 N NH1   . ARG B 2 119 ? -5.113  7.027   3.391   1.00 49.80 ? 155 ARG A NH1   1 
ATOM   1108 N NH2   . ARG B 2 119 ? -5.390  4.959   2.438   1.00 47.17 ? 155 ARG A NH2   1 
ATOM   1109 N N     . ILE B 2 120 ? -2.402  11.277  0.282   1.00 25.28 ? 156 ILE A N     1 
ATOM   1110 C CA    . ILE B 2 120 ? -2.522  12.613  0.840   1.00 24.93 ? 156 ILE A CA    1 
ATOM   1111 C C     . ILE B 2 120 ? -3.880  12.636  1.543   1.00 25.11 ? 156 ILE A C     1 
ATOM   1112 O O     . ILE B 2 120 ? -4.923  12.461  0.906   1.00 25.64 ? 156 ILE A O     1 
ATOM   1113 C CB    . ILE B 2 120 ? -2.472  13.692  -0.260  1.00 24.94 ? 156 ILE A CB    1 
ATOM   1114 C CG1   . ILE B 2 120 ? -1.113  13.628  -0.965  1.00 26.65 ? 156 ILE A CG1   1 
ATOM   1115 C CG2   . ILE B 2 120 ? -2.708  15.075  0.350   1.00 24.77 ? 156 ILE A CG2   1 
ATOM   1116 C CD1   . ILE B 2 120 ? -0.872  14.721  -1.975  1.00 28.87 ? 156 ILE A CD1   1 
ATOM   1117 N N     . LEU B 2 121 ? -3.859  12.811  2.859   1.00 23.57 ? 157 LEU A N     1 
ATOM   1118 C CA    . LEU B 2 121 ? -5.089  12.847  3.625   1.00 25.42 ? 157 LEU A CA    1 
ATOM   1119 C C     . LEU B 2 121 ? -5.844  14.136  3.346   1.00 29.18 ? 157 LEU A C     1 
ATOM   1120 O O     . LEU B 2 121 ? -5.285  15.239  3.405   1.00 25.98 ? 157 LEU A O     1 
ATOM   1121 C CB    . LEU B 2 121 ? -4.798  12.708  5.118   1.00 25.46 ? 157 LEU A CB    1 
ATOM   1122 C CG    . LEU B 2 121 ? -4.103  11.406  5.518   1.00 26.61 ? 157 LEU A CG    1 
ATOM   1123 C CD1   . LEU B 2 121 ? -4.150  11.244  7.031   1.00 26.93 ? 157 LEU A CD1   1 
ATOM   1124 C CD2   . LEU B 2 121 ? -4.791  10.229  4.846   1.00 25.36 ? 157 LEU A CD2   1 
ATOM   1125 N N     . VAL B 2 122 ? -7.127  13.966  3.043   1.00 32.91 ? 158 VAL A N     1 
ATOM   1126 C CA    . VAL B 2 122 ? -8.032  15.053  2.711   1.00 36.27 ? 158 VAL A CA    1 
ATOM   1127 C C     . VAL B 2 122 ? -9.101  15.256  3.774   1.00 40.27 ? 158 VAL A C     1 
ATOM   1128 O O     . VAL B 2 122 ? -9.585  14.298  4.374   1.00 40.10 ? 158 VAL A O     1 
ATOM   1129 C CB    . VAL B 2 122 ? -8.701  14.768  1.362   1.00 34.54 ? 158 VAL A CB    1 
ATOM   1130 C CG1   . VAL B 2 122 ? -9.968  15.547  1.239   1.00 37.64 ? 158 VAL A CG1   1 
ATOM   1131 C CG2   . VAL B 2 122 ? -7.751  15.129  0.234   1.00 35.21 ? 158 VAL A CG2   1 
ATOM   1132 N N     . ASP B 2 123 ? -9.467  16.515  3.996   1.00 45.64 ? 159 ASP A N     1 
ATOM   1133 C CA    . ASP B 2 123 ? -10.480 16.865  4.987   1.00 50.39 ? 159 ASP A CA    1 
ATOM   1134 C C     . ASP B 2 123 ? -11.776 16.091  4.741   1.00 53.05 ? 159 ASP A C     1 
ATOM   1135 O O     . ASP B 2 123 ? -12.319 16.098  3.630   1.00 52.78 ? 159 ASP A O     1 
ATOM   1136 C CB    . ASP B 2 123 ? -10.768 18.367  4.936   1.00 52.51 ? 159 ASP A CB    1 
ATOM   1137 C CG    . ASP B 2 123 ? -11.644 18.830  6.082   1.00 55.14 ? 159 ASP A CG    1 
ATOM   1138 O OD1   . ASP B 2 123 ? -11.134 18.915  7.223   1.00 56.04 ? 159 ASP A OD1   1 
ATOM   1139 O OD2   . ASP B 2 123 ? -12.843 19.097  5.843   1.00 55.27 ? 159 ASP A OD2   1 
ATOM   1140 N N     . GLN B 2 124 ? -12.264 15.424  5.786   1.00 55.57 ? 160 GLN A N     1 
ATOM   1141 C CA    . GLN B 2 124 ? -13.495 14.640  5.703   1.00 57.74 ? 160 GLN A CA    1 
ATOM   1142 C C     . GLN B 2 124 ? -14.717 15.551  5.775   1.00 58.21 ? 160 GLN A C     1 
ATOM   1143 O O     . GLN B 2 124 ? -15.575 15.390  6.641   1.00 58.89 ? 160 GLN A O     1 
ATOM   1144 C CB    . GLN B 2 124 ? -13.542 13.614  6.839   1.00 59.37 ? 160 GLN A CB    1 
ATOM   1145 C CG    . GLN B 2 124 ? -12.403 12.595  6.812   1.00 61.35 ? 160 GLN A CG    1 
ATOM   1146 C CD    . GLN B 2 124 ? -12.515 11.611  5.656   1.00 62.08 ? 160 GLN A CD    1 
ATOM   1147 O OE1   . GLN B 2 124 ? -13.443 10.801  5.603   1.00 62.07 ? 160 GLN A OE1   1 
ATOM   1148 N NE2   . GLN B 2 124 ? -11.568 11.680  4.725   1.00 62.08 ? 160 GLN A NE2   1 
ATOM   1149 N N     . VAL B 2 125 ? -14.772 16.511  4.857   1.00 58.91 ? 161 VAL A N     1 
ATOM   1150 C CA    . VAL B 2 125 ? -15.860 17.480  4.763   1.00 58.67 ? 161 VAL A CA    1 
ATOM   1151 C C     . VAL B 2 125 ? -15.849 18.072  3.351   1.00 58.79 ? 161 VAL A C     1 
ATOM   1152 O O     . VAL B 2 125 ? -16.565 17.600  2.459   1.00 58.63 ? 161 VAL A O     1 
ATOM   1153 C CB    . VAL B 2 125 ? -15.682 18.647  5.777   1.00 58.75 ? 161 VAL A CB    1 
ATOM   1154 C CG1   . VAL B 2 125 ? -16.772 19.686  5.573   1.00 58.43 ? 161 VAL A CG1   1 
ATOM   1155 C CG2   . VAL B 2 125 ? -15.722 18.125  7.200   1.00 59.22 ? 161 VAL A CG2   1 
ATOM   1156 N N     . THR B 2 126 ? -15.012 19.096  3.160   1.00 57.55 ? 162 THR A N     1 
ATOM   1157 C CA    . THR B 2 126 ? -14.874 19.792  1.879   1.00 54.74 ? 162 THR A CA    1 
ATOM   1158 C C     . THR B 2 126 ? -14.001 19.037  0.887   1.00 52.58 ? 162 THR A C     1 
ATOM   1159 O O     . THR B 2 126 ? -14.096 19.253  -0.324  1.00 53.61 ? 162 THR A O     1 
ATOM   1160 C CB    . THR B 2 126 ? -14.243 21.172  2.062   1.00 54.17 ? 162 THR A CB    1 
ATOM   1161 O OG1   . THR B 2 126 ? -12.897 21.012  2.520   1.00 55.00 ? 162 THR A OG1   1 
ATOM   1162 C CG2   . THR B 2 126 ? -15.024 21.984  3.072   1.00 54.84 ? 162 THR A CG2   1 
ATOM   1163 N N     . GLY B 2 127 ? -13.140 18.165  1.398   1.00 48.85 ? 163 GLY A N     1 
ATOM   1164 C CA    . GLY B 2 127 ? -12.272 17.411  0.517   1.00 44.45 ? 163 GLY A CA    1 
ATOM   1165 C C     . GLY B 2 127 ? -10.988 18.158  0.213   1.00 41.16 ? 163 GLY A C     1 
ATOM   1166 O O     . GLY B 2 127 ? -10.355 17.933  -0.819  1.00 41.50 ? 163 GLY A O     1 
ATOM   1167 N N     . VAL B 2 128 ? -10.598 19.049  1.119   1.00 38.01 ? 164 VAL A N     1 
ATOM   1168 C CA    . VAL B 2 128 ? -9.379  19.825  0.940   1.00 33.53 ? 164 VAL A CA    1 
ATOM   1169 C C     . VAL B 2 128 ? -8.178  19.125  1.579   1.00 31.73 ? 164 VAL A C     1 
ATOM   1170 O O     . VAL B 2 128 ? -8.254  18.621  2.704   1.00 29.24 ? 164 VAL A O     1 
ATOM   1171 C CB    . VAL B 2 128 ? -9.524  21.251  1.544   1.00 33.23 ? 164 VAL A CB    1 
ATOM   1172 C CG1   . VAL B 2 128 ? -8.179  21.967  1.548   1.00 31.82 ? 164 VAL A CG1   1 
ATOM   1173 C CG2   . VAL B 2 128 ? -10.524 22.055  0.739   1.00 30.74 ? 164 VAL A CG2   1 
ATOM   1174 N N     . SER B 2 129 ? -7.072  19.090  0.845   1.00 29.37 ? 165 SER A N     1 
ATOM   1175 C CA    . SER B 2 129 ? -5.853  18.472  1.336   1.00 27.81 ? 165 SER A CA    1 
ATOM   1176 C C     . SER B 2 129 ? -5.523  19.015  2.716   1.00 27.91 ? 165 SER A C     1 
ATOM   1177 O O     . SER B 2 129 ? -5.761  20.183  3.006   1.00 28.14 ? 165 SER A O     1 
ATOM   1178 C CB    . SER B 2 129 ? -4.693  18.766  0.382   1.00 28.19 ? 165 SER A CB    1 
ATOM   1179 O OG    . SER B 2 129 ? -3.455  18.399  0.965   1.00 23.90 ? 165 SER A OG    1 
ATOM   1180 N N     . ARG B 2 130 ? -4.979  18.161  3.572   1.00 27.73 ? 166 ARG A N     1 
ATOM   1181 C CA    . ARG B 2 130 ? -4.610  18.580  4.914   1.00 28.33 ? 166 ARG A CA    1 
ATOM   1182 C C     . ARG B 2 130 ? -3.104  18.786  4.970   1.00 26.94 ? 166 ARG A C     1 
ATOM   1183 O O     . ARG B 2 130 ? -2.557  19.199  5.998   1.00 28.31 ? 166 ARG A O     1 
ATOM   1184 C CB    . ARG B 2 130 ? -5.039  17.521  5.927   1.00 30.22 ? 166 ARG A CB    1 
ATOM   1185 C CG    . ARG B 2 130 ? -6.543  17.378  6.053   1.00 32.60 ? 166 ARG A CG    1 
ATOM   1186 C CD    . ARG B 2 130 ? -6.912  16.019  6.608   1.00 34.46 ? 166 ARG A CD    1 
ATOM   1187 N NE    . ARG B 2 130 ? -6.095  15.663  7.763   1.00 37.20 ? 166 ARG A NE    1 
ATOM   1188 C CZ    . ARG B 2 130 ? -6.251  14.548  8.471   1.00 39.73 ? 166 ARG A CZ    1 
ATOM   1189 N NH1   . ARG B 2 130 ? -7.202  13.679  8.143   1.00 39.93 ? 166 ARG A NH1   1 
ATOM   1190 N NH2   . ARG B 2 130 ? -5.455  14.300  9.504   1.00 39.27 ? 166 ARG A NH2   1 
ATOM   1191 N N     . GLY B 2 131 ? -2.446  18.499  3.851   1.00 25.65 ? 167 GLY A N     1 
ATOM   1192 C CA    . GLY B 2 131 ? -1.004  18.652  3.779   1.00 26.37 ? 167 GLY A CA    1 
ATOM   1193 C C     . GLY B 2 131 ? -0.291  17.591  4.595   1.00 25.85 ? 167 GLY A C     1 
ATOM   1194 O O     . GLY B 2 131 ? 0.849   17.779  5.036   1.00 26.27 ? 167 GLY A O     1 
ATOM   1195 N N     . VAL B 2 132 ? -0.980  16.475  4.805   1.00 24.04 ? 168 VAL A N     1 
ATOM   1196 C CA    . VAL B 2 132 ? -0.433  15.363  5.562   1.00 22.41 ? 168 VAL A CA    1 
ATOM   1197 C C     . VAL B 2 132 ? -0.687  14.101  4.757   1.00 20.30 ? 168 VAL A C     1 
ATOM   1198 O O     . VAL B 2 132 ? -1.630  14.042  3.977   1.00 20.00 ? 168 VAL A O     1 
ATOM   1199 C CB    . VAL B 2 132 ? -1.115  15.227  6.937   1.00 23.91 ? 168 VAL A CB    1 
ATOM   1200 C CG1   . VAL B 2 132 ? -0.852  16.475  7.777   1.00 24.81 ? 168 VAL A CG1   1 
ATOM   1201 C CG2   . VAL B 2 132 ? -2.605  15.017  6.753   1.00 24.47 ? 168 VAL A CG2   1 
ATOM   1202 N N     . GLY B 2 133 ? 0.153   13.093  4.941   1.00 18.31 ? 169 GLY A N     1 
ATOM   1203 C CA    . GLY B 2 133 ? -0.038  11.866  4.196   1.00 17.42 ? 169 GLY A CA    1 
ATOM   1204 C C     . GLY B 2 133 ? 0.918   10.770  4.605   1.00 17.69 ? 169 GLY A C     1 
ATOM   1205 O O     . GLY B 2 133 ? 1.596   10.874  5.629   1.00 17.78 ? 169 GLY A O     1 
ATOM   1206 N N     . PHE B 2 134 ? 0.970   9.720   3.791   1.00 18.47 ? 170 PHE A N     1 
ATOM   1207 C CA    . PHE B 2 134 ? 1.834   8.570   4.049   1.00 17.84 ? 170 PHE A CA    1 
ATOM   1208 C C     . PHE B 2 134 ? 2.597   8.137   2.809   1.00 17.05 ? 170 PHE A C     1 
ATOM   1209 O O     . PHE B 2 134 ? 2.162   8.355   1.674   1.00 15.97 ? 170 PHE A O     1 
ATOM   1210 C CB    . PHE B 2 134 ? 1.003   7.377   4.522   1.00 18.41 ? 170 PHE A CB    1 
ATOM   1211 C CG    . PHE B 2 134 ? 0.366   7.566   5.870   1.00 18.72 ? 170 PHE A CG    1 
ATOM   1212 C CD1   . PHE B 2 134 ? 0.971   7.057   7.015   1.00 17.96 ? 170 PHE A CD1   1 
ATOM   1213 C CD2   . PHE B 2 134 ? -0.856  8.224   5.989   1.00 18.46 ? 170 PHE A CD2   1 
ATOM   1214 C CE1   . PHE B 2 134 ? 0.370   7.190   8.256   1.00 18.84 ? 170 PHE A CE1   1 
ATOM   1215 C CE2   . PHE B 2 134 ? -1.465  8.365   7.227   1.00 19.32 ? 170 PHE A CE2   1 
ATOM   1216 C CZ    . PHE B 2 134 ? -0.850  7.844   8.365   1.00 20.28 ? 170 PHE A CZ    1 
ATOM   1217 N N     . ILE B 2 135 ? 3.744   7.517   3.038   1.00 15.56 ? 171 ILE A N     1 
ATOM   1218 C CA    . ILE B 2 135 ? 4.560   6.989   1.956   1.00 14.76 ? 171 ILE A CA    1 
ATOM   1219 C C     . ILE B 2 135 ? 5.131   5.691   2.493   1.00 12.77 ? 171 ILE A C     1 
ATOM   1220 O O     . ILE B 2 135 ? 5.790   5.699   3.523   1.00 12.30 ? 171 ILE A O     1 
ATOM   1221 C CB    . ILE B 2 135 ? 5.757   7.905   1.599   1.00 17.44 ? 171 ILE A CB    1 
ATOM   1222 C CG1   . ILE B 2 135 ? 5.270   9.230   1.014   1.00 17.91 ? 171 ILE A CG1   1 
ATOM   1223 C CG2   . ILE B 2 135 ? 6.656   7.200   0.584   1.00 17.43 ? 171 ILE A CG2   1 
ATOM   1224 C CD1   . ILE B 2 135 ? 4.798   9.131   -0.428  1.00 19.29 ? 171 ILE A CD1   1 
ATOM   1225 N N     . ARG B 2 136 ? 4.850   4.577   1.828   1.00 12.72 ? 172 ARG A N     1 
ATOM   1226 C CA    . ARG B 2 136 ? 5.420   3.317   2.266   1.00 12.57 ? 172 ARG A CA    1 
ATOM   1227 C C     . ARG B 2 136 ? 6.378   2.899   1.179   1.00 14.31 ? 172 ARG A C     1 
ATOM   1228 O O     . ARG B 2 136 ? 5.981   2.736   0.024   1.00 13.82 ? 172 ARG A O     1 
ATOM   1229 C CB    . ARG B 2 136 ? 4.369   2.221   2.442   1.00 14.27 ? 172 ARG A CB    1 
ATOM   1230 C CG    . ARG B 2 136 ? 4.969   0.935   3.032   1.00 13.23 ? 172 ARG A CG    1 
ATOM   1231 C CD    . ARG B 2 136 ? 4.016   -0.239  2.986   1.00 15.49 ? 172 ARG A CD    1 
ATOM   1232 N NE    . ARG B 2 136 ? 2.832   -0.049  3.823   1.00 18.69 ? 172 ARG A NE    1 
ATOM   1233 C CZ    . ARG B 2 136 ? 2.790   -0.253  5.138   1.00 22.14 ? 172 ARG A CZ    1 
ATOM   1234 N NH1   . ARG B 2 136 ? 3.876   -0.662  5.788   1.00 21.69 ? 172 ARG A NH1   1 
ATOM   1235 N NH2   . ARG B 2 136 ? 1.659   -0.053  5.805   1.00 20.80 ? 172 ARG A NH2   1 
ATOM   1236 N N     . PHE B 2 137 ? 7.643   2.739   1.551   1.00 14.79 ? 173 PHE A N     1 
ATOM   1237 C CA    . PHE B 2 137 ? 8.680   2.325   0.614   1.00 14.87 ? 173 PHE A CA    1 
ATOM   1238 C C     . PHE B 2 137 ? 8.787   0.809   0.582   1.00 13.07 ? 173 PHE A C     1 
ATOM   1239 O O     . PHE B 2 137 ? 8.266   0.106   1.454   1.00 12.46 ? 173 PHE A O     1 
ATOM   1240 C CB    . PHE B 2 137 ? 10.038  2.886   1.037   1.00 15.20 ? 173 PHE A CB    1 
ATOM   1241 C CG    . PHE B 2 137 ? 10.267  4.317   0.638   1.00 15.48 ? 173 PHE A CG    1 
ATOM   1242 C CD1   . PHE B 2 137 ? 10.709  4.632   -0.643  1.00 12.18 ? 173 PHE A CD1   1 
ATOM   1243 C CD2   . PHE B 2 137 ? 10.061  5.351   1.556   1.00 14.82 ? 173 PHE A CD2   1 
ATOM   1244 C CE1   . PHE B 2 137 ? 10.944  5.947   -1.001  1.00 11.17 ? 173 PHE A CE1   1 
ATOM   1245 C CE2   . PHE B 2 137 ? 10.295  6.677   1.200   1.00 12.53 ? 173 PHE A CE2   1 
ATOM   1246 C CZ    . PHE B 2 137 ? 10.736  6.972   -0.076  1.00 12.21 ? 173 PHE A CZ    1 
ATOM   1247 N N     . ASP B 2 138 ? 9.492   0.320   -0.427  1.00 13.11 ? 174 ASP A N     1 
ATOM   1248 C CA    . ASP B 2 138 ? 9.728   -1.102  -0.585  1.00 13.54 ? 174 ASP A CA    1 
ATOM   1249 C C     . ASP B 2 138 ? 10.629  -1.562  0.575   1.00 15.26 ? 174 ASP A C     1 
ATOM   1250 O O     . ASP B 2 138 ? 10.288  -2.499  1.299   1.00 15.68 ? 174 ASP A O     1 
ATOM   1251 C CB    . ASP B 2 138 ? 10.422  -1.350  -1.929  1.00 13.33 ? 174 ASP A CB    1 
ATOM   1252 C CG    . ASP B 2 138 ? 10.788  -2.812  -2.154  1.00 13.84 ? 174 ASP A CG    1 
ATOM   1253 O OD1   . ASP B 2 138 ? 11.627  -3.060  -3.041  1.00 16.54 ? 174 ASP A OD1   1 
ATOM   1254 O OD2   . ASP B 2 138 ? 10.245  -3.703  -1.464  1.00 14.07 ? 174 ASP A OD2   1 
ATOM   1255 N N     . LYS B 2 139 ? 11.760  -0.879  0.765   1.00 14.84 ? 175 LYS A N     1 
ATOM   1256 C CA    . LYS B 2 139 ? 12.717  -1.245  1.812   1.00 14.51 ? 175 LYS A CA    1 
ATOM   1257 C C     . LYS B 2 139 ? 12.786  -0.235  2.953   1.00 15.46 ? 175 LYS A C     1 
ATOM   1258 O O     . LYS B 2 139 ? 12.689  0.971   2.736   1.00 16.12 ? 175 LYS A O     1 
ATOM   1259 C CB    . LYS B 2 139 ? 14.123  -1.382  1.220   1.00 14.93 ? 175 LYS A CB    1 
ATOM   1260 C CG    . LYS B 2 139 ? 14.218  -2.158  -0.085  1.00 17.78 ? 175 LYS A CG    1 
ATOM   1261 C CD    . LYS B 2 139 ? 13.941  -3.645  0.090   1.00 23.84 ? 175 LYS A CD    1 
ATOM   1262 C CE    . LYS B 2 139 ? 14.145  -4.388  -1.232  1.00 24.80 ? 175 LYS A CE    1 
ATOM   1263 N NZ    . LYS B 2 139 ? 14.239  -5.860  -1.052  1.00 26.38 ? 175 LYS A NZ    1 
ATOM   1264 N N     . ARG B 2 140 ? 12.975  -0.738  4.169   1.00 17.09 ? 176 ARG A N     1 
ATOM   1265 C CA    . ARG B 2 140 ? 13.089  0.123   5.342   1.00 16.66 ? 176 ARG A CA    1 
ATOM   1266 C C     . ARG B 2 140 ? 14.259  1.093   5.163   1.00 16.08 ? 176 ARG A C     1 
ATOM   1267 O O     . ARG B 2 140 ? 14.175  2.252   5.553   1.00 14.17 ? 176 ARG A O     1 
ATOM   1268 C CB    . ARG B 2 140 ? 13.292  -0.727  6.604   1.00 14.64 ? 176 ARG A CB    1 
ATOM   1269 C CG    . ARG B 2 140 ? 13.413  0.076   7.897   1.00 14.81 ? 176 ARG A CG    1 
ATOM   1270 C CD    . ARG B 2 140 ? 13.354  -0.817  9.139   1.00 14.22 ? 176 ARG A CD    1 
ATOM   1271 N NE    . ARG B 2 140 ? 14.437  -1.798  9.183   1.00 15.73 ? 176 ARG A NE    1 
ATOM   1272 C CZ    . ARG B 2 140 ? 14.313  -3.078  8.839   1.00 14.40 ? 176 ARG A CZ    1 
ATOM   1273 N NH1   . ARG B 2 140 ? 13.146  -3.552  8.427   1.00 16.56 ? 176 ARG A NH1   1 
ATOM   1274 N NH2   . ARG B 2 140 ? 15.360  -3.890  8.905   1.00 13.25 ? 176 ARG A NH2   1 
ATOM   1275 N N     . ILE B 2 141 ? 15.342  0.621   4.555   1.00 17.91 ? 177 ILE A N     1 
ATOM   1276 C CA    . ILE B 2 141 ? 16.513  1.468   4.346   1.00 19.98 ? 177 ILE A CA    1 
ATOM   1277 C C     . ILE B 2 141 ? 16.188  2.688   3.487   1.00 19.04 ? 177 ILE A C     1 
ATOM   1278 O O     . ILE B 2 141 ? 16.726  3.771   3.708   1.00 18.34 ? 177 ILE A O     1 
ATOM   1279 C CB    . ILE B 2 141 ? 17.676  0.691   3.682   1.00 22.02 ? 177 ILE A CB    1 
ATOM   1280 C CG1   . ILE B 2 141 ? 18.001  -0.564  4.494   1.00 23.58 ? 177 ILE A CG1   1 
ATOM   1281 C CG2   . ILE B 2 141 ? 18.916  1.580   3.617   1.00 23.15 ? 177 ILE A CG2   1 
ATOM   1282 C CD1   . ILE B 2 141 ? 19.156  -1.387  3.934   1.00 23.95 ? 177 ILE A CD1   1 
ATOM   1283 N N     . GLU B 2 142 ? 15.311  2.509   2.505   1.00 19.14 ? 178 GLU A N     1 
ATOM   1284 C CA    . GLU B 2 142 ? 14.917  3.607   1.629   1.00 16.77 ? 178 GLU A CA    1 
ATOM   1285 C C     . GLU B 2 142 ? 14.130  4.649   2.417   1.00 16.56 ? 178 GLU A C     1 
ATOM   1286 O O     . GLU B 2 142 ? 14.235  5.844   2.149   1.00 16.58 ? 178 GLU A O     1 
ATOM   1287 C CB    . GLU B 2 142 ? 14.063  3.089   0.472   1.00 17.22 ? 178 GLU A CB    1 
ATOM   1288 C CG    . GLU B 2 142 ? 14.743  2.034   -0.373  1.00 17.67 ? 178 GLU A CG    1 
ATOM   1289 C CD    . GLU B 2 142 ? 13.804  1.416   -1.388  1.00 21.77 ? 178 GLU A CD    1 
ATOM   1290 O OE1   . GLU B 2 142 ? 12.635  1.122   -1.030  1.00 16.37 ? 178 GLU A OE1   1 
ATOM   1291 O OE2   . GLU B 2 142 ? 14.237  1.207   -2.542  1.00 27.69 ? 178 GLU A OE2   1 
ATOM   1292 N N     . ALA B 2 143 ? 13.337  4.199   3.385   1.00 15.17 ? 179 ALA A N     1 
ATOM   1293 C CA    . ALA B 2 143 ? 12.556  5.121   4.206   1.00 13.83 ? 179 ALA A CA    1 
ATOM   1294 C C     . ALA B 2 143 ? 13.498  5.895   5.119   1.00 14.75 ? 179 ALA A C     1 
ATOM   1295 O O     . ALA B 2 143 ? 13.262  7.060   5.413   1.00 14.57 ? 179 ALA A O     1 
ATOM   1296 C CB    . ALA B 2 143 ? 11.536  4.360   5.030   1.00 11.24 ? 179 ALA A CB    1 
ATOM   1297 N N     . GLU B 2 144 ? 14.564  5.240   5.571   1.00 17.97 ? 180 GLU A N     1 
ATOM   1298 C CA    . GLU B 2 144 ? 15.557  5.884   6.438   1.00 20.43 ? 180 GLU A CA    1 
ATOM   1299 C C     . GLU B 2 144 ? 16.207  7.032   5.661   1.00 21.20 ? 180 GLU A C     1 
ATOM   1300 O O     . GLU B 2 144 ? 16.340  8.144   6.176   1.00 20.68 ? 180 GLU A O     1 
ATOM   1301 C CB    . GLU B 2 144 ? 16.640  4.881   6.865   1.00 24.14 ? 180 GLU A CB    1 
ATOM   1302 C CG    . GLU B 2 144 ? 16.109  3.575   7.455   1.00 30.86 ? 180 GLU A CG    1 
ATOM   1303 C CD    . GLU B 2 144 ? 16.175  3.518   8.973   1.00 35.98 ? 180 GLU A CD    1 
ATOM   1304 O OE1   . GLU B 2 144 ? 15.796  4.512   9.630   1.00 39.76 ? 180 GLU A OE1   1 
ATOM   1305 O OE2   . GLU B 2 144 ? 16.595  2.468   9.513   1.00 36.25 ? 180 GLU A OE2   1 
ATOM   1306 N N     . GLU B 2 145 ? 16.604  6.750   4.420   1.00 21.41 ? 181 GLU A N     1 
ATOM   1307 C CA    . GLU B 2 145 ? 17.237  7.748   3.549   1.00 24.26 ? 181 GLU A CA    1 
ATOM   1308 C C     . GLU B 2 145 ? 16.297  8.914   3.228   1.00 23.49 ? 181 GLU A C     1 
ATOM   1309 O O     . GLU B 2 145 ? 16.743  10.053  3.084   1.00 23.74 ? 181 GLU A O     1 
ATOM   1310 C CB    . GLU B 2 145 ? 17.711  7.103   2.236   1.00 25.43 ? 181 GLU A CB    1 
ATOM   1311 C CG    . GLU B 2 145 ? 18.868  6.114   2.374   1.00 30.62 ? 181 GLU A CG    1 
ATOM   1312 C CD    . GLU B 2 145 ? 20.155  6.767   2.860   1.00 34.49 ? 181 GLU A CD    1 
ATOM   1313 O OE1   . GLU B 2 145 ? 20.662  7.688   2.185   1.00 37.95 ? 181 GLU A OE1   1 
ATOM   1314 O OE2   . GLU B 2 145 ? 20.665  6.357   3.923   1.00 35.96 ? 181 GLU A OE2   1 
ATOM   1315 N N     . ALA B 2 146 ? 15.003  8.626   3.104   1.00 22.14 ? 182 ALA A N     1 
ATOM   1316 C CA    . ALA B 2 146 ? 14.007  9.661   2.811   1.00 22.92 ? 182 ALA A CA    1 
ATOM   1317 C C     . ALA B 2 146 ? 13.825  10.593  4.007   1.00 23.29 ? 182 ALA A C     1 
ATOM   1318 O O     . ALA B 2 146 ? 13.587  11.790  3.838   1.00 23.05 ? 182 ALA A O     1 
ATOM   1319 C CB    . ALA B 2 146 ? 12.667  9.030   2.439   1.00 18.44 ? 182 ALA A CB    1 
ATOM   1320 N N     . ILE B 2 147 ? 13.923  10.046  5.215   1.00 23.95 ? 183 ILE A N     1 
ATOM   1321 C CA    . ILE B 2 147 ? 13.781  10.868  6.406   1.00 24.74 ? 183 ILE A CA    1 
ATOM   1322 C C     . ILE B 2 147 ? 14.970  11.821  6.476   1.00 27.40 ? 183 ILE A C     1 
ATOM   1323 O O     . ILE B 2 147 ? 14.797  13.035  6.579   1.00 27.98 ? 183 ILE A O     1 
ATOM   1324 C CB    . ILE B 2 147 ? 13.735  10.012  7.689   1.00 22.91 ? 183 ILE A CB    1 
ATOM   1325 C CG1   . ILE B 2 147 ? 12.452  9.179   7.706   1.00 21.52 ? 183 ILE A CG1   1 
ATOM   1326 C CG2   . ILE B 2 147 ? 13.785  10.906  8.908   1.00 22.83 ? 183 ILE A CG2   1 
ATOM   1327 C CD1   . ILE B 2 147 ? 12.292  8.319   8.924   1.00 20.61 ? 183 ILE A CD1   1 
ATOM   1328 N N     . LYS B 2 148 ? 16.176  11.264  6.405   1.00 28.29 ? 184 LYS A N     1 
ATOM   1329 C CA    . LYS B 2 148 ? 17.389  12.068  6.458   1.00 29.79 ? 184 LYS A CA    1 
ATOM   1330 C C     . LYS B 2 148 ? 17.361  13.120  5.357   1.00 29.71 ? 184 LYS A C     1 
ATOM   1331 O O     . LYS B 2 148 ? 17.686  14.284  5.590   1.00 32.38 ? 184 LYS A O     1 
ATOM   1332 C CB    . LYS B 2 148 ? 18.633  11.191  6.267   1.00 33.50 ? 184 LYS A CB    1 
ATOM   1333 C CG    . LYS B 2 148 ? 18.685  9.943   7.141   1.00 37.27 ? 184 LYS A CG    1 
ATOM   1334 C CD    . LYS B 2 148 ? 18.676  10.278  8.627   1.00 39.39 ? 184 LYS A CD    1 
ATOM   1335 C CE    . LYS B 2 148 ? 18.528  9.015   9.465   1.00 40.41 ? 184 LYS A CE    1 
ATOM   1336 N NZ    . LYS B 2 148 ? 17.255  8.297   9.143   1.00 39.05 ? 184 LYS A NZ    1 
ATOM   1337 N N     . GLY B 2 149 ? 16.962  12.709  4.159   1.00 26.18 ? 185 GLY A N     1 
ATOM   1338 C CA    . GLY B 2 149 ? 16.929  13.630  3.039   1.00 25.46 ? 185 GLY A CA    1 
ATOM   1339 C C     . GLY B 2 149 ? 15.816  14.662  2.954   1.00 26.40 ? 185 GLY A C     1 
ATOM   1340 O O     . GLY B 2 149 ? 16.039  15.756  2.436   1.00 26.46 ? 185 GLY A O     1 
ATOM   1341 N N     . LEU B 2 150 ? 14.627  14.344  3.462   1.00 26.29 ? 186 LEU A N     1 
ATOM   1342 C CA    . LEU B 2 150 ? 13.499  15.269  3.363   1.00 25.11 ? 186 LEU A CA    1 
ATOM   1343 C C     . LEU B 2 150 ? 12.956  15.869  4.654   1.00 26.65 ? 186 LEU A C     1 
ATOM   1344 O O     . LEU B 2 150 ? 12.302  16.908  4.618   1.00 27.68 ? 186 LEU A O     1 
ATOM   1345 C CB    . LEU B 2 150 ? 12.351  14.589  2.612   1.00 22.63 ? 186 LEU A CB    1 
ATOM   1346 C CG    . LEU B 2 150 ? 12.646  14.211  1.155   1.00 24.06 ? 186 LEU A CG    1 
ATOM   1347 C CD1   . LEU B 2 150 ? 11.537  13.325  0.617   1.00 24.19 ? 186 LEU A CD1   1 
ATOM   1348 C CD2   . LEU B 2 150 ? 12.798  15.468  0.310   1.00 24.54 ? 186 LEU A CD2   1 
ATOM   1349 N N     . ASN B 2 151 ? 13.204  15.231  5.792   1.00 27.93 ? 187 ASN A N     1 
ATOM   1350 C CA    . ASN B 2 151 ? 12.691  15.763  7.051   1.00 29.25 ? 187 ASN A CA    1 
ATOM   1351 C C     . ASN B 2 151 ? 13.270  17.156  7.318   1.00 31.28 ? 187 ASN A C     1 
ATOM   1352 O O     . ASN B 2 151 ? 14.490  17.335  7.376   1.00 30.71 ? 187 ASN A O     1 
ATOM   1353 C CB    . ASN B 2 151 ? 13.017  14.802  8.206   1.00 27.77 ? 187 ASN A CB    1 
ATOM   1354 C CG    . ASN B 2 151 ? 12.466  15.278  9.545   1.00 26.56 ? 187 ASN A CG    1 
ATOM   1355 O OD1   . ASN B 2 151 ? 11.344  15.778  9.635   1.00 23.23 ? 187 ASN A OD1   1 
ATOM   1356 N ND2   . ASN B 2 151 ? 13.255  15.107  10.594  1.00 25.71 ? 187 ASN A ND2   1 
ATOM   1357 N N     . GLY B 2 152 ? 12.383  18.139  7.450   1.00 32.78 ? 188 GLY A N     1 
ATOM   1358 C CA    . GLY B 2 152 ? 12.806  19.504  7.712   1.00 34.69 ? 188 GLY A CA    1 
ATOM   1359 C C     . GLY B 2 152 ? 13.205  20.298  6.481   1.00 36.71 ? 188 GLY A C     1 
ATOM   1360 O O     . GLY B 2 152 ? 13.619  21.450  6.597   1.00 36.80 ? 188 GLY A O     1 
ATOM   1361 N N     . GLN B 2 153 ? 13.072  19.696  5.303   1.00 38.54 ? 189 GLN A N     1 
ATOM   1362 C CA    . GLN B 2 153 ? 13.432  20.360  4.051   1.00 41.05 ? 189 GLN A CA    1 
ATOM   1363 C C     . GLN B 2 153 ? 12.228  20.988  3.353   1.00 42.85 ? 189 GLN A C     1 
ATOM   1364 O O     . GLN B 2 153 ? 11.084  20.624  3.621   1.00 42.31 ? 189 GLN A O     1 
ATOM   1365 C CB    . GLN B 2 153 ? 14.095  19.360  3.100   1.00 42.42 ? 189 GLN A CB    1 
ATOM   1366 C CG    . GLN B 2 153 ? 15.336  18.680  3.666   1.00 45.15 ? 189 GLN A CG    1 
ATOM   1367 C CD    . GLN B 2 153 ? 16.441  19.665  4.005   1.00 46.54 ? 189 GLN A CD    1 
ATOM   1368 O OE1   . GLN B 2 153 ? 16.843  20.472  3.166   1.00 47.59 ? 189 GLN A OE1   1 
ATOM   1369 N NE2   . GLN B 2 153 ? 16.942  19.598  5.236   1.00 46.43 ? 189 GLN A NE2   1 
ATOM   1370 N N     . LYS B 2 154 ? 12.497  21.931  2.450   1.00 45.98 ? 190 LYS A N     1 
ATOM   1371 C CA    . LYS B 2 154 ? 11.444  22.607  1.697   1.00 47.25 ? 190 LYS A CA    1 
ATOM   1372 C C     . LYS B 2 154 ? 11.409  22.126  0.252   1.00 48.33 ? 190 LYS A C     1 
ATOM   1373 O O     . LYS B 2 154 ? 12.319  22.414  -0.529  1.00 48.56 ? 190 LYS A O     1 
ATOM   1374 C CB    . LYS B 2 154 ? 11.647  24.128  1.706   1.00 47.47 ? 190 LYS A CB    1 
ATOM   1375 C CG    . LYS B 2 154 ? 11.397  24.795  3.049   1.00 49.30 ? 190 LYS A CG    1 
ATOM   1376 C CD    . LYS B 2 154 ? 11.194  26.306  2.904   1.00 52.32 ? 190 LYS A CD    1 
ATOM   1377 C CE    . LYS B 2 154 ? 12.422  27.009  2.333   1.00 53.94 ? 190 LYS A CE    1 
ATOM   1378 N NZ    . LYS B 2 154 ? 12.217  28.487  2.201   1.00 53.39 ? 190 LYS A NZ    1 
ATOM   1379 N N     . PRO B 2 155 ? 10.352  21.387  -0.125  1.00 49.34 ? 191 PRO A N     1 
ATOM   1380 C CA    . PRO B 2 155 ? 10.224  20.879  -1.494  1.00 51.09 ? 191 PRO A CA    1 
ATOM   1381 C C     . PRO B 2 155 ? 10.019  22.020  -2.488  1.00 53.21 ? 191 PRO A C     1 
ATOM   1382 O O     . PRO B 2 155 ? 9.077   22.803  -2.359  1.00 54.20 ? 191 PRO A O     1 
ATOM   1383 C CB    . PRO B 2 155 ? 9.015   19.953  -1.403  1.00 49.30 ? 191 PRO A CB    1 
ATOM   1384 C CG    . PRO B 2 155 ? 8.176   20.614  -0.368  1.00 48.31 ? 191 PRO A CG    1 
ATOM   1385 C CD    . PRO B 2 155 ? 9.183   21.003  0.686   1.00 47.57 ? 191 PRO A CD    1 
ATOM   1386 N N     . SER B 2 156 ? 10.918  22.102  -3.466  1.00 55.12 ? 192 SER A N     1 
ATOM   1387 C CA    . SER B 2 156 ? 10.892  23.129  -4.510  1.00 55.49 ? 192 SER A CA    1 
ATOM   1388 C C     . SER B 2 156 ? 9.583   23.911  -4.630  1.00 54.94 ? 192 SER A C     1 
ATOM   1389 O O     . SER B 2 156 ? 8.544   23.354  -4.983  1.00 55.37 ? 192 SER A O     1 
ATOM   1390 C CB    . SER B 2 156 ? 11.229  22.490  -5.861  1.00 56.34 ? 192 SER A CB    1 
ATOM   1391 O OG    . SER B 2 156 ? 10.391  21.378  -6.125  1.00 56.98 ? 192 SER A OG    1 
ATOM   1392 N N     . GLY B 2 157 ? 9.645   25.207  -4.336  1.00 54.38 ? 193 GLY A N     1 
ATOM   1393 C CA    . GLY B 2 157 ? 8.459   26.041  -4.426  1.00 52.68 ? 193 GLY A CA    1 
ATOM   1394 C C     . GLY B 2 157 ? 7.703   26.145  -3.117  1.00 52.30 ? 193 GLY A C     1 
ATOM   1395 O O     . GLY B 2 157 ? 6.873   27.038  -2.941  1.00 52.52 ? 193 GLY A O     1 
ATOM   1396 N N     . ALA B 2 158 ? 7.987   25.229  -2.196  1.00 51.00 ? 194 ALA A N     1 
ATOM   1397 C CA    . ALA B 2 158 ? 7.327   25.226  -0.896  1.00 48.97 ? 194 ALA A CA    1 
ATOM   1398 C C     . ALA B 2 158 ? 7.894   26.318  -0.006  1.00 47.90 ? 194 ALA A C     1 
ATOM   1399 O O     . ALA B 2 158 ? 9.111   26.467  0.122   1.00 47.22 ? 194 ALA A O     1 
ATOM   1400 C CB    . ALA B 2 158 ? 7.493   23.873  -0.224  1.00 48.77 ? 194 ALA A CB    1 
ATOM   1401 N N     . THR B 2 159 ? 7.002   27.082  0.609   1.00 47.07 ? 195 THR A N     1 
ATOM   1402 C CA    . THR B 2 159 ? 7.409   28.160  1.496   1.00 46.36 ? 195 THR A CA    1 
ATOM   1403 C C     . THR B 2 159 ? 7.686   27.599  2.891   1.00 45.72 ? 195 THR A C     1 
ATOM   1404 O O     . THR B 2 159 ? 8.422   28.196  3.681   1.00 45.63 ? 195 THR A O     1 
ATOM   1405 C CB    . THR B 2 159 ? 6.312   29.239  1.585   1.00 46.26 ? 195 THR A CB    1 
ATOM   1406 O OG1   . THR B 2 159 ? 5.133   28.675  2.167   1.00 48.28 ? 195 THR A OG1   1 
ATOM   1407 C CG2   . THR B 2 159 ? 5.969   29.766  0.200   1.00 46.12 ? 195 THR A CG2   1 
ATOM   1408 N N     . GLU B 2 160 ? 7.099   26.441  3.181   1.00 44.40 ? 196 GLU A N     1 
ATOM   1409 C CA    . GLU B 2 160 ? 7.271   25.792  4.475   1.00 42.43 ? 196 GLU A CA    1 
ATOM   1410 C C     . GLU B 2 160 ? 7.943   24.423  4.347   1.00 39.88 ? 196 GLU A C     1 
ATOM   1411 O O     . GLU B 2 160 ? 7.814   23.749  3.325   1.00 39.38 ? 196 GLU A O     1 
ATOM   1412 C CB    . GLU B 2 160 ? 5.912   25.633  5.156   1.00 45.24 ? 196 GLU A CB    1 
ATOM   1413 C CG    . GLU B 2 160 ? 5.169   26.941  5.367   1.00 49.69 ? 196 GLU A CG    1 
ATOM   1414 C CD    . GLU B 2 160 ? 6.008   27.971  6.101   1.00 52.83 ? 196 GLU A CD    1 
ATOM   1415 O OE1   . GLU B 2 160 ? 6.575   27.638  7.164   1.00 54.95 ? 196 GLU A OE1   1 
ATOM   1416 O OE2   . GLU B 2 160 ? 6.098   29.120  5.618   1.00 56.33 ? 196 GLU A OE2   1 
ATOM   1417 N N     . PRO B 2 161 ? 8.677   24.001  5.390   1.00 37.49 ? 197 PRO A N     1 
ATOM   1418 C CA    . PRO B 2 161 ? 9.382   22.715  5.422   1.00 36.03 ? 197 PRO A CA    1 
ATOM   1419 C C     . PRO B 2 161 ? 8.464   21.567  5.832   1.00 34.68 ? 197 PRO A C     1 
ATOM   1420 O O     . PRO B 2 161 ? 7.543   21.757  6.629   1.00 34.39 ? 197 PRO A O     1 
ATOM   1421 C CB    . PRO B 2 161 ? 10.471  22.958  6.451   1.00 36.42 ? 197 PRO A CB    1 
ATOM   1422 C CG    . PRO B 2 161 ? 9.753   23.800  7.454   1.00 38.11 ? 197 PRO A CG    1 
ATOM   1423 C CD    . PRO B 2 161 ? 8.997   24.797  6.588   1.00 37.26 ? 197 PRO A CD    1 
ATOM   1424 N N     . ILE B 2 162 ? 8.717   20.376  5.301   1.00 32.25 ? 198 ILE A N     1 
ATOM   1425 C CA    . ILE B 2 162 ? 7.884   19.232  5.645   1.00 30.24 ? 198 ILE A CA    1 
ATOM   1426 C C     . ILE B 2 162 ? 8.525   18.363  6.725   1.00 28.98 ? 198 ILE A C     1 
ATOM   1427 O O     . ILE B 2 162 ? 9.737   18.412  6.946   1.00 27.68 ? 198 ILE A O     1 
ATOM   1428 C CB    . ILE B 2 162 ? 7.581   18.356  4.399   1.00 31.18 ? 198 ILE A CB    1 
ATOM   1429 C CG1   . ILE B 2 162 ? 8.848   17.641  3.927   1.00 29.28 ? 198 ILE A CG1   1 
ATOM   1430 C CG2   . ILE B 2 162 ? 7.030   19.227  3.273   1.00 28.42 ? 198 ILE A CG2   1 
ATOM   1431 C CD1   . ILE B 2 162 ? 8.597   16.633  2.835   1.00 27.04 ? 198 ILE A CD1   1 
ATOM   1432 N N     . THR B 2 163 ? 7.698   17.574  7.401   1.00 28.05 ? 199 THR A N     1 
ATOM   1433 C CA    . THR B 2 163 ? 8.171   16.683  8.452   1.00 27.71 ? 199 THR A CA    1 
ATOM   1434 C C     . THR B 2 163 ? 8.008   15.242  7.986   1.00 24.96 ? 199 THR A C     1 
ATOM   1435 O O     . THR B 2 163 ? 6.953   14.862  7.486   1.00 23.78 ? 199 THR A O     1 
ATOM   1436 C CB    . THR B 2 163 ? 7.367   16.880  9.756   1.00 31.20 ? 199 THR A CB    1 
ATOM   1437 O OG1   . THR B 2 163 ? 7.464   18.247  10.176  1.00 33.93 ? 199 THR A OG1   1 
ATOM   1438 C CG2   . THR B 2 163 ? 7.909   15.973  10.862  1.00 31.11 ? 199 THR A CG2   1 
ATOM   1439 N N     . VAL B 2 164 ? 9.060   14.448  8.152   1.00 24.14 ? 200 VAL A N     1 
ATOM   1440 C CA    . VAL B 2 164 ? 9.040   13.048  7.744   1.00 21.83 ? 200 VAL A CA    1 
ATOM   1441 C C     . VAL B 2 164 ? 9.502   12.156  8.887   1.00 22.89 ? 200 VAL A C     1 
ATOM   1442 O O     . VAL B 2 164 ? 10.618  12.307  9.391   1.00 23.53 ? 200 VAL A O     1 
ATOM   1443 C CB    . VAL B 2 164 ? 9.964   12.817  6.542   1.00 20.57 ? 200 VAL A CB    1 
ATOM   1444 C CG1   . VAL B 2 164 ? 9.799   11.396  6.019   1.00 21.05 ? 200 VAL A CG1   1 
ATOM   1445 C CG2   . VAL B 2 164 ? 9.661   13.835  5.462   1.00 20.06 ? 200 VAL A CG2   1 
ATOM   1446 N N     . LYS B 2 165 ? 8.641   11.226  9.289   1.00 22.07 ? 201 LYS A N     1 
ATOM   1447 C CA    . LYS B 2 165 ? 8.946   10.299  10.378  1.00 21.06 ? 201 LYS A CA    1 
ATOM   1448 C C     . LYS B 2 165 ? 8.311   8.939   10.109  1.00 19.23 ? 201 LYS A C     1 
ATOM   1449 O O     . LYS B 2 165 ? 7.386   8.835   9.306   1.00 18.47 ? 201 LYS A O     1 
ATOM   1450 C CB    . LYS B 2 165 ? 8.400   10.847  11.705  1.00 22.35 ? 201 LYS A CB    1 
ATOM   1451 C CG    . LYS B 2 165 ? 6.894   11.085  11.692  1.00 23.72 ? 201 LYS A CG    1 
ATOM   1452 C CD    . LYS B 2 165 ? 6.358   11.612  13.017  1.00 26.41 ? 201 LYS A CD    1 
ATOM   1453 C CE    . LYS B 2 165 ? 6.224   10.500  14.042  1.00 29.57 ? 201 LYS A CE    1 
ATOM   1454 N NZ    . LYS B 2 165 ? 5.340   9.410   13.535  1.00 30.87 ? 201 LYS A NZ    1 
ATOM   1455 N N     . PHE B 2 166 ? 8.804   7.901   10.780  1.00 20.27 ? 202 PHE A N     1 
ATOM   1456 C CA    . PHE B 2 166 ? 8.229   6.565   10.624  1.00 21.87 ? 202 PHE A CA    1 
ATOM   1457 C C     . PHE B 2 166 ? 6.815   6.625   11.189  1.00 24.10 ? 202 PHE A C     1 
ATOM   1458 O O     . PHE B 2 166 ? 6.603   7.207   12.250  1.00 25.48 ? 202 PHE A O     1 
ATOM   1459 C CB    . PHE B 2 166 ? 9.042   5.519   11.397  1.00 21.30 ? 202 PHE A CB    1 
ATOM   1460 C CG    . PHE B 2 166 ? 10.315  5.115   10.711  1.00 21.69 ? 202 PHE A CG    1 
ATOM   1461 C CD1   . PHE B 2 166 ? 11.544  5.541   11.185  1.00 20.42 ? 202 PHE A CD1   1 
ATOM   1462 C CD2   . PHE B 2 166 ? 10.277  4.328   9.564   1.00 21.06 ? 202 PHE A CD2   1 
ATOM   1463 C CE1   . PHE B 2 166 ? 12.720  5.192   10.528  1.00 22.07 ? 202 PHE A CE1   1 
ATOM   1464 C CE2   . PHE B 2 166 ? 11.445  3.972   8.898   1.00 20.52 ? 202 PHE A CE2   1 
ATOM   1465 C CZ    . PHE B 2 166 ? 12.671  4.406   9.380   1.00 22.01 ? 202 PHE A CZ    1 
ATOM   1466 N N     . ALA B 2 167 ? 5.855   6.036   10.478  1.00 25.54 ? 203 ALA A N     1 
ATOM   1467 C CA    . ALA B 2 167 ? 4.454   6.031   10.906  1.00 28.59 ? 203 ALA A CA    1 
ATOM   1468 C C     . ALA B 2 167 ? 4.301   5.627   12.369  1.00 32.16 ? 203 ALA A C     1 
ATOM   1469 O O     . ALA B 2 167 ? 3.599   6.358   13.112  1.00 33.77 ? 203 ALA A O     1 
ATOM   1470 C CB    . ALA B 2 167 ? 3.636   5.094   10.026  1.00 26.44 ? 203 ALA A CB    1 
ATOM   1471 O OXT   . ALA B 2 167 ? 4.877   4.581   12.745  1.00 32.03 ? 203 ALA A OXT   1 
HETATM 1472 O O     . HOH C 3 .   ? 2.438   -3.985  -3.182  1.00 10.83 ? 12  HOH B O     1 
HETATM 1473 O O     . HOH C 3 .   ? -4.196  -3.809  3.516   1.00 14.93 ? 13  HOH B O     1 
HETATM 1474 O O     . HOH C 3 .   ? -2.444  1.859   3.828   1.00 21.70 ? 14  HOH B O     1 
HETATM 1475 O O     . HOH C 3 .   ? 6.301   -13.430 -0.152  1.00 19.79 ? 15  HOH B O     1 
HETATM 1476 O O     . HOH C 3 .   ? 5.638   -3.186  8.068   1.00 22.02 ? 16  HOH B O     1 
HETATM 1477 O O     . HOH C 3 .   ? -0.514  -12.584 11.475  1.00 19.98 ? 17  HOH B O     1 
HETATM 1478 O O     . HOH C 3 .   ? -1.438  -5.291  10.068  1.00 29.00 ? 18  HOH B O     1 
HETATM 1479 O O     . HOH C 3 .   ? -5.861  -2.003  5.525   1.00 25.40 ? 19  HOH B O     1 
HETATM 1480 O O     . HOH C 3 .   ? 0.121   -19.129 2.631   1.00 34.40 ? 20  HOH B O     1 
HETATM 1481 O O     . HOH C 3 .   ? -10.380 6.838   7.634   1.00 31.56 ? 21  HOH B O     1 
HETATM 1482 O O     . HOH C 3 .   ? 6.334   -15.758 5.765   1.00 36.46 ? 22  HOH B O     1 
HETATM 1483 O O     . HOH C 3 .   ? -3.204  -15.553 9.808   1.00 29.83 ? 23  HOH B O     1 
HETATM 1484 O O     . HOH C 3 .   ? -2.613  -16.593 12.588  1.00 38.63 ? 24  HOH B O     1 
HETATM 1485 O O     . HOH C 3 .   ? 4.928   -6.970  9.944   1.00 37.06 ? 25  HOH B O     1 
HETATM 1486 O O     . HOH C 3 .   ? -9.486  4.126   -2.161  1.00 37.43 ? 26  HOH B O     1 
HETATM 1487 O O     . HOH C 3 .   ? -1.155  4.802   2.129   1.00 35.87 ? 27  HOH B O     1 
HETATM 1488 O O     . HOH C 3 .   ? -4.066  2.333   -3.123  1.00 35.53 ? 28  HOH B O     1 
HETATM 1489 O O     . HOH C 3 .   ? 0.447   4.394   12.228  1.00 41.16 ? 29  HOH B O     1 
HETATM 1490 O O     . HOH C 3 .   ? 2.827   12.469  14.424  1.00 28.95 ? 30  HOH B O     1 
HETATM 1491 O O     . HOH C 3 .   ? -11.233 3.775   10.880  1.00 41.75 ? 31  HOH B O     1 
HETATM 1492 O O     . HOH C 3 .   ? 6.267   -17.055 0.170   1.00 44.55 ? 32  HOH B O     1 
HETATM 1493 O O     . HOH C 3 .   ? 0.304   2.237   10.702  1.00 37.26 ? 33  HOH B O     1 
HETATM 1494 O O     . HOH D 3 .   ? -1.770  -5.244  -2.931  1.00 7.71  ? 204 HOH A O     1 
HETATM 1495 O O     . HOH D 3 .   ? 4.094   -5.987  -2.764  1.00 9.67  ? 205 HOH A O     1 
HETATM 1496 O O     . HOH D 3 .   ? 1.321   -16.838 -0.308  1.00 15.50 ? 206 HOH A O     1 
HETATM 1497 O O     . HOH D 3 .   ? 4.874   -0.273  -5.874  1.00 15.63 ? 207 HOH A O     1 
HETATM 1498 O O     . HOH D 3 .   ? 0.757   3.848   4.327   1.00 13.76 ? 208 HOH A O     1 
HETATM 1499 O O     . HOH D 3 .   ? 2.743   -13.170 -13.233 1.00 16.17 ? 209 HOH A O     1 
HETATM 1500 O O     . HOH D 3 .   ? 7.391   -2.099  2.336   1.00 14.91 ? 210 HOH A O     1 
HETATM 1501 O O     . HOH D 3 .   ? -3.341  -20.876 -11.736 1.00 19.17 ? 211 HOH A O     1 
HETATM 1502 O O     . HOH D 3 .   ? 15.546  -2.408  4.355   1.00 19.29 ? 212 HOH A O     1 
HETATM 1503 O O     . HOH D 3 .   ? -7.091  -0.244  -4.697  1.00 20.22 ? 213 HOH A O     1 
HETATM 1504 O O     . HOH D 3 .   ? -11.758 -9.814  19.407  1.00 20.48 ? 214 HOH A O     1 
HETATM 1505 O O     . HOH D 3 .   ? -0.579  4.260   -3.531  1.00 17.77 ? 215 HOH A O     1 
HETATM 1506 O O     . HOH D 3 .   ? -3.934  10.307  -2.144  1.00 20.29 ? 216 HOH A O     1 
HETATM 1507 O O     . HOH D 3 .   ? 13.624  -1.076  -3.790  1.00 19.38 ? 217 HOH A O     1 
HETATM 1508 O O     . HOH D 3 .   ? 11.283  -6.260  -1.606  1.00 18.76 ? 218 HOH A O     1 
HETATM 1509 O O     . HOH D 3 .   ? 6.324   -1.626  5.350   1.00 17.94 ? 219 HOH A O     1 
HETATM 1510 O O     . HOH D 3 .   ? 6.371   -13.790 -2.634  1.00 19.25 ? 220 HOH A O     1 
HETATM 1511 O O     . HOH D 3 .   ? 11.721  -8.491  -0.520  1.00 20.40 ? 221 HOH A O     1 
HETATM 1512 O O     . HOH D 3 .   ? -11.417 -12.353 18.797  1.00 22.59 ? 222 HOH A O     1 
HETATM 1513 O O     . HOH D 3 .   ? -5.605  -4.113  -12.927 1.00 19.47 ? 223 HOH A O     1 
HETATM 1514 O O     . HOH D 3 .   ? -7.554  -19.111 -15.974 1.00 25.57 ? 224 HOH A O     1 
HETATM 1515 O O     . HOH D 3 .   ? 6.773   1.995   9.265   1.00 22.43 ? 225 HOH A O     1 
HETATM 1516 O O     . HOH D 3 .   ? 2.625   -1.745  -4.785  1.00 23.37 ? 226 HOH A O     1 
HETATM 1517 O O     . HOH D 3 .   ? -11.882 -12.004 -13.234 1.00 22.55 ? 227 HOH A O     1 
HETATM 1518 O O     . HOH D 3 .   ? -0.803  -7.660  -14.379 1.00 25.58 ? 228 HOH A O     1 
HETATM 1519 O O     . HOH D 3 .   ? 11.532  -4.333  -5.371  1.00 29.80 ? 229 HOH A O     1 
HETATM 1520 O O     . HOH D 3 .   ? -14.147 -3.119  6.413   1.00 18.67 ? 230 HOH A O     1 
HETATM 1521 O O     . HOH D 3 .   ? -12.815 1.119   -8.113  1.00 17.28 ? 231 HOH A O     1 
HETATM 1522 O O     . HOH D 3 .   ? -16.449 -14.008 -2.834  1.00 26.53 ? 232 HOH A O     1 
HETATM 1523 O O     . HOH D 3 .   ? -1.258  18.486  -0.161  1.00 25.44 ? 233 HOH A O     1 
HETATM 1524 O O     . HOH D 3 .   ? 0.531   -7.108  9.587   1.00 23.33 ? 234 HOH A O     1 
HETATM 1525 O O     . HOH D 3 .   ? -11.221 -9.762  5.659   1.00 25.64 ? 235 HOH A O     1 
HETATM 1526 O O     . HOH D 3 .   ? -4.779  -16.135 13.675  1.00 22.17 ? 236 HOH A O     1 
HETATM 1527 O O     . HOH D 3 .   ? -12.960 2.695   -1.087  1.00 24.57 ? 237 HOH A O     1 
HETATM 1528 O O     . HOH D 3 .   ? -5.231  -0.117  -6.652  1.00 26.75 ? 238 HOH A O     1 
HETATM 1529 O O     . HOH D 3 .   ? 8.455   4.339   -7.256  1.00 26.52 ? 239 HOH A O     1 
HETATM 1530 O O     . HOH D 3 .   ? 17.210  -3.772  2.033   1.00 21.82 ? 240 HOH A O     1 
HETATM 1531 O O     . HOH D 3 .   ? 2.448   -21.913 -7.560  1.00 20.81 ? 241 HOH A O     1 
HETATM 1532 O O     . HOH D 3 .   ? -16.587 -9.082  1.285   1.00 27.09 ? 242 HOH A O     1 
HETATM 1533 O O     . HOH D 3 .   ? -3.205  -9.357  19.351  1.00 23.59 ? 243 HOH A O     1 
HETATM 1534 O O     . HOH D 3 .   ? 11.605  8.915   12.106  1.00 34.46 ? 244 HOH A O     1 
HETATM 1535 O O     . HOH D 3 .   ? -7.112  20.294  -2.318  1.00 30.39 ? 245 HOH A O     1 
HETATM 1536 O O     . HOH D 3 .   ? -10.284 -22.203 -9.241  1.00 32.88 ? 246 HOH A O     1 
HETATM 1537 O O     . HOH D 3 .   ? -0.641  -10.868 14.817  1.00 22.42 ? 247 HOH A O     1 
HETATM 1538 O O     . HOH D 3 .   ? -13.561 -21.551 -3.277  1.00 30.29 ? 248 HOH A O     1 
HETATM 1539 O O     . HOH D 3 .   ? -8.636  -22.863 -7.490  1.00 25.85 ? 249 HOH A O     1 
HETATM 1540 O O     . HOH D 3 .   ? -0.752  -18.127 0.051   1.00 29.00 ? 250 HOH A O     1 
HETATM 1541 O O     . HOH D 3 .   ? -12.435 -10.551 11.234  1.00 21.69 ? 251 HOH A O     1 
HETATM 1542 O O     . HOH D 3 .   ? -17.957 -5.424  -6.344  1.00 24.98 ? 252 HOH A O     1 
HETATM 1543 O O     . HOH D 3 .   ? 9.812   -8.434  -5.994  1.00 34.49 ? 253 HOH A O     1 
HETATM 1544 O O     . HOH D 3 .   ? -8.495  11.509  3.195   1.00 29.42 ? 254 HOH A O     1 
HETATM 1545 O O     . HOH D 3 .   ? -16.470 0.804   -2.072  1.00 29.44 ? 255 HOH A O     1 
HETATM 1546 O O     . HOH D 3 .   ? -6.833  21.637  4.843   1.00 28.13 ? 256 HOH A O     1 
HETATM 1547 O O     . HOH D 3 .   ? -4.667  -22.735 1.030   1.00 29.49 ? 257 HOH A O     1 
HETATM 1548 O O     . HOH D 3 .   ? -2.202  12.977  -8.219  1.00 28.47 ? 258 HOH A O     1 
HETATM 1549 O O     . HOH D 3 .   ? -8.607  -6.744  12.955  1.00 30.99 ? 259 HOH A O     1 
HETATM 1550 O O     . HOH D 3 .   ? 4.528   9.929   -9.146  1.00 38.83 ? 260 HOH A O     1 
HETATM 1551 O O     . HOH D 3 .   ? -12.858 2.992   -6.131  1.00 31.42 ? 261 HOH A O     1 
HETATM 1552 O O     . HOH D 3 .   ? -3.542  -4.569  6.927   1.00 37.37 ? 262 HOH A O     1 
HETATM 1553 O O     . HOH D 3 .   ? -8.260  -2.917  5.183   1.00 31.36 ? 263 HOH A O     1 
HETATM 1554 O O     . HOH D 3 .   ? -1.071  1.769   -3.963  1.00 28.21 ? 264 HOH A O     1 
HETATM 1555 O O     . HOH D 3 .   ? 9.842   -9.460  -11.158 1.00 25.75 ? 265 HOH A O     1 
HETATM 1556 O O     . HOH D 3 .   ? -3.233  -13.275 -18.334 1.00 28.23 ? 266 HOH A O     1 
HETATM 1557 O O     . HOH D 3 .   ? -3.058  22.986  8.261   1.00 32.38 ? 267 HOH A O     1 
HETATM 1558 O O     . HOH D 3 .   ? 5.814   -21.665 -10.306 1.00 37.29 ? 268 HOH A O     1 
HETATM 1559 O O     . HOH D 3 .   ? 14.232  5.519   -7.175  1.00 31.36 ? 269 HOH A O     1 
HETATM 1560 O O     . HOH D 3 .   ? 5.587   22.251  1.998   1.00 36.87 ? 270 HOH A O     1 
HETATM 1561 O O     . HOH D 3 .   ? 12.016  5.947   -9.950  1.00 44.07 ? 271 HOH A O     1 
HETATM 1562 O O     . HOH D 3 .   ? -3.534  5.480   -1.092  1.00 39.38 ? 272 HOH A O     1 
HETATM 1563 O O     . HOH D 3 .   ? 2.246   2.120   -6.133  1.00 29.15 ? 273 HOH A O     1 
HETATM 1564 O O     . HOH D 3 .   ? -6.288  -10.043 -18.046 1.00 27.89 ? 274 HOH A O     1 
HETATM 1565 O O     . HOH D 3 .   ? 3.121   1.752   9.963   1.00 33.39 ? 275 HOH A O     1 
HETATM 1566 O O     . HOH D 3 .   ? -5.792  13.559  -2.035  1.00 33.02 ? 276 HOH A O     1 
HETATM 1567 O O     . HOH D 3 .   ? 3.749   18.790  -11.257 1.00 50.53 ? 277 HOH A O     1 
HETATM 1568 O O     . HOH D 3 .   ? 8.325   7.839   14.849  1.00 45.73 ? 278 HOH A O     1 
HETATM 1569 O O     . HOH D 3 .   ? -7.210  1.121   -8.146  1.00 35.00 ? 279 HOH A O     1 
HETATM 1570 O O     . HOH D 3 .   ? 9.064   -9.661  6.910   1.00 36.70 ? 280 HOH A O     1 
HETATM 1571 O O     . HOH D 3 .   ? 6.527   6.327   -7.870  1.00 27.85 ? 281 HOH A O     1 
HETATM 1572 O O     . HOH D 3 .   ? -3.734  13.891  -5.482  1.00 27.07 ? 282 HOH A O     1 
HETATM 1573 O O     . HOH D 3 .   ? -14.241 -20.796 -0.598  1.00 31.13 ? 283 HOH A O     1 
HETATM 1574 O O     . HOH D 3 .   ? -13.065 -7.536  13.788  1.00 32.16 ? 284 HOH A O     1 
HETATM 1575 O O     . HOH D 3 .   ? -17.540 -18.868 -0.007  1.00 40.79 ? 285 HOH A O     1 
HETATM 1576 O O     . HOH D 3 .   ? 2.315   -13.962 -16.662 1.00 44.78 ? 286 HOH A O     1 
HETATM 1577 O O     . HOH D 3 .   ? -19.550 -8.543  -1.985  1.00 31.52 ? 287 HOH A O     1 
HETATM 1578 O O     . HOH D 3 .   ? 14.205  -1.824  -9.664  1.00 35.11 ? 288 HOH A O     1 
HETATM 1579 O O     . HOH D 3 .   ? -3.318  -27.765 -1.501  1.00 33.96 ? 289 HOH A O     1 
HETATM 1580 O O     . HOH D 3 .   ? -20.113 -4.581  -1.892  1.00 43.60 ? 290 HOH A O     1 
HETATM 1581 O O     . HOH D 3 .   ? 10.200  16.831  -6.480  1.00 30.39 ? 291 HOH A O     1 
HETATM 1582 O O     . HOH D 3 .   ? 10.990  18.192  11.061  1.00 34.77 ? 292 HOH A O     1 
HETATM 1583 O O     . HOH D 3 .   ? -11.304 -13.580 -15.170 1.00 30.14 ? 293 HOH A O     1 
HETATM 1584 O O     . HOH D 3 .   ? 0.070   20.146  6.778   1.00 34.95 ? 294 HOH A O     1 
HETATM 1585 O O     . HOH D 3 .   ? 16.647  5.216   12.315  1.00 53.51 ? 295 HOH A O     1 
HETATM 1586 O O     . HOH D 3 .   ? 3.570   -18.507 -0.632  1.00 32.68 ? 296 HOH A O     1 
HETATM 1587 O O     . HOH D 3 .   ? -1.286  -5.305  -17.105 1.00 31.06 ? 297 HOH A O     1 
HETATM 1588 O O     . HOH D 3 .   ? 7.312   20.658  9.052   1.00 38.01 ? 298 HOH A O     1 
HETATM 1589 O O     . HOH D 3 .   ? -3.175  -6.882  19.310  1.00 48.60 ? 299 HOH A O     1 
HETATM 1590 O O     . HOH D 3 .   ? 10.883  4.566   -7.961  1.00 40.99 ? 300 HOH A O     1 
HETATM 1591 O O     . HOH D 3 .   ? -9.868  -22.593 -5.072  1.00 34.23 ? 301 HOH A O     1 
HETATM 1592 O O     . HOH D 3 .   ? 4.560   -11.944 -15.121 1.00 46.47 ? 302 HOH A O     1 
HETATM 1593 O O     . HOH D 3 .   ? 3.708   20.424  9.571   1.00 39.15 ? 303 HOH A O     1 
HETATM 1594 O O     . HOH D 3 .   ? 6.276   -19.910 -12.808 1.00 34.44 ? 304 HOH A O     1 
HETATM 1595 O O     . HOH D 3 .   ? -4.321  17.485  -3.552  1.00 45.50 ? 305 HOH A O     1 
HETATM 1596 O O     . HOH D 3 .   ? -16.408 -10.967 -3.307  1.00 35.18 ? 306 HOH A O     1 
HETATM 1597 O O     . HOH D 3 .   ? -12.374 19.095  10.083  1.00 51.64 ? 307 HOH A O     1 
HETATM 1598 O O     . HOH D 3 .   ? -20.999 -15.711 3.240   1.00 54.25 ? 308 HOH A O     1 
HETATM 1599 O O     . HOH D 3 .   ? -3.912  -25.347 -0.315  1.00 42.63 ? 309 HOH A O     1 
HETATM 1600 O O     . HOH D 3 .   ? -17.084 -14.885 -5.232  1.00 39.59 ? 310 HOH A O     1 
HETATM 1601 O O     . HOH D 3 .   ? -1.096  -7.443  -18.998 1.00 41.39 ? 311 HOH A O     1 
HETATM 1602 O O     . HOH D 3 .   ? 16.378  -8.039  1.069   1.00 42.34 ? 312 HOH A O     1 
HETATM 1603 O O     . HOH D 3 .   ? 12.320  14.901  -7.512  1.00 46.28 ? 313 HOH A O     1 
HETATM 1604 O O     . HOH D 3 .   ? 5.064   -12.492 -6.605  1.00 14.24 ? 314 HOH A O     1 
HETATM 1605 O O     . HOH D 3 .   ? 5.662   -15.232 -6.888  1.00 19.91 ? 315 HOH A O     1 
HETATM 1606 O O     . HOH D 3 .   ? 7.173   -16.873 -4.829  1.00 31.91 ? 316 HOH A O     1 
HETATM 1607 O O     . HOH D 3 .   ? 16.858  0.208   8.466   1.00 46.75 ? 317 HOH A O     1 
HETATM 1608 O O     . HOH D 3 .   ? 9.685   -14.039 -6.042  1.00 28.39 ? 318 HOH A O     1 
HETATM 1609 O O     . HOH D 3 .   ? -7.662  -21.485 -16.678 1.00 10.92 ? 319 HOH A O     1 
HETATM 1610 O O     . HOH D 3 .   ? -13.404 -13.189 -11.614 1.00 32.38 ? 320 HOH A O     1 
HETATM 1611 O O     . HOH D 3 .   ? -6.276  -1.192  -12.119 1.00 27.27 ? 321 HOH A O     1 
HETATM 1612 O O     . HOH D 3 .   ? 4.612   24.922  1.341   1.00 31.34 ? 322 HOH A O     1 
HETATM 1613 O O     . HOH D 3 .   ? 10.639  13.772  13.307  1.00 34.14 ? 323 HOH A O     1 
HETATM 1614 O O     . HOH D 3 .   ? -9.069  13.317  -2.064  1.00 40.37 ? 324 HOH A O     1 
HETATM 1615 O O     . HOH D 3 .   ? 8.939   4.952   16.339  1.00 44.89 ? 325 HOH A O     1 
HETATM 1616 O O     . HOH D 3 .   ? -14.575 -18.285 -13.448 1.00 46.00 ? 326 HOH A O     1 
HETATM 1617 O O     . HOH D 3 .   ? -9.750  -23.651 -11.219 1.00 29.67 ? 327 HOH A O     1 
HETATM 1618 O O     . HOH D 3 .   ? -14.401 -19.434 -6.990  1.00 37.97 ? 328 HOH A O     1 
HETATM 1619 O O     . HOH D 3 .   ? 6.597   -4.929  11.014  1.00 44.57 ? 329 HOH A O     1 
HETATM 1620 O O     . HOH D 3 .   ? 2.540   8.547   -8.226  1.00 41.48 ? 330 HOH A O     1 
HETATM 1621 O O     . HOH D 3 .   ? -11.285 -20.295 -14.186 1.00 37.81 ? 331 HOH A O     1 
HETATM 1622 O O     . HOH D 3 .   ? 3.141   -25.761 -10.144 1.00 26.29 ? 332 HOH A O     1 
HETATM 1623 O O     . HOH D 3 .   ? 5.909   13.920  9.922   1.00 31.64 ? 333 HOH A O     1 
HETATM 1624 O O     . HOH D 3 .   ? 3.444   -23.168 -9.945  1.00 36.99 ? 334 HOH A O     1 
HETATM 1625 O O     . HOH D 3 .   ? -6.225  -20.527 -18.446 1.00 32.51 ? 335 HOH A O     1 
HETATM 1626 O O     . HOH D 3 .   ? 11.466  -6.927  -4.506  1.00 21.85 ? 336 HOH A O     1 
HETATM 1627 O O     . HOH D 3 .   ? -5.248  -21.533 -15.359 1.00 40.91 ? 337 HOH A O     1 
HETATM 1628 O O     . HOH D 3 .   ? 8.791   17.408  -11.652 1.00 40.99 ? 338 HOH A O     1 
HETATM 1629 O O     . HOH D 3 .   ? -3.498  -18.427 -19.204 1.00 48.89 ? 339 HOH A O     1 
HETATM 1630 O O     . HOH D 3 .   ? 10.943  -11.110 -6.582  1.00 35.30 ? 340 HOH A O     1 
HETATM 1631 O O     . HOH D 3 .   ? 2.245   5.762   -9.039  1.00 36.11 ? 341 HOH A O     1 
HETATM 1632 O O     . HOH D 3 .   ? -2.300  -14.893 -19.909 1.00 46.60 ? 342 HOH A O     1 
HETATM 1633 O O     . HOH D 3 .   ? -5.560  -6.636  18.301  1.00 32.35 ? 343 HOH A O     1 
HETATM 1634 O O     . HOH D 3 .   ? 7.017   9.090   -8.791  1.00 35.09 ? 344 HOH A O     1 
HETATM 1635 O O     . HOH D 3 .   ? -7.121  -24.131 -16.197 1.00 47.76 ? 345 HOH A O     1 
HETATM 1636 O O     . HOH D 3 .   ? 19.190  -5.364  2.764   1.00 45.36 ? 346 HOH A O     1 
HETATM 1637 O O     . HOH D 3 .   ? -7.872  -3.052  -12.268 1.00 35.00 ? 347 HOH A O     1 
HETATM 1638 O O     . HOH D 3 .   ? 2.693   21.635  -4.609  1.00 44.93 ? 348 HOH A O     1 
HETATM 1639 O O     . HOH D 3 .   ? 0.797   22.258  5.346   1.00 33.57 ? 349 HOH A O     1 
HETATM 1640 O O     . HOH D 3 .   ? 19.371  10.543  2.696   1.00 25.99 ? 350 HOH A O     1 
HETATM 1641 O O     . HOH D 3 .   ? -9.720  -6.780  17.509  1.00 32.17 ? 351 HOH A O     1 
HETATM 1642 O O     . HOH D 3 .   ? -3.508  -20.054 -17.412 1.00 46.22 ? 352 HOH A O     1 
HETATM 1643 O O     . HOH D 3 .   ? 10.790  8.068   14.367  1.00 38.46 ? 353 HOH A O     1 
HETATM 1644 O O     . HOH D 3 .   ? -16.848 -14.270 -8.501  1.00 41.87 ? 354 HOH A O     1 
HETATM 1645 O O     . HOH D 3 .   ? -2.209  -17.245 19.803  1.00 30.73 ? 355 HOH A O     1 
HETATM 1646 O O     . HOH D 3 .   ? -1.742  -7.252  14.558  1.00 46.94 ? 356 HOH A O     1 
HETATM 1647 O O     . HOH D 3 .   ? -13.204 -13.092 12.126  1.00 33.51 ? 357 HOH A O     1 
HETATM 1648 O O     . HOH D 3 .   ? 13.629  0.858   -7.602  1.00 33.32 ? 358 HOH A O     1 
HETATM 1649 O O     . HOH D 3 .   ? 9.270   14.876  -11.429 1.00 48.78 ? 359 HOH A O     1 
HETATM 1650 O O     . HOH D 3 .   ? 7.452   16.589  -6.578  1.00 39.29 ? 360 HOH A O     1 
HETATM 1651 O O     . HOH D 3 .   ? 1.375   4.509   -5.243  1.00 39.42 ? 361 HOH A O     1 
HETATM 1652 O O     . HOH D 3 .   ? -17.388 -9.964  -0.860  1.00 37.75 ? 362 HOH A O     1 
HETATM 1653 O O     . HOH D 3 .   ? -15.847 -20.547 -4.467  1.00 40.21 ? 363 HOH A O     1 
HETATM 1654 O O     . HOH D 3 .   ? -18.707 -16.873 -1.289  1.00 42.06 ? 364 HOH A O     1 
HETATM 1655 O O     . HOH D 3 .   ? 2.161   -19.972 -17.878 1.00 48.48 ? 365 HOH A O     1 
HETATM 1656 O O     . HOH D 3 .   ? -11.854 22.432  4.137   1.00 40.62 ? 366 HOH A O     1 
HETATM 1657 O O     . HOH D 3 .   ? 13.692  -1.831  -6.715  1.00 40.06 ? 367 HOH A O     1 
HETATM 1658 O O     . HOH D 3 .   ? 12.187  18.983  -3.254  1.00 38.11 ? 368 HOH A O     1 
HETATM 1659 O O     . HOH D 3 .   ? -8.087  -8.008  15.805  1.00 55.23 ? 369 HOH A O     1 
HETATM 1660 O O     . HOH D 3 .   ? -4.986  -6.752  15.329  1.00 40.57 ? 370 HOH A O     1 
HETATM 1661 O O     . HOH D 3 .   ? -3.747  2.023   -6.267  1.00 35.85 ? 371 HOH A O     1 
HETATM 1662 O O     . HOH D 3 .   ? -9.032  -25.417 -0.251  1.00 41.37 ? 372 HOH A O     1 
HETATM 1663 O O     . HOH D 3 .   ? 5.476   2.467   11.601  1.00 46.54 ? 373 HOH A O     1 
HETATM 1664 O O     . HOH D 3 .   ? 7.797   18.873  -4.450  1.00 41.69 ? 374 HOH A O     1 
HETATM 1665 O O     . HOH D 3 .   ? -6.268  21.219  7.232   1.00 45.31 ? 375 HOH A O     1 
HETATM 1666 O O     . HOH D 3 .   ? 0.532   -10.690 9.941   1.00 42.74 ? 376 HOH A O     1 
HETATM 1667 O O     . HOH D 3 .   ? -11.548 -3.288  10.959  1.00 44.12 ? 377 HOH A O     1 
HETATM 1668 O O     . HOH D 3 .   ? 0.777   1.348   3.219   1.00 23.90 ? 378 HOH A O     1 
HETATM 1669 O O     . HOH D 3 .   ? 11.737  11.867  11.818  1.00 30.58 ? 379 HOH A O     1 
HETATM 1670 O O     . HOH D 3 .   ? 5.916   22.720  -3.732  1.00 47.75 ? 380 HOH A O     1 
HETATM 1671 O O     . HOH D 3 .   ? -18.310 -3.524  5.711   1.00 18.69 ? 381 HOH A O     1 
HETATM 1672 O O     . HOH D 3 .   ? -9.747  -4.232  -13.925 1.00 32.34 ? 382 HOH A O     1 
HETATM 1673 O O     . HOH D 3 .   ? 12.776  -14.802 4.934   1.00 52.86 ? 383 HOH A O     1 
HETATM 1674 O O     . HOH D 3 .   ? -6.909  10.654  0.520   1.00 44.81 ? 384 HOH A O     1 
HETATM 1675 O O     . HOH D 3 .   ? -4.858  -17.373 8.637   1.00 42.44 ? 385 HOH A O     1 
HETATM 1676 O O     . HOH D 3 .   ? -10.787 -12.476 -17.618 1.00 39.01 ? 386 HOH A O     1 
HETATM 1677 O O     . HOH D 3 .   ? 7.685   -23.844 -9.484  1.00 45.25 ? 387 HOH A O     1 
HETATM 1678 O O     . HOH D 3 .   ? 12.135  15.945  13.543  1.00 43.44 ? 388 HOH A O     1 
HETATM 1679 O O     . HOH D 3 .   ? 20.755  13.022  2.897   1.00 37.84 ? 389 HOH A O     1 
HETATM 1680 O O     . HOH D 3 .   ? -0.868  10.071  -14.096 1.00 39.92 ? 390 HOH A O     1 
HETATM 1681 O O     . HOH D 3 .   ? 5.711   -10.237 -13.367 1.00 35.83 ? 391 HOH A O     1 
HETATM 1682 O O     . HOH D 3 .   ? -8.864  -22.819 -18.260 1.00 36.03 ? 392 HOH A O     1 
HETATM 1683 O O     . HOH D 3 .   ? 9.346   -14.907 0.246   1.00 42.71 ? 393 HOH A O     1 
HETATM 1684 O O     . HOH D 3 .   ? 6.322   -25.975 -10.619 1.00 40.94 ? 394 HOH A O     1 
HETATM 1685 O O     . HOH D 3 .   ? 15.588  7.092   10.412  1.00 44.26 ? 395 HOH A O     1 
HETATM 1686 O O     . HOH D 3 .   ? 2.234   -26.728 -7.898  1.00 46.45 ? 396 HOH A O     1 
HETATM 1687 O O     . HOH D 3 .   ? 3.858   -17.932 -18.002 1.00 35.73 ? 397 HOH A O     1 
HETATM 1688 O O     . HOH D 3 .   ? 5.500   -18.145 -2.521  1.00 40.87 ? 398 HOH A O     1 
HETATM 1689 O O     . HOH D 3 .   ? -3.573  -7.282  -19.791 1.00 43.09 ? 399 HOH A O     1 
HETATM 1690 O O     . HOH D 3 .   ? -8.301  17.766  -3.558  1.00 40.71 ? 400 HOH A O     1 
# 
